data_5FR8
#
_entry.id   5FR8
#
_cell.length_a   99.090
_cell.length_b   99.090
_cell.length_c   504.370
_cell.angle_alpha   90.00
_cell.angle_beta   90.00
_cell.angle_gamma   120.00
#
_symmetry.space_group_name_H-M   'P 32 2 1'
#
loop_
_entity.id
_entity.type
_entity.pdbx_description
1 polymer 'TONB-DEPENDENT SIDEROPHORE RECEPTOR'
2 non-polymer (HYDROXYETHYLOXY)TRI(ETHYLOXY)OCTANE
3 water water
#
_entity_poly.entity_id   1
_entity_poly.type   'polypeptide(L)'
_entity_poly.pdbx_seq_one_letter_code
;GAMAQNEQEQAEQTLEKPAEPVKLETIFVTAEEQVKQSLGVSVITKEDLEKLPVRNDISDYVRRMPGVNLTGNSATGQRG
NNRQIDIRGMGPENTLILVDGKPINSRNSVRYGWKGERDTRGDSNWVPAEAIESIEVLRGPAAARYGSGAAGGVVNIITK
KVTNETHGSVEFYTSQPEDSKEGSSNRVGFNVSGPLIKDVLSYRLYGNYNKTEADDVDINKSIGSTAAGREGVKNKDISG
RLAWQATDQQTVLLDISSSKQGNIYSGDSQLNANAEADAILSQLIGKETNTMYRDSYALTHEGDWSWGKSKLVAQYDKTH
NKRLPEGLAGSVEGKINNLDDKATSRLETLRFNGEANIPFEYYLPQVLTVGTEWVEDRFKDNVSTTQGKDSSGSGYGDQL
AKGDRSKMESRIASAYIEDNLKVTDSTDVVLGLRFDDHSKSGSNWSPSLNITQKLNDYFTLKGGVAKAYKAPNMYQNAEG
YLLSTNGNGCPANIESRCLLQGNGDLKPETSVNKELGIQFQKDIVNASLTWFRNDYKDKIVAGTHVVGTVDGSSTNANTG
AVTNTKWNILRWENTPKALIQGFEGSLGLDFGDIRWTNNFTYMMDSKDKQTGNPLSLVPIYTINSIFDYDITDQLDVNFV
FTQYGRQKSRQFAENRLESGIGSGGANSALKPSTVKSYSTAGINVGYKFSDQISTRVGVSNLFDKQILRDSNSISQTYNE
PGRAYYASLKYSF
;
_entity_poly.pdbx_strand_id   A,B
#
loop_
_chem_comp.id
_chem_comp.type
_chem_comp.name
_chem_comp.formula
C8E non-polymer (HYDROXYETHYLOXY)TRI(ETHYLOXY)OCTANE 'C16 H34 O5'
#
# COMPACT_ATOMS: atom_id res chain seq x y z
N ILE A 27 43.58 17.39 -23.35
CA ILE A 27 43.19 18.14 -22.12
C ILE A 27 42.02 17.44 -21.40
N PHE A 28 41.84 17.81 -20.14
CA PHE A 28 40.94 17.08 -19.24
C PHE A 28 39.44 17.24 -19.53
N VAL A 29 38.65 16.29 -19.03
CA VAL A 29 37.21 16.29 -19.26
C VAL A 29 36.44 16.14 -17.96
N THR A 30 35.68 17.18 -17.62
CA THR A 30 34.93 17.26 -16.37
C THR A 30 33.73 16.28 -16.43
N ALA A 31 33.15 16.01 -15.26
CA ALA A 31 31.91 15.26 -15.19
C ALA A 31 30.83 15.89 -16.06
N GLU A 32 30.64 17.21 -15.94
CA GLU A 32 29.56 17.89 -16.68
C GLU A 32 29.68 17.59 -18.15
N GLU A 33 30.89 17.77 -18.69
CA GLU A 33 31.17 17.47 -20.11
C GLU A 33 30.86 16.05 -20.47
N GLN A 34 31.21 15.13 -19.58
CA GLN A 34 31.10 13.69 -19.88
C GLN A 34 29.63 13.32 -20.04
N VAL A 35 28.79 13.69 -19.07
CA VAL A 35 27.37 13.33 -19.14
C VAL A 35 26.63 13.98 -20.32
N LYS A 36 27.30 14.86 -21.06
CA LYS A 36 26.74 15.37 -22.31
C LYS A 36 27.04 14.39 -23.42
N GLN A 37 27.70 13.31 -23.07
CA GLN A 37 27.79 12.16 -23.97
C GLN A 37 26.69 11.12 -23.68
N SER A 38 25.80 11.40 -22.74
CA SER A 38 24.74 10.45 -22.37
C SER A 38 23.77 10.25 -23.50
N LEU A 39 23.02 9.15 -23.43
CA LEU A 39 22.04 8.84 -24.45
C LEU A 39 20.91 9.89 -24.47
N GLY A 40 20.45 10.30 -23.30
CA GLY A 40 19.38 11.27 -23.18
C GLY A 40 19.85 12.70 -23.41
N VAL A 41 20.84 12.87 -24.29
CA VAL A 41 21.33 14.21 -24.63
C VAL A 41 21.36 14.40 -26.15
N SER A 42 20.94 15.56 -26.60
CA SER A 42 21.05 15.90 -28.00
C SER A 42 21.42 17.37 -28.13
N VAL A 43 21.92 17.75 -29.28
CA VAL A 43 22.55 19.02 -29.46
C VAL A 43 22.21 19.58 -30.81
N ILE A 44 21.51 20.71 -30.80
CA ILE A 44 21.12 21.40 -32.00
C ILE A 44 22.09 22.54 -32.29
N THR A 45 22.41 22.72 -33.56
CA THR A 45 23.32 23.76 -33.96
C THR A 45 22.60 24.94 -34.63
N LYS A 46 23.35 26.04 -34.82
CA LYS A 46 22.89 27.20 -35.60
C LYS A 46 22.53 26.77 -37.03
N GLU A 47 23.34 25.86 -37.57
CA GLU A 47 23.15 25.28 -38.90
C GLU A 47 21.77 24.57 -39.05
N ASP A 48 21.43 23.70 -38.11
CA ASP A 48 20.12 23.04 -38.11
C ASP A 48 19.02 24.12 -38.12
N LEU A 49 19.10 25.04 -37.17
CA LEU A 49 18.12 26.11 -37.03
C LEU A 49 17.91 26.91 -38.31
N GLU A 50 18.97 27.04 -39.11
CA GLU A 50 18.86 27.81 -40.33
C GLU A 50 18.11 26.99 -41.39
N LYS A 51 18.28 25.67 -41.38
CA LYS A 51 17.69 24.83 -42.40
C LYS A 51 16.20 24.59 -42.19
N LEU A 52 15.73 24.88 -40.98
CA LEU A 52 14.32 24.66 -40.66
C LEU A 52 13.80 25.76 -39.72
N PRO A 53 13.65 26.99 -40.26
CA PRO A 53 13.32 28.23 -39.54
C PRO A 53 12.20 28.05 -38.55
N VAL A 54 12.37 28.64 -37.38
CA VAL A 54 11.32 28.70 -36.37
C VAL A 54 10.44 29.94 -36.63
N ARG A 55 9.20 29.90 -36.19
CA ARG A 55 8.29 31.03 -36.34
C ARG A 55 8.64 32.11 -35.31
N ASN A 56 8.80 31.67 -34.06
CA ASN A 56 9.16 32.57 -32.96
C ASN A 56 9.81 31.80 -31.82
N ASP A 57 9.01 30.92 -31.19
CA ASP A 57 9.44 30.12 -30.06
C ASP A 57 10.22 28.87 -30.56
N ILE A 58 11.44 28.69 -30.06
CA ILE A 58 12.29 27.60 -30.42
C ILE A 58 11.73 26.23 -30.06
N SER A 59 10.79 26.18 -29.11
CA SER A 59 10.16 24.90 -28.74
C SER A 59 9.66 24.15 -29.98
N ASP A 60 9.41 24.91 -31.05
CA ASP A 60 8.96 24.33 -32.32
C ASP A 60 10.03 23.56 -33.01
N TYR A 61 11.28 23.79 -32.66
CA TYR A 61 12.34 22.92 -33.13
C TYR A 61 12.81 21.98 -32.00
N VAL A 62 12.82 22.46 -30.76
CA VAL A 62 13.25 21.61 -29.67
C VAL A 62 12.35 20.38 -29.53
N ARG A 63 11.12 20.50 -29.99
CA ARG A 63 10.14 19.44 -29.77
C ARG A 63 10.48 18.24 -30.61
N ARG A 64 11.28 18.43 -31.63
CA ARG A 64 11.61 17.35 -32.55
C ARG A 64 12.67 16.36 -32.03
N MET A 65 13.23 16.60 -30.85
CA MET A 65 14.21 15.67 -30.26
C MET A 65 13.56 14.44 -29.61
N PRO A 66 14.30 13.33 -29.51
CA PRO A 66 13.78 12.20 -28.77
C PRO A 66 13.32 12.61 -27.38
N GLY A 67 12.27 11.95 -26.90
CA GLY A 67 11.78 12.16 -25.55
C GLY A 67 11.35 13.58 -25.22
N VAL A 68 11.04 14.37 -26.25
CA VAL A 68 10.52 15.71 -26.04
C VAL A 68 9.14 15.90 -26.64
N ASN A 69 8.29 16.63 -25.96
CA ASN A 69 6.96 16.94 -26.45
C ASN A 69 6.63 18.41 -26.39
N LEU A 70 5.53 18.81 -27.01
CA LEU A 70 5.00 20.16 -26.87
C LEU A 70 3.57 20.02 -26.33
N THR A 71 3.39 20.33 -25.05
CA THR A 71 2.10 20.17 -24.40
C THR A 71 1.79 21.25 -23.38
N GLY A 72 0.53 21.30 -22.97
CA GLY A 72 0.05 22.30 -22.03
C GLY A 72 0.65 22.12 -20.64
N ASN A 73 0.40 23.07 -19.77
CA ASN A 73 0.99 23.06 -18.43
C ASN A 73 0.42 21.99 -17.56
N SER A 74 -0.76 21.50 -17.87
CA SER A 74 -1.27 20.36 -17.11
C SER A 74 -2.22 19.51 -17.95
N ALA A 75 -2.34 18.25 -17.57
CA ALA A 75 -3.09 17.30 -18.34
C ALA A 75 -4.61 17.50 -18.28
N THR A 76 -5.07 18.58 -17.65
CA THR A 76 -6.47 18.88 -17.62
C THR A 76 -6.93 19.46 -18.95
N GLY A 77 -6.00 19.87 -19.80
CA GLY A 77 -6.38 20.53 -21.05
C GLY A 77 -6.68 22.03 -21.00
N GLN A 78 -6.87 22.61 -19.81
CA GLN A 78 -7.23 24.04 -19.71
C GLN A 78 -6.04 24.87 -20.12
N ARG A 79 -6.31 25.92 -20.89
CA ARG A 79 -5.24 26.75 -21.44
C ARG A 79 -4.32 25.88 -22.28
N GLY A 80 -4.96 25.04 -23.10
CA GLY A 80 -4.28 24.11 -23.94
C GLY A 80 -3.45 24.66 -25.08
N ASN A 81 -3.75 25.86 -25.56
CA ASN A 81 -2.94 26.42 -26.61
C ASN A 81 -1.69 27.09 -26.04
N ASN A 82 -1.46 26.92 -24.73
CA ASN A 82 -0.26 27.48 -24.10
C ASN A 82 0.85 26.41 -23.98
N ARG A 83 1.14 25.75 -25.09
CA ARG A 83 1.95 24.56 -25.03
C ARG A 83 3.41 24.89 -24.99
N GLN A 84 4.16 24.15 -24.19
CA GLN A 84 5.56 24.47 -23.97
C GLN A 84 6.36 23.19 -23.84
N ILE A 85 7.69 23.30 -23.74
CA ILE A 85 8.59 22.13 -23.90
C ILE A 85 8.44 21.13 -22.77
N ASP A 86 8.04 19.92 -23.12
CA ASP A 86 7.90 18.83 -22.17
C ASP A 86 8.97 17.76 -22.46
N ILE A 87 9.56 17.19 -21.43
CA ILE A 87 10.57 16.16 -21.61
C ILE A 87 10.17 14.81 -21.01
N ARG A 88 10.01 13.81 -21.85
CA ARG A 88 9.62 12.46 -21.40
C ARG A 88 8.33 12.43 -20.61
N GLY A 89 7.44 13.36 -20.91
CA GLY A 89 6.08 13.34 -20.39
C GLY A 89 5.97 13.64 -18.92
N MET A 90 6.87 14.49 -18.43
CA MET A 90 6.89 14.82 -17.01
C MET A 90 6.27 16.16 -16.70
N GLY A 91 5.89 16.86 -17.74
CA GLY A 91 5.29 18.16 -17.57
C GLY A 91 6.33 19.23 -17.76
N PRO A 92 5.92 20.37 -18.31
CA PRO A 92 6.81 21.49 -18.47
C PRO A 92 7.28 22.22 -17.19
N GLU A 93 6.61 22.04 -16.04
CA GLU A 93 7.13 22.68 -14.79
C GLU A 93 8.43 22.05 -14.49
N ASN A 94 8.66 20.86 -15.11
CA ASN A 94 9.84 20.09 -14.85
C ASN A 94 10.91 20.21 -15.93
N THR A 95 10.72 21.16 -16.84
CA THR A 95 11.75 21.48 -17.83
C THR A 95 12.43 22.84 -17.48
N LEU A 96 13.64 22.74 -16.93
CA LEU A 96 14.51 23.85 -16.63
C LEU A 96 15.22 24.40 -17.85
N ILE A 97 14.82 25.59 -18.26
CA ILE A 97 15.47 26.32 -19.34
C ILE A 97 16.65 27.09 -18.79
N LEU A 98 17.80 27.04 -19.45
CA LEU A 98 18.98 27.79 -19.06
C LEU A 98 19.43 28.60 -20.26
N VAL A 99 20.12 29.73 -20.00
CA VAL A 99 20.79 30.45 -21.05
C VAL A 99 22.25 30.60 -20.70
N ASP A 100 23.10 30.14 -21.61
CA ASP A 100 24.50 29.98 -21.33
C ASP A 100 24.65 29.55 -19.88
N GLY A 101 23.95 28.49 -19.47
CA GLY A 101 24.19 27.91 -18.15
C GLY A 101 23.44 28.53 -17.00
N LYS A 102 22.81 29.69 -17.25
CA LYS A 102 22.09 30.48 -16.22
C LYS A 102 20.58 30.27 -16.32
N PRO A 103 19.93 29.83 -15.22
CA PRO A 103 18.49 29.55 -15.17
C PRO A 103 17.58 30.71 -15.44
N ILE A 104 16.54 30.44 -16.25
CA ILE A 104 15.40 31.36 -16.38
C ILE A 104 14.22 30.85 -15.57
N ASN A 105 13.50 31.71 -14.89
CA ASN A 105 12.40 31.27 -14.04
C ASN A 105 11.23 32.26 -14.06
N SER A 106 11.09 33.00 -15.16
CA SER A 106 10.14 34.06 -15.20
C SER A 106 8.70 33.59 -15.01
N ARG A 107 8.40 32.36 -15.39
CA ARG A 107 6.99 31.92 -15.34
C ARG A 107 6.48 31.74 -13.93
N ASN A 108 7.38 31.53 -12.97
CA ASN A 108 6.96 31.50 -11.56
C ASN A 108 6.21 32.76 -11.15
N SER A 109 6.37 33.85 -11.92
CA SER A 109 5.55 35.09 -11.82
C SER A 109 4.07 34.89 -11.91
N VAL A 110 3.68 33.88 -12.67
CA VAL A 110 2.32 33.68 -13.06
C VAL A 110 1.60 32.78 -12.04
N ARG A 111 0.36 33.13 -11.71
CA ARG A 111 -0.35 32.42 -10.69
C ARG A 111 -0.40 30.97 -11.07
N TYR A 112 -0.02 30.09 -10.16
CA TYR A 112 -0.14 28.63 -10.39
C TYR A 112 -1.42 28.16 -9.72
N GLY A 113 -2.32 27.56 -10.49
CA GLY A 113 -3.69 27.27 -10.06
C GLY A 113 -4.01 25.87 -9.53
N TRP A 114 -5.26 25.68 -9.14
CA TRP A 114 -5.69 24.59 -8.29
C TRP A 114 -5.24 23.26 -8.88
N LYS A 115 -5.33 23.15 -10.21
CA LYS A 115 -5.04 21.92 -10.94
C LYS A 115 -3.73 21.97 -11.73
N GLY A 116 -2.79 22.77 -11.31
CA GLY A 116 -1.49 22.84 -11.98
C GLY A 116 -1.43 23.68 -13.24
N GLU A 117 -2.46 24.50 -13.50
CA GLU A 117 -2.48 25.34 -14.69
C GLU A 117 -1.84 26.67 -14.42
N ARG A 118 -1.20 27.24 -15.45
CA ARG A 118 -0.67 28.61 -15.41
C ARG A 118 -0.91 29.26 -16.72
N ASP A 119 -1.43 30.49 -16.71
CA ASP A 119 -1.66 31.20 -17.97
C ASP A 119 -0.36 31.86 -18.47
N THR A 120 0.61 31.00 -18.77
CA THR A 120 1.88 31.43 -19.32
C THR A 120 2.10 30.72 -20.64
N ARG A 121 3.03 31.27 -21.42
CA ARG A 121 3.61 30.64 -22.62
C ARG A 121 4.97 30.02 -22.29
N GLY A 122 5.41 30.21 -21.05
CA GLY A 122 6.70 29.68 -20.60
C GLY A 122 7.89 30.48 -21.07
N ASP A 123 9.07 29.87 -20.94
CA ASP A 123 10.33 30.58 -20.92
C ASP A 123 11.28 30.14 -22.02
N SER A 124 10.73 29.47 -23.01
CA SER A 124 11.53 29.13 -24.17
C SER A 124 11.46 30.14 -25.28
N ASN A 125 11.02 31.37 -24.97
CA ASN A 125 10.77 32.39 -26.00
C ASN A 125 11.53 33.64 -25.67
N TRP A 126 12.48 33.55 -24.74
CA TRP A 126 13.26 34.71 -24.30
C TRP A 126 14.47 35.01 -25.19
N VAL A 127 14.97 34.01 -25.89
CA VAL A 127 16.08 34.23 -26.79
C VAL A 127 15.65 34.02 -28.23
N PRO A 128 15.76 35.06 -29.05
CA PRO A 128 15.38 34.97 -30.46
C PRO A 128 16.18 33.91 -31.15
N ALA A 129 15.51 33.14 -32.00
CA ALA A 129 16.14 32.09 -32.76
C ALA A 129 17.47 32.53 -33.39
N GLU A 130 17.45 33.68 -34.05
CA GLU A 130 18.61 34.12 -34.83
C GLU A 130 19.81 34.50 -33.98
N ALA A 131 19.63 34.53 -32.66
CA ALA A 131 20.71 34.87 -31.75
C ALA A 131 21.30 33.63 -31.08
N ILE A 132 20.84 32.44 -31.48
CA ILE A 132 21.31 31.21 -30.85
C ILE A 132 22.45 30.51 -31.60
N GLU A 133 23.51 30.22 -30.87
CA GLU A 133 24.68 29.47 -31.37
C GLU A 133 24.44 27.99 -31.30
N SER A 134 23.93 27.52 -30.16
CA SER A 134 23.72 26.09 -29.91
C SER A 134 22.63 25.84 -28.88
N ILE A 135 21.95 24.69 -28.95
CA ILE A 135 20.96 24.30 -27.93
C ILE A 135 21.20 22.88 -27.41
N GLU A 136 21.33 22.72 -26.10
CA GLU A 136 21.68 21.43 -25.50
C GLU A 136 20.46 20.90 -24.79
N VAL A 137 19.96 19.74 -25.22
CA VAL A 137 18.81 19.15 -24.55
C VAL A 137 19.28 17.96 -23.77
N LEU A 138 19.14 18.02 -22.45
CA LEU A 138 19.55 16.96 -21.56
C LEU A 138 18.29 16.36 -20.99
N ARG A 139 18.14 15.05 -21.18
CA ARG A 139 16.96 14.36 -20.67
C ARG A 139 17.34 13.36 -19.60
N GLY A 140 16.48 13.19 -18.61
CA GLY A 140 16.66 12.15 -17.61
C GLY A 140 17.87 12.32 -16.70
N PRO A 141 18.62 11.22 -16.48
CA PRO A 141 19.68 11.21 -15.47
C PRO A 141 20.75 12.29 -15.66
N ALA A 142 21.09 12.60 -16.90
CA ALA A 142 22.12 13.61 -17.15
C ALA A 142 21.72 15.00 -16.72
N ALA A 143 20.44 15.24 -16.46
CA ALA A 143 20.03 16.60 -16.12
C ALA A 143 19.86 16.83 -14.62
N ALA A 144 19.90 15.77 -13.82
CA ALA A 144 19.68 15.92 -12.38
C ALA A 144 20.79 16.73 -11.70
N ARG A 145 21.95 16.77 -12.32
CA ARG A 145 23.06 17.60 -11.90
C ARG A 145 22.67 19.02 -11.51
N TYR A 146 21.81 19.63 -12.35
CA TYR A 146 21.54 21.07 -12.31
C TYR A 146 20.51 21.45 -11.26
N GLY A 147 20.11 20.52 -10.39
CA GLY A 147 19.31 20.83 -9.19
C GLY A 147 17.85 21.18 -9.39
N SER A 148 17.34 22.09 -8.58
CA SER A 148 15.89 22.35 -8.54
C SER A 148 15.21 22.61 -9.90
N GLY A 149 14.30 21.71 -10.25
CA GLY A 149 13.46 21.86 -11.45
C GLY A 149 13.87 21.06 -12.66
N ALA A 150 14.86 20.18 -12.49
CA ALA A 150 15.44 19.39 -13.61
C ALA A 150 15.00 17.93 -13.65
N ALA A 151 13.93 17.57 -12.94
CA ALA A 151 13.43 16.19 -12.94
C ALA A 151 12.88 15.73 -14.31
N GLY A 152 12.53 16.71 -15.15
CA GLY A 152 12.14 16.44 -16.51
C GLY A 152 13.38 16.47 -17.37
N GLY A 153 14.08 17.60 -17.32
CA GLY A 153 15.32 17.76 -18.03
C GLY A 153 15.71 19.22 -18.12
N VAL A 154 16.73 19.49 -18.94
CA VAL A 154 17.30 20.80 -19.10
C VAL A 154 17.42 21.17 -20.58
N VAL A 155 16.99 22.36 -20.91
CA VAL A 155 17.20 22.90 -22.25
C VAL A 155 18.16 24.07 -22.04
N ASN A 156 19.38 23.95 -22.56
CA ASN A 156 20.39 24.99 -22.40
C ASN A 156 20.61 25.76 -23.69
N ILE A 157 20.07 26.97 -23.75
CA ILE A 157 20.16 27.80 -24.94
C ILE A 157 21.49 28.51 -24.86
N ILE A 158 22.34 28.32 -25.85
CA ILE A 158 23.68 28.93 -25.89
C ILE A 158 23.76 30.02 -26.93
N THR A 159 23.98 31.25 -26.48
CA THR A 159 23.86 32.39 -27.37
C THR A 159 25.20 32.60 -28.06
N LYS A 160 25.14 33.30 -29.18
CA LYS A 160 26.34 33.62 -29.94
C LYS A 160 27.44 34.29 -29.13
N LYS A 161 28.67 34.09 -29.57
CA LYS A 161 29.86 34.40 -28.80
C LYS A 161 30.46 35.71 -29.22
N VAL A 162 31.30 36.26 -28.36
CA VAL A 162 32.18 37.36 -28.76
C VAL A 162 33.14 36.89 -29.84
N THR A 163 33.62 37.83 -30.66
CA THR A 163 34.48 37.49 -31.82
C THR A 163 35.58 38.52 -32.01
N ASN A 164 36.79 38.05 -32.25
CA ASN A 164 37.94 38.94 -32.34
C ASN A 164 38.04 39.67 -33.65
N GLU A 165 37.07 39.44 -34.54
CA GLU A 165 36.88 40.26 -35.72
C GLU A 165 35.40 40.52 -35.83
N THR A 166 35.01 41.65 -36.40
CA THR A 166 33.60 42.06 -36.34
C THR A 166 32.81 41.28 -37.36
N HIS A 167 32.00 40.35 -36.89
CA HIS A 167 31.09 39.62 -37.78
C HIS A 167 29.70 40.08 -37.48
N GLY A 168 28.89 40.25 -38.51
CA GLY A 168 27.58 40.85 -38.36
C GLY A 168 26.51 39.94 -38.89
N SER A 169 25.28 40.15 -38.45
CA SER A 169 24.14 39.44 -39.01
C SER A 169 22.90 40.31 -38.96
N VAL A 170 22.13 40.30 -40.03
CA VAL A 170 20.75 40.78 -39.96
C VAL A 170 19.88 39.73 -40.61
N GLU A 171 18.73 39.43 -40.01
CA GLU A 171 17.88 38.35 -40.49
C GLU A 171 16.41 38.76 -40.44
N PHE A 172 15.64 38.34 -41.43
CA PHE A 172 14.21 38.61 -41.46
C PHE A 172 13.52 37.29 -41.56
N TYR A 173 12.24 37.26 -41.20
CA TYR A 173 11.46 36.06 -41.36
C TYR A 173 9.99 36.42 -41.41
N THR A 174 9.24 35.66 -42.18
CA THR A 174 7.80 35.84 -42.20
C THR A 174 7.13 34.52 -42.41
N SER A 175 5.98 34.34 -41.79
CA SER A 175 5.16 33.15 -42.05
C SER A 175 3.77 33.60 -42.45
N GLN A 176 3.18 32.90 -43.43
CA GLN A 176 1.95 33.36 -44.07
C GLN A 176 0.93 32.22 -44.27
N PRO A 177 0.05 32.02 -43.27
CA PRO A 177 -0.87 30.90 -43.28
C PRO A 177 -1.90 31.06 -44.37
N GLU A 178 -2.20 29.97 -45.08
CA GLU A 178 -3.28 29.95 -46.07
C GLU A 178 -4.57 30.42 -45.44
N ASP A 179 -4.89 29.83 -44.29
CA ASP A 179 -6.13 30.13 -43.60
C ASP A 179 -6.11 31.57 -43.06
N SER A 180 -7.17 32.29 -43.40
CA SER A 180 -7.36 33.69 -43.03
C SER A 180 -7.42 33.90 -41.53
N LYS A 181 -7.86 32.86 -40.82
CA LYS A 181 -8.08 32.95 -39.36
C LYS A 181 -6.83 32.64 -38.49
N GLU A 182 -5.79 32.09 -39.11
CA GLU A 182 -4.55 31.85 -38.39
C GLU A 182 -3.60 33.06 -38.55
N GLY A 183 -2.87 33.38 -37.49
CA GLY A 183 -2.02 34.58 -37.48
C GLY A 183 -0.72 34.46 -38.28
N SER A 184 -0.41 35.46 -39.09
CA SER A 184 0.88 35.50 -39.75
C SER A 184 1.87 36.08 -38.76
N SER A 185 3.15 35.95 -39.06
CA SER A 185 4.20 36.26 -38.08
C SER A 185 5.38 36.93 -38.78
N ASN A 186 6.08 37.81 -38.07
CA ASN A 186 7.19 38.57 -38.64
C ASN A 186 8.32 38.93 -37.68
N ARG A 187 9.55 38.63 -38.10
CA ARG A 187 10.73 38.90 -37.31
C ARG A 187 11.73 39.72 -38.06
N VAL A 188 12.55 40.45 -37.29
CA VAL A 188 13.76 41.07 -37.77
C VAL A 188 14.65 41.12 -36.55
N GLY A 189 15.94 41.02 -36.76
CA GLY A 189 16.85 40.91 -35.65
C GLY A 189 18.27 40.95 -36.14
N PHE A 190 19.19 41.29 -35.24
CA PHE A 190 20.58 41.45 -35.64
C PHE A 190 21.49 40.85 -34.60
N ASN A 191 22.71 40.61 -35.00
CA ASN A 191 23.72 40.19 -34.06
C ASN A 191 25.02 40.74 -34.57
N VAL A 192 25.78 41.37 -33.69
CA VAL A 192 27.08 41.90 -34.06
C VAL A 192 28.08 41.68 -32.92
N SER A 193 29.32 41.35 -33.29
CA SER A 193 30.37 41.02 -32.32
C SER A 193 31.67 41.43 -32.95
N GLY A 194 32.63 41.79 -32.10
CA GLY A 194 33.92 42.30 -32.57
C GLY A 194 34.87 42.61 -31.43
N PRO A 195 36.09 43.08 -31.75
CA PRO A 195 36.95 43.53 -30.71
C PRO A 195 36.65 44.99 -30.44
N LEU A 196 36.78 45.40 -29.18
CA LEU A 196 36.98 46.79 -28.80
C LEU A 196 38.49 46.94 -28.63
N ILE A 197 39.09 45.95 -27.99
CA ILE A 197 40.53 45.83 -28.00
C ILE A 197 40.90 44.43 -28.40
N LYS A 198 41.65 44.32 -29.47
CA LYS A 198 41.96 43.01 -29.99
C LYS A 198 42.54 42.12 -28.88
N ASP A 199 41.92 40.96 -28.69
CA ASP A 199 42.44 39.86 -27.87
C ASP A 199 42.38 40.14 -26.38
N VAL A 200 41.74 41.21 -25.95
CA VAL A 200 41.60 41.41 -24.53
C VAL A 200 40.19 41.90 -24.17
N LEU A 201 39.56 42.65 -25.06
CA LEU A 201 38.20 43.07 -24.82
C LEU A 201 37.38 43.04 -26.10
N SER A 202 36.30 42.29 -26.05
CA SER A 202 35.45 42.07 -27.20
C SER A 202 34.00 42.03 -26.73
N TYR A 203 33.06 42.22 -27.66
CA TYR A 203 31.65 42.32 -27.31
C TYR A 203 30.78 41.47 -28.22
N ARG A 204 29.59 41.10 -27.74
CA ARG A 204 28.53 40.54 -28.58
C ARG A 204 27.23 41.24 -28.22
N LEU A 205 26.50 41.68 -29.23
CA LEU A 205 25.25 42.40 -29.00
C LEU A 205 24.22 41.89 -29.99
N TYR A 206 23.05 41.50 -29.49
CA TYR A 206 22.00 41.03 -30.42
C TYR A 206 20.69 41.62 -30.03
N GLY A 207 19.81 41.78 -31.02
CA GLY A 207 18.54 42.45 -30.82
C GLY A 207 17.47 41.82 -31.69
N ASN A 208 16.22 41.95 -31.25
CA ASN A 208 15.12 41.29 -31.92
C ASN A 208 13.76 41.94 -31.67
N TYR A 209 13.01 42.11 -32.75
CA TYR A 209 11.60 42.48 -32.65
C TYR A 209 10.75 41.44 -33.39
N ASN A 210 10.01 40.64 -32.65
CA ASN A 210 9.10 39.68 -33.27
C ASN A 210 7.66 40.02 -32.97
N LYS A 211 6.80 39.79 -33.94
CA LYS A 211 5.37 40.02 -33.81
C LYS A 211 4.63 38.89 -34.53
N THR A 212 4.03 37.97 -33.78
CA THR A 212 3.22 36.93 -34.37
C THR A 212 1.77 37.25 -34.06
N GLU A 213 0.97 37.46 -35.09
CA GLU A 213 -0.38 37.94 -34.87
C GLU A 213 -1.17 36.84 -34.19
N ALA A 214 -2.24 37.18 -33.51
CA ALA A 214 -3.07 36.19 -32.85
C ALA A 214 -3.87 35.44 -33.86
N ASP A 215 -4.38 34.30 -33.42
CA ASP A 215 -5.42 33.60 -34.16
C ASP A 215 -6.73 34.32 -33.86
N ASP A 216 -7.64 34.30 -34.84
CA ASP A 216 -8.92 34.95 -34.68
C ASP A 216 -9.65 34.41 -33.48
N VAL A 217 -10.63 35.19 -33.05
CA VAL A 217 -11.41 34.77 -31.93
C VAL A 217 -12.18 33.53 -32.32
N ASP A 218 -12.69 33.52 -33.55
CA ASP A 218 -13.70 32.56 -33.97
C ASP A 218 -13.13 31.38 -34.77
N ILE A 219 -11.80 31.22 -34.75
CA ILE A 219 -11.15 30.18 -35.55
C ILE A 219 -11.73 28.79 -35.27
N ASN A 220 -12.06 28.53 -34.01
CA ASN A 220 -12.49 27.19 -33.58
C ASN A 220 -13.98 26.96 -33.59
N LYS A 221 -14.75 27.86 -34.18
CA LYS A 221 -16.21 27.84 -34.11
C LYS A 221 -16.86 26.74 -34.98
N SER A 222 -16.24 26.42 -36.12
CA SER A 222 -16.81 25.52 -37.11
C SER A 222 -16.98 24.12 -36.59
N ILE A 223 -16.64 23.86 -35.34
CA ILE A 223 -16.90 22.55 -34.71
C ILE A 223 -17.57 22.72 -33.36
N GLY A 224 -18.32 23.81 -33.19
CA GLY A 224 -19.11 24.02 -31.97
C GLY A 224 -18.30 24.42 -30.75
N SER A 225 -17.10 24.94 -30.97
CA SER A 225 -16.14 25.13 -29.88
C SER A 225 -15.95 26.62 -29.56
N THR A 226 -15.85 26.89 -28.26
CA THR A 226 -15.70 28.24 -27.74
C THR A 226 -14.28 28.51 -27.25
N ALA A 227 -13.39 27.54 -27.43
CA ALA A 227 -12.02 27.71 -27.00
C ALA A 227 -11.30 28.64 -27.94
N ALA A 228 -10.41 29.45 -27.39
CA ALA A 228 -9.63 30.37 -28.19
C ALA A 228 -8.51 29.69 -28.92
N GLY A 229 -8.08 30.30 -30.02
CA GLY A 229 -6.90 29.86 -30.75
C GLY A 229 -5.65 30.36 -30.05
N ARG A 230 -4.55 30.41 -30.79
CA ARG A 230 -3.30 30.79 -30.19
C ARG A 230 -3.27 32.28 -29.97
N GLU A 231 -2.76 32.72 -28.81
CA GLU A 231 -2.62 34.16 -28.55
C GLU A 231 -1.34 34.65 -29.20
N GLY A 232 -1.38 35.88 -29.71
CA GLY A 232 -0.22 36.44 -30.40
C GLY A 232 0.82 36.94 -29.42
N VAL A 233 1.99 37.34 -29.94
CA VAL A 233 3.05 37.93 -29.11
C VAL A 233 3.90 38.98 -29.86
N LYS A 234 4.03 40.17 -29.26
CA LYS A 234 5.07 41.12 -29.60
C LYS A 234 6.24 40.91 -28.64
N ASN A 235 7.37 40.46 -29.17
CA ASN A 235 8.61 40.35 -28.40
C ASN A 235 9.50 41.54 -28.66
N LYS A 236 10.18 42.03 -27.62
CA LYS A 236 11.26 43.01 -27.79
C LYS A 236 12.41 42.54 -26.95
N ASP A 237 13.54 42.25 -27.59
CA ASP A 237 14.68 41.64 -26.88
C ASP A 237 15.94 42.40 -27.22
N ILE A 238 16.75 42.70 -26.20
CA ILE A 238 18.05 43.28 -26.44
C ILE A 238 19.03 42.66 -25.46
N SER A 239 20.24 42.34 -25.90
CA SER A 239 21.18 41.65 -25.03
C SER A 239 22.64 41.89 -25.38
N GLY A 240 23.42 42.19 -24.35
CA GLY A 240 24.82 42.60 -24.54
C GLY A 240 25.78 41.79 -23.71
N ARG A 241 26.93 41.49 -24.31
CA ARG A 241 28.00 40.79 -23.62
C ARG A 241 29.31 41.53 -23.80
N LEU A 242 30.06 41.67 -22.71
CA LEU A 242 31.45 42.14 -22.78
C LEU A 242 32.35 41.06 -22.27
N ALA A 243 33.42 40.76 -23.02
CA ALA A 243 34.35 39.74 -22.64
C ALA A 243 35.69 40.39 -22.46
N TRP A 244 36.32 40.12 -21.31
CA TRP A 244 37.54 40.80 -20.92
C TRP A 244 38.55 39.78 -20.49
N GLN A 245 39.70 39.77 -21.15
CA GLN A 245 40.83 38.92 -20.73
C GLN A 245 41.77 39.73 -19.82
N ALA A 246 41.60 39.58 -18.50
CA ALA A 246 42.30 40.45 -17.53
C ALA A 246 43.76 40.02 -17.28
N THR A 247 44.00 38.73 -17.43
CA THR A 247 45.29 38.11 -17.22
C THR A 247 45.40 36.97 -18.20
N ASP A 248 46.61 36.43 -18.35
CA ASP A 248 46.80 35.21 -19.11
C ASP A 248 45.95 34.06 -18.60
N GLN A 249 45.50 34.14 -17.35
CA GLN A 249 44.70 33.05 -16.77
C GLN A 249 43.35 33.48 -16.19
N GLN A 250 42.92 34.72 -16.44
CA GLN A 250 41.65 35.22 -15.87
C GLN A 250 40.76 35.93 -16.88
N THR A 251 39.50 35.54 -16.92
CA THR A 251 38.55 36.11 -17.88
C THR A 251 37.33 36.60 -17.12
N VAL A 252 36.76 37.72 -17.56
CA VAL A 252 35.56 38.28 -16.94
C VAL A 252 34.50 38.53 -18.02
N LEU A 253 33.30 37.99 -17.80
CA LEU A 253 32.17 38.18 -18.69
C LEU A 253 31.08 39.00 -18.04
N LEU A 254 30.53 39.91 -18.82
CA LEU A 254 29.39 40.67 -18.37
C LEU A 254 28.26 40.35 -19.31
N ASP A 255 27.11 39.92 -18.79
CA ASP A 255 25.90 39.77 -19.61
C ASP A 255 24.81 40.66 -19.07
N ILE A 256 24.36 41.61 -19.89
CA ILE A 256 23.21 42.44 -19.57
C ILE A 256 22.18 42.30 -20.66
N SER A 257 20.98 41.84 -20.31
CA SER A 257 19.92 41.74 -21.28
C SER A 257 18.60 42.20 -20.72
N SER A 258 17.74 42.78 -21.56
CA SER A 258 16.35 43.09 -21.17
C SER A 258 15.35 42.69 -22.28
N SER A 259 14.20 42.15 -21.87
CA SER A 259 13.19 41.69 -22.80
C SER A 259 11.82 42.07 -22.28
N LYS A 260 10.93 42.28 -23.24
CA LYS A 260 9.54 42.56 -22.97
C LYS A 260 8.69 41.70 -23.91
N GLN A 261 7.70 41.03 -23.33
CA GLN A 261 6.76 40.26 -24.10
C GLN A 261 5.33 40.75 -23.87
N GLY A 262 4.69 41.27 -24.92
CA GLY A 262 3.33 41.77 -24.79
C GLY A 262 2.44 40.90 -25.64
N ASN A 263 1.36 40.39 -25.08
CA ASN A 263 0.53 39.50 -25.86
C ASN A 263 -0.43 40.23 -26.74
N ILE A 264 -1.09 39.47 -27.61
CA ILE A 264 -2.23 39.95 -28.41
C ILE A 264 -3.38 38.97 -28.14
N TYR A 265 -4.39 39.45 -27.41
CA TYR A 265 -5.45 38.60 -26.83
C TYR A 265 -6.34 37.98 -27.90
N SER A 266 -6.50 36.68 -27.81
CA SER A 266 -7.18 35.88 -28.79
C SER A 266 -8.52 35.40 -28.24
N GLY A 267 -8.76 35.71 -26.97
CA GLY A 267 -9.99 35.30 -26.31
C GLY A 267 -9.86 34.17 -25.31
N ASP A 268 -8.65 33.70 -25.03
CA ASP A 268 -8.51 32.56 -24.10
C ASP A 268 -9.05 32.82 -22.68
N SER A 269 -9.50 31.73 -22.05
CA SER A 269 -10.01 31.76 -20.69
C SER A 269 -10.11 30.33 -20.19
N GLN A 270 -9.89 30.13 -18.90
CA GLN A 270 -9.69 28.79 -18.35
C GLN A 270 -10.85 27.89 -18.63
N LEU A 271 -12.08 28.42 -18.60
CA LEU A 271 -13.25 27.56 -18.86
C LEU A 271 -13.79 27.71 -20.28
N ASN A 272 -13.05 28.40 -21.14
CA ASN A 272 -13.41 28.53 -22.57
C ASN A 272 -14.76 29.21 -22.82
N ALA A 273 -15.04 30.28 -22.08
CA ALA A 273 -16.26 31.03 -22.30
C ALA A 273 -16.36 31.46 -23.75
N ASN A 274 -17.56 31.85 -24.17
CA ASN A 274 -17.72 32.38 -25.52
C ASN A 274 -17.30 33.85 -25.56
N ALA A 275 -16.03 34.04 -25.96
CA ALA A 275 -15.42 35.33 -25.93
C ALA A 275 -16.30 36.37 -26.58
N GLU A 276 -16.69 36.14 -27.84
CA GLU A 276 -17.40 37.18 -28.62
C GLU A 276 -18.70 37.63 -27.99
N ALA A 277 -19.35 36.76 -27.22
CA ALA A 277 -20.60 37.11 -26.54
C ALA A 277 -20.40 37.30 -25.03
N ASP A 278 -19.19 37.65 -24.61
CA ASP A 278 -18.96 38.04 -23.22
C ASP A 278 -18.75 39.54 -23.11
N ALA A 279 -19.61 40.18 -22.34
CA ALA A 279 -19.56 41.63 -22.13
C ALA A 279 -18.16 42.26 -22.16
N ILE A 280 -17.22 41.68 -21.42
CA ILE A 280 -15.87 42.25 -21.32
C ILE A 280 -14.89 41.71 -22.38
N LEU A 281 -14.54 40.43 -22.30
CA LEU A 281 -13.58 39.84 -23.23
C LEU A 281 -13.71 40.37 -24.66
N SER A 282 -14.95 40.50 -25.14
CA SER A 282 -15.21 40.86 -26.55
C SER A 282 -14.53 42.20 -26.94
N GLN A 283 -14.28 43.01 -25.93
CA GLN A 283 -13.59 44.26 -26.14
C GLN A 283 -12.08 44.13 -26.12
N LEU A 284 -11.55 43.16 -25.39
CA LEU A 284 -10.09 42.99 -25.27
C LEU A 284 -9.42 42.25 -26.43
N ILE A 285 -10.18 41.82 -27.43
CA ILE A 285 -9.57 41.00 -28.48
C ILE A 285 -8.51 41.83 -29.16
N GLY A 286 -7.49 41.19 -29.70
CA GLY A 286 -6.44 41.89 -30.42
C GLY A 286 -5.64 42.87 -29.57
N LYS A 287 -5.88 42.86 -28.26
CA LYS A 287 -5.25 43.81 -27.33
C LYS A 287 -4.20 43.15 -26.43
N GLU A 288 -3.37 43.95 -25.78
CA GLU A 288 -2.37 43.46 -24.84
C GLU A 288 -2.95 43.35 -23.42
N THR A 289 -3.34 42.13 -23.01
CA THR A 289 -3.96 41.92 -21.70
C THR A 289 -2.98 41.39 -20.68
N ASN A 290 -1.88 40.84 -21.16
CA ASN A 290 -0.78 40.49 -20.27
C ASN A 290 0.54 40.87 -20.88
N THR A 291 1.49 41.18 -20.00
CA THR A 291 2.77 41.74 -20.41
C THR A 291 3.83 41.21 -19.45
N MET A 292 4.93 40.72 -20.02
CA MET A 292 5.91 39.98 -19.28
C MET A 292 7.21 40.74 -19.46
N TYR A 293 7.83 41.21 -18.38
CA TYR A 293 9.12 41.93 -18.47
C TYR A 293 10.22 41.12 -17.82
N ARG A 294 11.40 41.06 -18.44
CA ARG A 294 12.49 40.35 -17.85
C ARG A 294 13.81 41.09 -18.01
N ASP A 295 14.46 41.37 -16.89
CA ASP A 295 15.80 41.96 -16.90
C ASP A 295 16.79 41.03 -16.20
N SER A 296 18.02 40.94 -16.71
CA SER A 296 18.97 39.95 -16.23
C SER A 296 20.38 40.48 -16.31
N TYR A 297 21.13 40.31 -15.23
CA TYR A 297 22.55 40.70 -15.20
C TYR A 297 23.37 39.53 -14.69
N ALA A 298 24.45 39.19 -15.37
CA ALA A 298 25.33 38.20 -14.82
C ALA A 298 26.77 38.65 -14.95
N LEU A 299 27.58 38.24 -14.00
CA LEU A 299 29.00 38.54 -13.98
C LEU A 299 29.72 37.23 -13.69
N THR A 300 30.71 36.91 -14.51
CA THR A 300 31.37 35.62 -14.41
C THR A 300 32.87 35.77 -14.42
N HIS A 301 33.56 35.02 -13.57
CA HIS A 301 35.02 34.95 -13.58
C HIS A 301 35.47 33.49 -13.76
N GLU A 302 36.38 33.29 -14.70
CA GLU A 302 36.88 31.98 -14.98
C GLU A 302 38.40 31.93 -14.95
N GLY A 303 38.92 31.18 -13.98
CA GLY A 303 40.35 31.02 -13.81
C GLY A 303 40.88 29.81 -14.53
N ASP A 304 42.06 29.98 -15.12
CA ASP A 304 42.74 28.90 -15.82
C ASP A 304 44.11 28.65 -15.16
N TRP A 305 44.10 27.87 -14.07
CA TRP A 305 45.27 27.70 -13.20
C TRP A 305 46.02 26.40 -13.48
N SER A 306 47.26 26.33 -13.00
CA SER A 306 48.07 25.18 -13.25
C SER A 306 47.41 23.91 -12.69
N TRP A 307 46.84 23.99 -11.49
CA TRP A 307 46.16 22.82 -10.91
C TRP A 307 44.78 22.54 -11.55
N GLY A 308 44.31 23.42 -12.42
CA GLY A 308 42.99 23.22 -13.02
C GLY A 308 42.17 24.49 -13.21
N LYS A 309 40.86 24.39 -13.03
CA LYS A 309 39.95 25.48 -13.41
C LYS A 309 38.93 25.85 -12.35
N SER A 310 38.44 27.08 -12.44
CA SER A 310 37.51 27.60 -11.47
C SER A 310 36.55 28.52 -12.19
N LYS A 311 35.35 28.64 -11.64
CA LYS A 311 34.31 29.48 -12.22
C LYS A 311 33.45 30.05 -11.12
N LEU A 312 33.41 31.37 -11.01
CA LEU A 312 32.43 32.04 -10.15
C LEU A 312 31.38 32.77 -10.97
N VAL A 313 30.14 32.76 -10.50
CA VAL A 313 29.07 33.47 -11.18
C VAL A 313 28.20 34.23 -10.19
N ALA A 314 27.94 35.50 -10.48
CA ALA A 314 26.84 36.19 -9.84
C ALA A 314 25.80 36.49 -10.92
N GLN A 315 24.52 36.22 -10.62
CA GLN A 315 23.44 36.70 -11.47
C GLN A 315 22.22 37.22 -10.67
N TYR A 316 21.59 38.24 -11.24
CA TYR A 316 20.41 38.90 -10.68
C TYR A 316 19.35 38.99 -11.80
N ASP A 317 18.15 38.48 -11.52
CA ASP A 317 17.05 38.48 -12.49
C ASP A 317 15.83 39.17 -11.93
N LYS A 318 15.21 40.01 -12.74
CA LYS A 318 14.03 40.78 -12.33
C LYS A 318 12.88 40.57 -13.34
N THR A 319 11.77 40.02 -12.87
CA THR A 319 10.68 39.74 -13.74
C THR A 319 9.45 40.40 -13.23
N HIS A 320 8.75 41.11 -14.12
CA HIS A 320 7.42 41.66 -13.83
C HIS A 320 6.38 40.98 -14.69
N ASN A 321 5.23 40.75 -14.08
CA ASN A 321 4.08 40.12 -14.72
C ASN A 321 2.92 41.06 -14.63
N LYS A 322 2.64 41.80 -15.70
CA LYS A 322 1.56 42.80 -15.65
C LYS A 322 0.41 42.37 -16.56
N ARG A 323 -0.76 42.17 -15.95
CA ARG A 323 -1.94 41.71 -16.69
C ARG A 323 -3.26 42.08 -16.01
N LEU A 324 -4.37 41.95 -16.74
CA LEU A 324 -5.68 42.27 -16.20
C LEU A 324 -6.15 41.26 -15.15
N PRO A 325 -6.93 41.70 -14.17
CA PRO A 325 -7.30 40.80 -13.08
C PRO A 325 -8.32 39.77 -13.54
N GLU A 326 -8.62 38.78 -12.70
CA GLU A 326 -9.48 37.66 -13.10
C GLU A 326 -10.33 37.04 -12.00
N GLY A 327 -11.37 36.34 -12.44
CA GLY A 327 -12.11 35.48 -11.54
C GLY A 327 -11.10 34.56 -10.96
N LEU A 328 -11.29 34.19 -9.70
CA LEU A 328 -10.42 33.24 -9.04
C LEU A 328 -11.20 32.06 -8.47
N ALA A 329 -12.47 31.93 -8.84
CA ALA A 329 -13.33 30.80 -8.42
C ALA A 329 -14.67 30.71 -9.19
N GLY A 330 -15.30 29.54 -9.20
CA GLY A 330 -16.60 29.35 -9.84
C GLY A 330 -16.57 29.44 -11.35
N SER A 331 -17.71 29.79 -11.94
CA SER A 331 -17.85 29.83 -13.41
C SER A 331 -17.06 31.00 -14.03
N VAL A 332 -16.65 31.96 -13.21
CA VAL A 332 -15.83 33.06 -13.68
C VAL A 332 -14.34 32.77 -13.48
N GLU A 333 -14.02 31.62 -12.89
CA GLU A 333 -12.61 31.29 -12.64
C GLU A 333 -11.80 31.38 -13.92
N GLY A 334 -10.70 32.09 -13.84
CA GLY A 334 -9.72 32.08 -14.93
C GLY A 334 -10.12 32.97 -16.08
N LYS A 335 -11.00 33.94 -15.81
CA LYS A 335 -11.55 34.79 -16.86
C LYS A 335 -11.33 36.26 -16.45
N ILE A 336 -11.19 37.16 -17.41
CA ILE A 336 -10.86 38.53 -17.08
C ILE A 336 -12.09 39.33 -16.56
N ASN A 337 -11.93 39.95 -15.37
CA ASN A 337 -12.98 40.71 -14.67
C ASN A 337 -13.18 42.09 -15.22
N ASN A 338 -12.14 42.63 -15.85
CA ASN A 338 -12.03 44.08 -15.97
C ASN A 338 -11.17 44.56 -17.15
N LEU A 339 -11.60 45.65 -17.77
CA LEU A 339 -10.89 46.19 -18.90
C LEU A 339 -9.62 46.93 -18.51
N ASP A 340 -9.47 47.33 -17.24
CA ASP A 340 -8.49 48.39 -16.89
C ASP A 340 -7.46 48.14 -15.79
N ASP A 341 -7.89 47.71 -14.60
CA ASP A 341 -7.04 47.78 -13.40
C ASP A 341 -5.91 46.75 -13.34
N LYS A 342 -4.99 46.85 -14.28
CA LYS A 342 -3.86 45.94 -14.34
C LYS A 342 -3.12 45.88 -13.00
N ALA A 343 -2.80 44.68 -12.54
CA ALA A 343 -1.91 44.55 -11.40
C ALA A 343 -0.60 44.00 -11.91
N THR A 344 0.48 44.24 -11.17
CA THR A 344 1.78 43.72 -11.52
C THR A 344 2.33 42.83 -10.40
N SER A 345 3.00 41.75 -10.79
CA SER A 345 3.72 40.92 -9.85
C SER A 345 5.18 41.05 -10.11
N ARG A 346 5.97 40.93 -9.06
CA ARG A 346 7.38 41.24 -9.16
C ARG A 346 8.22 40.09 -8.60
N LEU A 347 9.09 39.49 -9.42
CA LEU A 347 9.94 38.38 -8.97
C LEU A 347 11.42 38.66 -9.18
N GLU A 348 12.14 38.70 -8.08
CA GLU A 348 13.56 38.97 -8.12
C GLU A 348 14.26 37.71 -7.69
N THR A 349 15.30 37.38 -8.44
CA THR A 349 16.17 36.30 -8.11
C THR A 349 17.64 36.76 -8.07
N LEU A 350 18.30 36.47 -6.96
CA LEU A 350 19.73 36.65 -6.85
C LEU A 350 20.34 35.26 -6.75
N ARG A 351 21.39 35.00 -7.52
CA ARG A 351 21.98 33.67 -7.50
C ARG A 351 23.50 33.72 -7.59
N PHE A 352 24.16 32.89 -6.80
CA PHE A 352 25.60 32.82 -6.84
C PHE A 352 26.03 31.40 -7.07
N ASN A 353 27.11 31.24 -7.81
CA ASN A 353 27.66 29.93 -8.04
C ASN A 353 29.19 29.93 -8.10
N GLY A 354 29.81 29.08 -7.29
CA GLY A 354 31.27 28.92 -7.35
C GLY A 354 31.63 27.48 -7.65
N GLU A 355 32.71 27.25 -8.39
CA GLU A 355 32.98 25.89 -8.83
C GLU A 355 34.39 25.67 -9.28
N ALA A 356 34.99 24.55 -8.87
CA ALA A 356 36.34 24.20 -9.33
C ALA A 356 36.49 22.75 -9.92
N ASN A 357 37.32 22.64 -10.98
CA ASN A 357 37.64 21.38 -11.66
C ASN A 357 39.11 21.02 -11.53
N ILE A 358 39.43 19.92 -10.85
CA ILE A 358 40.84 19.52 -10.66
C ILE A 358 41.18 18.13 -11.25
N PRO A 359 42.06 18.08 -12.27
CA PRO A 359 42.58 16.80 -12.76
C PRO A 359 43.60 16.25 -11.82
N PHE A 360 43.44 14.99 -11.41
CA PHE A 360 44.46 14.31 -10.60
C PHE A 360 44.34 12.83 -10.77
N GLU A 361 45.33 12.10 -10.24
CA GLU A 361 45.44 10.66 -10.46
C GLU A 361 45.82 9.96 -9.14
N TYR A 362 44.97 9.08 -8.64
CA TYR A 362 45.21 8.44 -7.36
C TYR A 362 45.46 6.95 -7.61
N TYR A 363 44.47 6.25 -8.14
CA TYR A 363 44.65 4.90 -8.68
C TYR A 363 44.31 4.92 -10.17
N LEU A 364 43.28 5.72 -10.49
CA LEU A 364 42.82 5.94 -11.87
C LEU A 364 42.91 7.41 -12.22
N PRO A 365 42.86 7.72 -13.52
CA PRO A 365 42.76 9.12 -13.92
C PRO A 365 41.42 9.72 -13.50
N GLN A 366 41.42 10.94 -12.96
CA GLN A 366 40.16 11.54 -12.49
C GLN A 366 40.08 13.03 -12.77
N VAL A 367 38.86 13.55 -12.70
CA VAL A 367 38.66 14.98 -12.75
C VAL A 367 37.60 15.29 -11.69
N LEU A 368 38.04 15.84 -10.55
CA LEU A 368 37.14 16.16 -9.47
C LEU A 368 36.52 17.53 -9.66
N THR A 369 35.20 17.58 -9.82
CA THR A 369 34.46 18.84 -9.73
C THR A 369 33.92 19.04 -8.31
N VAL A 370 34.05 20.25 -7.76
CA VAL A 370 33.44 20.57 -6.47
C VAL A 370 32.83 21.97 -6.54
N GLY A 371 31.61 22.13 -6.03
CA GLY A 371 30.85 23.37 -6.28
C GLY A 371 29.91 23.83 -5.18
N THR A 372 29.60 25.14 -5.20
CA THR A 372 28.63 25.75 -4.30
C THR A 372 27.64 26.55 -5.09
N GLU A 373 26.41 26.60 -4.59
CA GLU A 373 25.36 27.39 -5.21
C GLU A 373 24.48 28.03 -4.13
N TRP A 374 24.13 29.30 -4.33
CA TRP A 374 23.22 30.01 -3.46
C TRP A 374 22.21 30.72 -4.32
N VAL A 375 20.94 30.55 -4.01
CA VAL A 375 19.90 31.28 -4.70
C VAL A 375 18.82 31.80 -3.74
N GLU A 376 18.48 33.09 -3.86
CA GLU A 376 17.37 33.64 -3.12
C GLU A 376 16.36 34.24 -4.09
N ASP A 377 15.08 33.96 -3.83
CA ASP A 377 13.97 34.55 -4.58
C ASP A 377 13.11 35.47 -3.69
N ARG A 378 12.79 36.68 -4.19
CA ARG A 378 11.74 37.52 -3.55
C ARG A 378 10.59 37.78 -4.50
N PHE A 379 9.37 37.62 -4.01
CA PHE A 379 8.19 37.70 -4.85
C PHE A 379 7.14 38.57 -4.19
N LYS A 380 6.65 39.57 -4.91
CA LYS A 380 5.47 40.35 -4.50
C LYS A 380 4.31 39.94 -5.42
N ASP A 381 3.19 39.51 -4.81
CA ASP A 381 1.92 39.24 -5.52
C ASP A 381 0.73 39.59 -4.63
N ASN A 382 0.06 40.71 -4.92
CA ASN A 382 -1.01 41.20 -4.07
C ASN A 382 -2.40 40.95 -4.60
N VAL A 383 -2.50 40.38 -5.79
CA VAL A 383 -3.80 40.08 -6.37
C VAL A 383 -4.22 38.59 -6.18
N SER A 384 -3.27 37.65 -6.15
CA SER A 384 -3.60 36.24 -5.92
C SER A 384 -3.73 35.86 -4.44
N THR A 385 -3.23 36.74 -3.59
CA THR A 385 -3.04 36.44 -2.17
C THR A 385 -4.10 37.13 -1.31
N THR A 386 -5.19 37.50 -1.99
CA THR A 386 -6.40 38.04 -1.38
C THR A 386 -7.49 37.06 -1.69
N GLN A 387 -8.12 36.52 -0.65
CA GLN A 387 -9.22 35.58 -0.82
C GLN A 387 -9.70 35.29 0.58
N GLY A 388 -11.02 35.27 0.75
CA GLY A 388 -11.63 35.02 2.03
C GLY A 388 -11.36 36.14 3.00
N LYS A 389 -11.08 37.32 2.46
CA LYS A 389 -11.02 38.53 3.28
C LYS A 389 -12.41 39.17 3.29
N ASP A 390 -12.89 39.45 4.49
CA ASP A 390 -14.20 40.01 4.67
C ASP A 390 -14.14 41.17 5.66
N SER A 391 -15.01 42.15 5.48
CA SER A 391 -14.98 43.36 6.32
C SER A 391 -15.33 43.10 7.79
N SER A 392 -15.93 41.94 8.08
CA SER A 392 -16.19 41.53 9.46
C SER A 392 -14.89 41.19 10.19
N GLY A 393 -13.82 41.01 9.43
CA GLY A 393 -12.54 40.57 9.99
C GLY A 393 -12.55 39.09 10.27
N SER A 394 -13.57 38.38 9.77
CA SER A 394 -13.73 36.94 10.04
C SER A 394 -13.97 36.09 8.78
N GLY A 395 -13.42 36.54 7.65
CA GLY A 395 -13.47 35.73 6.44
C GLY A 395 -12.57 34.51 6.64
N TYR A 396 -12.66 33.54 5.75
CA TYR A 396 -11.90 32.31 5.96
C TYR A 396 -10.40 32.60 5.97
N GLY A 397 -9.99 33.58 5.17
CA GLY A 397 -8.59 33.98 5.11
C GLY A 397 -8.11 34.89 6.23
N ASP A 398 -9.03 35.59 6.86
CA ASP A 398 -8.68 36.41 7.99
C ASP A 398 -8.23 35.51 9.12
N GLN A 399 -8.71 34.27 9.13
CA GLN A 399 -8.40 33.35 10.22
C GLN A 399 -7.19 32.48 9.88
N LEU A 400 -7.21 31.93 8.67
CA LEU A 400 -6.16 31.02 8.22
C LEU A 400 -4.84 31.73 7.84
N ALA A 401 -4.91 32.95 7.31
CA ALA A 401 -3.73 33.63 6.78
C ALA A 401 -3.57 35.00 7.38
N LYS A 402 -2.62 35.12 8.29
CA LYS A 402 -2.34 36.39 8.96
C LYS A 402 -0.94 36.83 8.59
N GLY A 403 -0.68 38.13 8.75
CA GLY A 403 0.59 38.72 8.34
C GLY A 403 0.54 39.11 6.88
N ASP A 404 1.63 39.66 6.37
CA ASP A 404 1.64 40.12 5.00
C ASP A 404 1.59 38.92 4.09
N ARG A 405 0.46 38.71 3.43
CA ARG A 405 0.29 37.59 2.51
C ARG A 405 0.84 37.88 1.12
N SER A 406 1.44 39.04 0.90
CA SER A 406 1.74 39.50 -0.46
C SER A 406 3.18 39.26 -0.85
N LYS A 407 4.01 38.85 0.10
CA LYS A 407 5.47 38.77 -0.10
C LYS A 407 5.97 37.43 0.30
N MET A 408 6.66 36.76 -0.62
CA MET A 408 7.14 35.42 -0.40
C MET A 408 8.66 35.34 -0.61
N GLU A 409 9.35 34.60 0.26
CA GLU A 409 10.82 34.39 0.20
C GLU A 409 11.12 32.93 -0.06
N SER A 410 12.23 32.67 -0.79
CA SER A 410 12.75 31.31 -0.96
C SER A 410 14.28 31.34 -1.02
N ARG A 411 14.91 30.41 -0.32
CA ARG A 411 16.36 30.32 -0.33
C ARG A 411 16.80 28.87 -0.45
N ILE A 412 17.73 28.62 -1.36
CA ILE A 412 18.32 27.32 -1.54
C ILE A 412 19.81 27.46 -1.46
N ALA A 413 20.42 26.71 -0.55
CA ALA A 413 21.85 26.63 -0.49
C ALA A 413 22.27 25.21 -0.84
N SER A 414 23.27 25.09 -1.71
CA SER A 414 23.63 23.81 -2.31
C SER A 414 25.13 23.65 -2.39
N ALA A 415 25.59 22.42 -2.25
CA ALA A 415 26.98 22.05 -2.57
C ALA A 415 26.99 20.66 -3.23
N TYR A 416 28.01 20.41 -4.06
CA TYR A 416 28.08 19.14 -4.77
C TYR A 416 29.52 18.73 -5.06
N ILE A 417 29.70 17.43 -5.26
CA ILE A 417 31.02 16.89 -5.62
C ILE A 417 30.84 15.86 -6.73
N GLU A 418 31.80 15.80 -7.63
CA GLU A 418 31.66 15.04 -8.86
C GLU A 418 33.01 14.53 -9.34
N ASP A 419 33.03 13.26 -9.75
CA ASP A 419 34.24 12.65 -10.24
C ASP A 419 33.99 12.04 -11.62
N ASN A 420 34.85 12.36 -12.58
CA ASN A 420 34.92 11.62 -13.83
C ASN A 420 36.15 10.71 -13.85
N LEU A 421 35.89 9.41 -13.79
CA LEU A 421 36.95 8.40 -13.71
C LEU A 421 37.13 7.68 -15.05
N LYS A 422 38.37 7.48 -15.48
CA LYS A 422 38.62 6.46 -16.50
C LYS A 422 38.93 5.18 -15.77
N VAL A 423 37.93 4.31 -15.68
CA VAL A 423 38.06 3.10 -14.93
C VAL A 423 38.91 2.10 -15.70
N THR A 424 38.80 2.12 -17.03
CA THR A 424 39.68 1.37 -17.93
C THR A 424 39.86 2.26 -19.14
N ASP A 425 40.68 1.85 -20.12
CA ASP A 425 40.84 2.64 -21.36
C ASP A 425 39.55 2.49 -22.18
N SER A 426 38.63 1.66 -21.68
CA SER A 426 37.35 1.40 -22.33
C SER A 426 36.16 1.94 -21.51
N THR A 427 36.39 2.25 -20.23
CA THR A 427 35.28 2.53 -19.31
C THR A 427 35.34 3.94 -18.69
N ASP A 428 34.39 4.80 -19.05
CA ASP A 428 34.30 6.16 -18.47
C ASP A 428 33.10 6.23 -17.53
N VAL A 429 33.33 6.51 -16.24
CA VAL A 429 32.29 6.52 -15.18
C VAL A 429 32.24 7.83 -14.36
N VAL A 430 31.03 8.38 -14.17
CA VAL A 430 30.82 9.62 -13.39
C VAL A 430 30.04 9.35 -12.10
N LEU A 431 30.61 9.83 -11.00
CA LEU A 431 30.01 9.69 -9.68
C LEU A 431 29.79 11.05 -9.10
N GLY A 432 28.53 11.43 -8.92
CA GLY A 432 28.19 12.72 -8.33
C GLY A 432 27.24 12.64 -7.14
N LEU A 433 27.33 13.63 -6.27
CA LEU A 433 26.43 13.78 -5.14
C LEU A 433 26.09 15.25 -4.97
N ARG A 434 24.82 15.55 -4.78
CA ARG A 434 24.39 16.93 -4.63
C ARG A 434 23.56 17.07 -3.36
N PHE A 435 23.92 18.06 -2.55
CA PHE A 435 23.19 18.39 -1.34
C PHE A 435 22.44 19.68 -1.57
N ASP A 436 21.17 19.69 -1.19
CA ASP A 436 20.32 20.89 -1.36
C ASP A 436 19.57 21.20 -0.07
N ASP A 437 19.57 22.47 0.33
CA ASP A 437 18.88 22.86 1.55
C ASP A 437 18.02 24.06 1.24
N HIS A 438 16.71 23.85 1.31
CA HIS A 438 15.74 24.85 0.98
C HIS A 438 15.06 25.45 2.23
N SER A 439 14.84 26.76 2.23
CA SER A 439 14.39 27.46 3.45
C SER A 439 13.07 26.96 4.01
N LYS A 440 12.18 26.45 3.15
CA LYS A 440 10.92 25.85 3.63
C LYS A 440 10.95 24.32 3.71
N SER A 441 11.50 23.65 2.69
CA SER A 441 11.27 22.21 2.54
C SER A 441 12.26 21.32 3.31
N GLY A 442 13.43 21.85 3.67
CA GLY A 442 14.46 21.05 4.33
C GLY A 442 15.63 20.74 3.41
N SER A 443 16.50 19.82 3.83
CA SER A 443 17.63 19.44 3.00
C SER A 443 17.37 18.13 2.29
N ASN A 444 18.14 17.85 1.24
CA ASN A 444 17.92 16.68 0.38
C ASN A 444 19.16 16.24 -0.44
N TRP A 445 19.43 14.92 -0.43
CA TRP A 445 20.58 14.36 -1.16
C TRP A 445 20.20 13.81 -2.53
N SER A 446 21.05 14.07 -3.53
CA SER A 446 20.85 13.62 -4.91
C SER A 446 22.08 12.90 -5.45
N PRO A 447 22.13 11.57 -5.25
CA PRO A 447 23.18 10.74 -5.87
C PRO A 447 23.00 10.62 -7.40
N SER A 448 24.09 10.31 -8.11
CA SER A 448 24.11 10.39 -9.56
C SER A 448 25.22 9.53 -10.23
N LEU A 449 24.84 8.38 -10.77
CA LEU A 449 25.78 7.50 -11.49
C LEU A 449 25.66 7.67 -13.01
N ASN A 450 26.74 7.49 -13.75
CA ASN A 450 26.67 7.61 -15.20
C ASN A 450 27.84 6.90 -15.88
N ILE A 451 27.52 5.89 -16.69
CA ILE A 451 28.50 4.98 -17.23
C ILE A 451 28.54 5.01 -18.75
N THR A 452 29.73 4.99 -19.31
CA THR A 452 29.90 4.77 -20.72
C THR A 452 30.92 3.61 -20.85
N GLN A 453 30.61 2.62 -21.69
CA GLN A 453 31.38 1.38 -21.78
C GLN A 453 31.55 0.94 -23.22
N LYS A 454 32.70 1.25 -23.82
CA LYS A 454 32.97 0.84 -25.20
C LYS A 454 32.81 -0.66 -25.27
N LEU A 455 32.18 -1.16 -26.33
CA LEU A 455 32.16 -2.58 -26.61
C LEU A 455 33.16 -2.91 -27.69
N ASN A 456 33.19 -2.11 -28.75
CA ASN A 456 34.22 -2.20 -29.77
C ASN A 456 34.19 -0.98 -30.69
N ASP A 457 35.03 -0.98 -31.70
CA ASP A 457 35.16 0.15 -32.60
C ASP A 457 33.82 0.71 -33.12
N TYR A 458 32.75 -0.07 -33.03
CA TYR A 458 31.47 0.34 -33.60
C TYR A 458 30.33 0.52 -32.59
N PHE A 459 30.31 -0.27 -31.52
CA PHE A 459 29.25 -0.18 -30.53
C PHE A 459 29.77 0.42 -29.23
N THR A 460 28.84 0.78 -28.37
CA THR A 460 29.17 1.24 -27.04
C THR A 460 27.88 1.25 -26.23
N LEU A 461 28.01 0.98 -24.95
CA LEU A 461 26.88 0.78 -24.05
C LEU A 461 26.85 1.97 -23.11
N LYS A 462 25.67 2.41 -22.70
CA LYS A 462 25.56 3.67 -21.94
C LYS A 462 24.42 3.62 -20.99
N GLY A 463 24.60 4.20 -19.83
CA GLY A 463 23.49 4.32 -18.90
C GLY A 463 23.76 5.31 -17.79
N GLY A 464 22.69 5.75 -17.13
CA GLY A 464 22.81 6.54 -15.92
C GLY A 464 21.66 6.34 -14.96
N VAL A 465 21.94 6.52 -13.66
CA VAL A 465 20.90 6.59 -12.63
C VAL A 465 21.09 7.84 -11.81
N ALA A 466 20.04 8.65 -11.70
CA ALA A 466 20.17 9.92 -10.98
C ALA A 466 18.90 10.30 -10.24
N LYS A 467 19.05 10.97 -9.11
CA LYS A 467 17.91 11.38 -8.32
C LYS A 467 17.75 12.87 -8.42
N ALA A 468 16.70 13.31 -9.13
CA ALA A 468 16.45 14.70 -9.35
C ALA A 468 15.71 15.35 -8.19
N TYR A 469 15.79 16.69 -8.14
CA TYR A 469 15.23 17.52 -7.08
C TYR A 469 14.21 18.50 -7.67
N LYS A 470 13.18 18.85 -6.91
CA LYS A 470 12.48 20.14 -7.13
C LYS A 470 11.83 20.66 -5.83
N ALA A 471 12.22 21.87 -5.44
CA ALA A 471 11.59 22.53 -4.30
C ALA A 471 10.18 22.98 -4.65
N PRO A 472 9.31 23.08 -3.62
CA PRO A 472 7.99 23.57 -3.92
C PRO A 472 8.07 24.89 -4.66
N ASN A 473 7.09 25.17 -5.51
CA ASN A 473 7.01 26.47 -6.13
C ASN A 473 6.32 27.39 -5.12
N MET A 474 6.50 28.70 -5.29
CA MET A 474 6.16 29.63 -4.22
C MET A 474 4.70 29.62 -3.81
N TYR A 475 3.80 29.42 -4.75
CA TYR A 475 2.37 29.34 -4.44
C TYR A 475 2.06 28.09 -3.63
N GLN A 476 2.68 26.98 -4.01
CA GLN A 476 2.50 25.74 -3.29
C GLN A 476 2.96 25.83 -1.85
N ASN A 477 4.02 26.60 -1.59
CA ASN A 477 4.53 26.76 -0.23
C ASN A 477 3.77 27.75 0.64
N ALA A 478 3.18 28.74 0.01
CA ALA A 478 2.78 29.95 0.69
C ALA A 478 1.48 29.84 1.45
N GLU A 479 1.53 30.01 2.77
CA GLU A 479 0.31 29.96 3.58
C GLU A 479 -0.68 31.09 3.25
N GLY A 480 -0.19 32.11 2.56
CA GLY A 480 -1.02 33.27 2.25
C GLY A 480 -1.75 33.13 0.92
N TYR A 481 -1.53 31.99 0.25
CA TYR A 481 -2.26 31.66 -0.98
C TYR A 481 -3.47 30.74 -0.66
N LEU A 482 -4.69 31.28 -0.81
CA LEU A 482 -5.92 30.50 -0.61
C LEU A 482 -6.78 30.61 -1.86
N LEU A 483 -7.39 29.48 -2.24
CA LEU A 483 -8.41 29.39 -3.32
C LEU A 483 -9.65 28.64 -2.80
N SER A 484 -10.74 28.66 -3.55
CA SER A 484 -11.99 28.03 -3.11
C SER A 484 -12.82 27.43 -4.24
N THR A 485 -13.63 26.40 -3.92
CA THR A 485 -14.78 26.03 -4.76
C THR A 485 -16.01 25.94 -3.90
N ASN A 486 -17.16 26.16 -4.50
CA ASN A 486 -18.41 25.93 -3.78
C ASN A 486 -18.67 24.41 -3.57
N GLY A 487 -18.31 23.59 -4.54
CA GLY A 487 -18.53 22.15 -4.43
C GLY A 487 -17.88 21.31 -5.50
N ASN A 488 -17.93 21.79 -6.72
CA ASN A 488 -17.56 20.99 -7.87
C ASN A 488 -16.09 20.61 -7.83
N GLY A 489 -15.24 21.57 -7.50
CA GLY A 489 -13.82 21.30 -7.33
C GLY A 489 -13.45 20.35 -6.22
N CYS A 490 -14.35 20.14 -5.26
CA CYS A 490 -14.05 19.28 -4.12
C CYS A 490 -13.75 17.85 -4.56
N PRO A 491 -12.86 17.17 -3.84
CA PRO A 491 -12.68 15.74 -4.12
C PRO A 491 -14.00 15.01 -3.96
N ALA A 492 -14.20 13.95 -4.74
CA ALA A 492 -15.51 13.35 -4.88
C ALA A 492 -16.05 12.88 -3.54
N ASN A 493 -15.17 12.74 -2.56
CA ASN A 493 -15.57 12.18 -1.27
C ASN A 493 -15.96 13.25 -0.24
N ILE A 494 -15.75 14.50 -0.57
CA ILE A 494 -16.20 15.59 0.27
C ILE A 494 -17.51 16.11 -0.28
N GLU A 495 -18.30 16.73 0.58
CA GLU A 495 -19.71 17.03 0.30
C GLU A 495 -19.93 18.41 -0.36
N SER A 496 -19.61 19.49 0.36
CA SER A 496 -19.92 20.84 -0.16
C SER A 496 -18.65 21.64 -0.47
N ARG A 497 -18.26 22.57 0.39
CA ARG A 497 -17.35 23.68 0.02
C ARG A 497 -15.90 23.49 0.49
N CYS A 498 -14.93 23.61 -0.41
CA CYS A 498 -13.54 23.29 -0.07
C CYS A 498 -12.64 24.47 -0.29
N LEU A 499 -11.65 24.62 0.57
CA LEU A 499 -10.60 25.60 0.38
C LEU A 499 -9.28 24.89 0.16
N LEU A 500 -8.38 25.55 -0.56
CA LEU A 500 -7.04 25.02 -0.76
C LEU A 500 -6.01 26.06 -0.37
N GLN A 501 -5.20 25.72 0.63
CA GLN A 501 -4.18 26.63 1.14
C GLN A 501 -2.78 26.13 0.79
N GLY A 502 -1.83 27.06 0.67
CA GLY A 502 -0.42 26.68 0.53
C GLY A 502 0.09 26.01 1.79
N ASN A 503 1.24 25.36 1.67
CA ASN A 503 1.80 24.53 2.75
C ASN A 503 3.30 24.74 2.89
N GLY A 504 3.73 25.29 4.02
CA GLY A 504 5.15 25.54 4.26
C GLY A 504 5.91 24.29 4.63
N ASP A 505 5.17 23.20 4.91
CA ASP A 505 5.72 21.95 5.46
C ASP A 505 5.78 20.83 4.43
N LEU A 506 5.50 21.18 3.17
CA LEU A 506 5.76 20.28 2.05
C LEU A 506 7.22 19.81 1.97
N LYS A 507 7.39 18.51 1.67
CA LYS A 507 8.66 17.94 1.23
C LYS A 507 8.94 18.28 -0.23
N PRO A 508 10.21 18.21 -0.68
CA PRO A 508 10.45 18.53 -2.07
C PRO A 508 10.11 17.37 -2.98
N GLU A 509 9.93 17.67 -4.27
CA GLU A 509 9.75 16.64 -5.30
C GLU A 509 11.07 15.94 -5.56
N THR A 510 11.00 14.63 -5.70
CA THR A 510 12.19 13.80 -5.89
C THR A 510 11.85 12.87 -7.01
N SER A 511 12.81 12.49 -7.85
CA SER A 511 12.52 11.52 -8.91
C SER A 511 13.75 10.73 -9.28
N VAL A 512 13.67 9.39 -9.20
CA VAL A 512 14.80 8.56 -9.62
C VAL A 512 14.71 8.25 -11.09
N ASN A 513 15.64 8.79 -11.85
CA ASN A 513 15.55 8.76 -13.31
C ASN A 513 16.66 7.87 -13.86
N LYS A 514 16.24 6.86 -14.59
CA LYS A 514 17.11 5.84 -15.13
C LYS A 514 17.03 5.87 -16.63
N GLU A 515 18.15 5.62 -17.29
CA GLU A 515 18.15 5.33 -18.73
C GLU A 515 19.32 4.37 -19.06
N LEU A 516 19.16 3.59 -20.12
CA LEU A 516 20.13 2.53 -20.47
C LEU A 516 19.94 2.19 -21.95
N GLY A 517 21.03 2.02 -22.67
CA GLY A 517 20.90 1.88 -24.10
C GLY A 517 22.19 1.64 -24.82
N ILE A 518 22.04 1.42 -26.12
CA ILE A 518 23.13 1.03 -26.98
C ILE A 518 23.28 2.13 -28.02
N GLN A 519 24.52 2.41 -28.37
CA GLN A 519 24.89 3.41 -29.36
C GLN A 519 25.73 2.69 -30.45
N PHE A 520 25.31 2.81 -31.71
CA PHE A 520 26.02 2.18 -32.83
C PHE A 520 26.51 3.21 -33.83
N GLN A 521 27.72 3.02 -34.34
CA GLN A 521 28.28 3.95 -35.31
C GLN A 521 29.39 3.30 -36.14
N LYS A 522 29.01 3.01 -37.39
CA LYS A 522 29.93 2.77 -38.47
C LYS A 522 30.07 4.18 -39.01
N ASP A 523 30.90 4.41 -40.02
CA ASP A 523 30.77 5.68 -40.72
C ASP A 523 29.51 5.55 -41.57
N ILE A 524 28.94 6.68 -41.99
CA ILE A 524 27.72 6.69 -42.81
C ILE A 524 26.47 6.29 -42.03
N VAL A 525 26.61 5.52 -40.96
CA VAL A 525 25.47 5.10 -40.17
C VAL A 525 25.70 5.17 -38.69
N ASN A 526 24.69 5.63 -37.97
CA ASN A 526 24.73 5.61 -36.52
C ASN A 526 23.33 5.41 -36.01
N ALA A 527 23.20 4.85 -34.82
CA ALA A 527 21.90 4.63 -34.25
C ALA A 527 21.99 4.48 -32.74
N SER A 528 20.89 4.79 -32.07
CA SER A 528 20.77 4.48 -30.66
C SER A 528 19.39 3.91 -30.36
N LEU A 529 19.34 3.11 -29.32
CA LEU A 529 18.09 2.76 -28.68
C LEU A 529 18.32 2.81 -27.19
N THR A 530 17.38 3.40 -26.47
CA THR A 530 17.56 3.57 -25.05
C THR A 530 16.22 3.43 -24.34
N TRP A 531 16.22 2.63 -23.28
CA TRP A 531 15.07 2.48 -22.41
C TRP A 531 15.19 3.59 -21.40
N PHE A 532 14.07 4.27 -21.10
CA PHE A 532 14.06 5.27 -20.00
C PHE A 532 12.90 5.07 -19.06
N ARG A 533 13.16 5.35 -17.79
CA ARG A 533 12.18 5.09 -16.76
C ARG A 533 12.42 5.99 -15.57
N ASN A 534 11.44 6.83 -15.26
CA ASN A 534 11.50 7.73 -14.11
C ASN A 534 10.45 7.33 -13.09
N ASP A 535 10.89 7.23 -11.85
CA ASP A 535 10.00 7.05 -10.72
C ASP A 535 9.92 8.34 -9.95
N TYR A 536 8.86 9.06 -10.23
CA TYR A 536 8.70 10.41 -9.80
C TYR A 536 7.92 10.39 -8.50
N LYS A 537 8.54 10.93 -7.46
CA LYS A 537 8.09 10.75 -6.08
C LYS A 537 7.66 12.07 -5.40
N ASP A 538 6.66 12.01 -4.54
CA ASP A 538 6.21 13.18 -3.80
C ASP A 538 5.94 14.43 -4.65
N LYS A 539 5.34 14.24 -5.82
CA LYS A 539 4.96 15.39 -6.65
C LYS A 539 3.93 16.22 -5.93
N ILE A 540 4.04 17.54 -6.01
CA ILE A 540 3.21 18.44 -5.24
C ILE A 540 1.96 18.76 -5.99
N VAL A 541 0.80 18.46 -5.42
CA VAL A 541 -0.47 18.71 -6.08
C VAL A 541 -1.60 18.99 -5.09
N ALA A 542 -2.72 19.51 -5.60
CA ALA A 542 -3.91 19.78 -4.78
C ALA A 542 -4.31 18.56 -3.98
N GLY A 543 -4.32 18.73 -2.67
CA GLY A 543 -4.56 17.65 -1.73
C GLY A 543 -6.00 17.19 -1.68
N THR A 544 -6.20 16.04 -1.03
CA THR A 544 -7.48 15.35 -0.99
C THR A 544 -7.89 14.96 0.41
N HIS A 545 -7.12 15.37 1.40
CA HIS A 545 -7.50 15.08 2.77
C HIS A 545 -7.79 16.41 3.49
N VAL A 546 -8.86 16.41 4.26
CA VAL A 546 -9.27 17.60 5.01
C VAL A 546 -8.46 17.70 6.29
N VAL A 547 -7.56 18.66 6.34
CA VAL A 547 -6.73 18.88 7.53
C VAL A 547 -7.46 19.55 8.70
N GLY A 548 -8.67 20.08 8.44
CA GLY A 548 -9.48 20.69 9.47
C GLY A 548 -10.55 21.55 8.85
N THR A 549 -11.25 22.31 9.67
CA THR A 549 -12.36 23.11 9.16
C THR A 549 -12.35 24.52 9.74
N VAL A 550 -12.98 25.48 9.04
CA VAL A 550 -13.05 26.88 9.51
C VAL A 550 -14.36 27.56 9.14
N ASP A 551 -14.85 28.45 10.01
CA ASP A 551 -16.10 29.20 9.76
C ASP A 551 -15.83 30.60 9.26
N GLY A 552 -16.32 30.88 8.05
CA GLY A 552 -15.99 32.10 7.36
C GLY A 552 -17.21 32.98 7.12
N SER A 553 -17.13 34.20 7.63
CA SER A 553 -18.21 35.12 7.46
C SER A 553 -18.08 35.82 6.12
N SER A 554 -19.23 36.00 5.47
CA SER A 554 -19.32 36.70 4.20
C SER A 554 -20.44 37.77 4.29
N THR A 555 -20.05 39.03 4.51
CA THR A 555 -21.01 40.10 4.66
C THR A 555 -21.52 40.62 3.31
N ASN A 556 -22.82 40.87 3.26
CA ASN A 556 -23.46 41.46 2.11
C ASN A 556 -22.95 42.89 1.94
N ALA A 557 -22.43 43.20 0.75
CA ALA A 557 -21.84 44.51 0.48
C ALA A 557 -22.78 45.68 0.82
N ASN A 558 -24.05 45.54 0.46
CA ASN A 558 -25.02 46.65 0.53
C ASN A 558 -25.88 46.61 1.79
N THR A 559 -26.04 45.42 2.36
CA THR A 559 -26.96 45.19 3.47
C THR A 559 -26.22 45.01 4.80
N GLY A 560 -24.98 44.56 4.76
CA GLY A 560 -24.27 44.22 5.99
C GLY A 560 -24.71 42.88 6.56
N ALA A 561 -25.66 42.23 5.89
CA ALA A 561 -26.12 40.89 6.27
C ALA A 561 -24.96 39.90 6.25
N VAL A 562 -24.73 39.21 7.37
CA VAL A 562 -23.64 38.22 7.49
C VAL A 562 -24.11 36.79 7.20
N THR A 563 -23.21 35.95 6.68
CA THR A 563 -23.51 34.51 6.61
C THR A 563 -22.23 33.71 6.80
N ASN A 564 -22.30 32.74 7.69
CA ASN A 564 -21.14 31.94 8.01
C ASN A 564 -21.18 30.62 7.27
N THR A 565 -20.02 30.17 6.82
CA THR A 565 -19.94 29.01 6.00
C THR A 565 -18.85 28.10 6.54
N LYS A 566 -19.21 26.85 6.80
CA LYS A 566 -18.25 25.88 7.23
C LYS A 566 -17.46 25.46 5.99
N TRP A 567 -16.15 25.68 6.01
CA TRP A 567 -15.31 25.30 4.89
C TRP A 567 -14.48 24.08 5.28
N ASN A 568 -14.28 23.19 4.31
CA ASN A 568 -13.34 22.09 4.44
C ASN A 568 -11.97 22.61 3.98
N ILE A 569 -10.94 22.35 4.77
CA ILE A 569 -9.64 22.87 4.46
C ILE A 569 -8.76 21.77 3.87
N LEU A 570 -8.42 21.93 2.59
CA LEU A 570 -7.40 21.10 1.95
C LEU A 570 -6.12 21.91 1.85
N ARG A 571 -5.00 21.23 1.70
CA ARG A 571 -3.76 21.94 1.41
C ARG A 571 -2.92 21.23 0.35
N TRP A 572 -2.11 21.98 -0.37
CA TRP A 572 -1.16 21.37 -1.26
C TRP A 572 -0.43 20.25 -0.51
N GLU A 573 -0.14 19.15 -1.21
CA GLU A 573 0.45 17.98 -0.55
C GLU A 573 1.25 17.16 -1.54
N ASN A 574 2.35 16.59 -1.09
CA ASN A 574 3.11 15.74 -2.00
C ASN A 574 2.41 14.38 -2.00
N THR A 575 2.12 13.85 -3.21
CA THR A 575 1.45 12.57 -3.41
C THR A 575 2.50 11.52 -3.82
N PRO A 576 2.35 10.25 -3.35
CA PRO A 576 3.48 9.32 -3.29
C PRO A 576 4.24 9.04 -4.60
N LYS A 577 3.57 8.57 -5.65
CA LYS A 577 4.30 8.13 -6.86
C LYS A 577 3.62 8.29 -8.20
N ALA A 578 4.41 8.70 -9.19
CA ALA A 578 4.00 8.63 -10.59
C ALA A 578 5.04 7.77 -11.30
N LEU A 579 4.62 7.10 -12.39
CA LEU A 579 5.54 6.26 -13.17
C LEU A 579 5.64 6.72 -14.60
N ILE A 580 6.85 7.02 -15.03
CA ILE A 580 7.13 7.28 -16.43
C ILE A 580 8.08 6.22 -16.99
N GLN A 581 7.80 5.79 -18.23
CA GLN A 581 8.66 4.79 -18.87
C GLN A 581 8.48 4.79 -20.37
N GLY A 582 9.55 4.43 -21.10
CA GLY A 582 9.47 4.42 -22.55
C GLY A 582 10.79 4.11 -23.22
N PHE A 583 10.80 4.26 -24.54
CA PHE A 583 12.01 4.05 -25.34
C PHE A 583 12.28 5.25 -26.25
N GLU A 584 13.54 5.59 -26.42
CA GLU A 584 13.95 6.59 -27.38
C GLU A 584 14.87 5.84 -28.33
N GLY A 585 14.76 6.12 -29.62
CA GLY A 585 15.75 5.66 -30.56
C GLY A 585 16.05 6.80 -31.50
N SER A 586 17.20 6.73 -32.15
CA SER A 586 17.57 7.71 -33.15
C SER A 586 18.34 7.00 -34.25
N LEU A 587 18.30 7.56 -35.45
CA LEU A 587 18.97 6.95 -36.58
C LEU A 587 19.55 7.99 -37.51
N GLY A 588 20.83 7.87 -37.81
CA GLY A 588 21.50 8.83 -38.69
C GLY A 588 22.14 8.18 -39.90
N LEU A 589 21.82 8.72 -41.08
CA LEU A 589 22.34 8.21 -42.34
C LEU A 589 22.97 9.31 -43.17
N ASP A 590 24.31 9.31 -43.23
CA ASP A 590 25.07 10.43 -43.79
C ASP A 590 25.71 9.96 -45.10
N PHE A 591 25.22 10.46 -46.23
CA PHE A 591 25.83 10.14 -47.52
C PHE A 591 26.54 11.36 -48.12
N GLY A 592 27.27 12.11 -47.29
CA GLY A 592 27.90 13.34 -47.73
C GLY A 592 26.87 14.42 -48.07
N ASP A 593 26.57 14.57 -49.37
CA ASP A 593 25.63 15.60 -49.85
C ASP A 593 24.19 15.31 -49.43
N ILE A 594 23.83 14.02 -49.39
CA ILE A 594 22.51 13.59 -48.93
C ILE A 594 22.58 13.09 -47.47
N ARG A 595 21.64 13.54 -46.63
CA ARG A 595 21.63 13.13 -45.21
C ARG A 595 20.23 13.02 -44.61
N TRP A 596 20.13 12.14 -43.61
CA TRP A 596 18.87 11.83 -42.94
C TRP A 596 19.06 11.77 -41.42
N THR A 597 18.27 12.55 -40.69
CA THR A 597 18.25 12.44 -39.24
C THR A 597 16.83 12.06 -38.82
N ASN A 598 16.69 10.87 -38.23
CA ASN A 598 15.40 10.37 -37.74
C ASN A 598 15.44 9.93 -36.28
N ASN A 599 14.32 10.08 -35.60
CA ASN A 599 14.13 9.48 -34.29
C ASN A 599 12.69 9.01 -34.07
N PHE A 600 12.53 8.24 -33.02
CA PHE A 600 11.23 7.86 -32.56
C PHE A 600 11.32 7.83 -31.04
N THR A 601 10.15 7.83 -30.42
CA THR A 601 10.04 7.83 -28.98
C THR A 601 8.75 7.08 -28.72
N TYR A 602 8.76 6.10 -27.84
CA TYR A 602 7.54 5.35 -27.53
C TYR A 602 7.33 5.41 -26.05
N MET A 603 6.09 5.67 -25.66
CA MET A 603 5.77 6.06 -24.29
C MET A 603 4.91 4.96 -23.70
N MET A 604 5.55 4.12 -22.89
CA MET A 604 4.93 2.91 -22.34
C MET A 604 4.11 3.25 -21.14
N ASP A 605 4.50 4.26 -20.39
CA ASP A 605 3.82 4.54 -19.13
C ASP A 605 3.88 6.01 -18.75
N SER A 606 2.72 6.55 -18.41
CA SER A 606 2.61 7.84 -17.79
C SER A 606 1.41 7.77 -16.89
N LYS A 607 1.62 7.48 -15.62
CA LYS A 607 0.47 7.38 -14.76
C LYS A 607 0.85 7.69 -13.33
N ASP A 608 0.02 8.49 -12.66
CA ASP A 608 0.08 8.62 -11.22
C ASP A 608 -0.52 7.35 -10.60
N LYS A 609 0.14 6.80 -9.61
CA LYS A 609 -0.26 5.52 -9.06
C LYS A 609 -1.47 5.67 -8.13
N GLN A 610 -2.01 6.88 -8.01
CA GLN A 610 -3.11 7.14 -7.08
C GLN A 610 -4.38 7.49 -7.84
N THR A 611 -4.27 8.42 -8.79
CA THR A 611 -5.40 8.77 -9.63
C THR A 611 -5.59 7.84 -10.83
N GLY A 612 -4.47 7.30 -11.35
CA GLY A 612 -4.42 6.53 -12.61
C GLY A 612 -4.30 7.42 -13.85
N ASN A 613 -4.11 8.73 -13.66
CA ASN A 613 -4.08 9.65 -14.79
C ASN A 613 -2.67 9.90 -15.31
N PRO A 614 -2.54 10.31 -16.58
CA PRO A 614 -1.23 10.66 -17.05
C PRO A 614 -0.78 12.03 -16.52
N LEU A 615 0.53 12.24 -16.43
CA LEU A 615 1.08 13.47 -15.91
C LEU A 615 0.83 14.60 -16.90
N SER A 616 0.82 14.28 -18.17
CA SER A 616 0.95 15.30 -19.20
C SER A 616 0.50 14.74 -20.56
N LEU A 617 -0.38 15.43 -21.24
CA LEU A 617 -0.93 14.94 -22.48
C LEU A 617 0.12 14.92 -23.58
N VAL A 618 0.56 13.73 -23.97
CA VAL A 618 1.58 13.57 -25.02
C VAL A 618 1.31 12.31 -25.81
N PRO A 619 1.66 12.34 -27.11
CA PRO A 619 1.33 11.20 -27.95
C PRO A 619 2.02 9.94 -27.41
N ILE A 620 1.39 8.79 -27.57
CA ILE A 620 1.94 7.55 -27.10
C ILE A 620 3.23 7.22 -27.87
N TYR A 621 3.27 7.60 -29.15
CA TYR A 621 4.52 7.56 -29.91
C TYR A 621 4.68 8.82 -30.77
N THR A 622 5.93 9.12 -31.10
CA THR A 622 6.22 10.26 -31.94
C THR A 622 7.45 9.97 -32.76
N ILE A 623 7.30 9.99 -34.09
CA ILE A 623 8.40 9.72 -35.01
C ILE A 623 8.79 10.98 -35.76
N ASN A 624 10.09 11.24 -35.90
CA ASN A 624 10.56 12.42 -36.60
C ASN A 624 11.57 12.06 -37.67
N SER A 625 11.49 12.76 -38.80
CA SER A 625 12.47 12.60 -39.87
C SER A 625 12.86 13.94 -40.41
N ILE A 626 14.15 14.20 -40.45
CA ILE A 626 14.66 15.33 -41.20
C ILE A 626 15.59 14.87 -42.36
N PHE A 627 15.42 15.50 -43.52
CA PHE A 627 16.16 15.16 -44.75
C PHE A 627 16.84 16.40 -45.32
N ASP A 628 18.12 16.22 -45.68
CA ASP A 628 18.89 17.28 -46.25
C ASP A 628 19.62 16.82 -47.51
N TYR A 629 19.60 17.68 -48.51
CA TYR A 629 20.22 17.42 -49.81
C TYR A 629 20.82 18.73 -50.32
N ASP A 630 22.16 18.78 -50.36
CA ASP A 630 22.85 19.92 -50.94
C ASP A 630 23.03 19.67 -52.45
N ILE A 631 22.21 20.36 -53.25
CA ILE A 631 22.18 20.11 -54.69
C ILE A 631 23.40 20.73 -55.38
N THR A 632 23.71 21.97 -55.01
CA THR A 632 24.95 22.64 -55.41
C THR A 632 25.52 23.28 -54.16
N ASP A 633 26.60 24.04 -54.27
CA ASP A 633 27.14 24.73 -53.11
C ASP A 633 26.18 25.83 -52.63
N GLN A 634 25.42 26.39 -53.57
CA GLN A 634 24.44 27.42 -53.24
C GLN A 634 23.10 26.82 -52.89
N LEU A 635 22.63 25.94 -53.77
CA LEU A 635 21.28 25.39 -53.69
C LEU A 635 21.16 24.21 -52.75
N ASP A 636 20.06 24.19 -52.01
CA ASP A 636 19.88 23.27 -50.91
C ASP A 636 18.38 22.96 -50.86
N VAL A 637 18.01 21.73 -50.51
CA VAL A 637 16.61 21.41 -50.29
C VAL A 637 16.52 20.64 -48.99
N ASN A 638 15.42 20.83 -48.27
CA ASN A 638 15.28 20.25 -46.95
C ASN A 638 13.87 19.77 -46.67
N PHE A 639 13.72 18.59 -46.08
CA PHE A 639 12.40 17.96 -45.88
C PHE A 639 12.25 17.48 -44.45
N VAL A 640 11.07 17.68 -43.87
CA VAL A 640 10.79 17.32 -42.47
C VAL A 640 9.45 16.60 -42.42
N PHE A 641 9.36 15.60 -41.55
CA PHE A 641 8.12 14.81 -41.42
C PHE A 641 8.03 14.33 -39.99
N THR A 642 6.85 14.43 -39.44
CA THR A 642 6.63 14.08 -38.08
C THR A 642 5.33 13.31 -38.02
N GLN A 643 5.31 12.30 -37.17
CA GLN A 643 4.18 11.40 -37.08
C GLN A 643 3.88 11.21 -35.59
N TYR A 644 2.61 11.43 -35.24
CA TYR A 644 2.17 11.36 -33.87
C TYR A 644 1.17 10.24 -33.74
N GLY A 645 1.43 9.29 -32.83
CA GLY A 645 0.40 8.36 -32.39
C GLY A 645 -0.64 9.05 -31.51
N ARG A 646 -1.45 8.27 -30.81
CA ARG A 646 -2.68 8.76 -30.19
C ARG A 646 -2.46 9.44 -28.82
N GLN A 647 -3.04 10.64 -28.69
CA GLN A 647 -2.99 11.42 -27.45
C GLN A 647 -4.25 11.19 -26.65
N LYS A 648 -4.15 10.38 -25.61
CA LYS A 648 -5.32 10.13 -24.75
C LYS A 648 -5.47 11.23 -23.71
N SER A 649 -6.72 11.47 -23.32
CA SER A 649 -7.05 12.45 -22.30
C SER A 649 -6.89 11.82 -20.94
N ARG A 650 -6.91 12.64 -19.90
CA ARG A 650 -7.04 12.14 -18.54
C ARG A 650 -8.19 11.10 -18.53
N GLN A 651 -8.02 10.01 -17.79
CA GLN A 651 -8.95 8.89 -17.82
C GLN A 651 -9.84 8.78 -16.59
N PHE A 652 -9.49 9.45 -15.49
CA PHE A 652 -10.18 9.21 -14.22
C PHE A 652 -10.49 10.50 -13.47
N ALA A 653 -11.71 10.57 -12.96
CA ALA A 653 -12.20 11.73 -12.26
C ALA A 653 -11.48 11.93 -10.94
N GLU A 654 -11.18 13.21 -10.64
CA GLU A 654 -10.61 13.62 -9.35
C GLU A 654 -11.39 14.72 -8.64
N ASN A 655 -12.66 14.90 -8.93
CA ASN A 655 -13.48 15.77 -8.12
C ASN A 655 -14.97 15.49 -8.38
N ARG A 656 -15.83 16.26 -7.73
CA ARG A 656 -17.25 15.97 -7.78
C ARG A 656 -17.74 16.03 -9.22
N LEU A 657 -17.38 17.10 -9.91
CA LEU A 657 -17.92 17.38 -11.24
C LEU A 657 -17.56 16.24 -12.19
N GLU A 658 -16.30 15.83 -12.12
CA GLU A 658 -15.78 14.81 -13.01
C GLU A 658 -16.40 13.45 -12.65
N SER A 659 -16.62 13.21 -11.36
CA SER A 659 -17.24 11.96 -10.90
C SER A 659 -18.73 11.88 -11.15
N GLY A 660 -19.28 12.85 -11.89
CA GLY A 660 -20.71 12.88 -12.13
C GLY A 660 -21.63 13.22 -10.96
N ILE A 661 -21.14 13.93 -9.96
CA ILE A 661 -21.98 14.32 -8.84
C ILE A 661 -21.86 15.79 -8.51
N GLY A 662 -21.37 16.60 -9.45
CA GLY A 662 -21.35 18.05 -9.28
C GLY A 662 -22.75 18.62 -9.53
N SER A 663 -22.85 19.94 -9.61
CA SER A 663 -24.15 20.55 -9.92
C SER A 663 -24.69 20.16 -11.29
N GLY A 664 -23.85 19.70 -12.20
CA GLY A 664 -24.32 19.37 -13.55
C GLY A 664 -24.75 17.92 -13.65
N GLY A 665 -24.49 17.16 -12.59
CA GLY A 665 -24.87 15.75 -12.54
C GLY A 665 -23.99 14.90 -13.44
N ALA A 666 -24.60 13.85 -13.99
CA ALA A 666 -23.88 12.85 -14.81
C ALA A 666 -23.48 13.38 -16.20
N ASN A 667 -24.20 14.39 -16.69
CA ASN A 667 -23.88 15.01 -17.96
C ASN A 667 -22.52 15.69 -17.92
N SER A 668 -22.18 16.25 -16.75
CA SER A 668 -20.89 16.94 -16.55
C SER A 668 -19.78 16.00 -16.13
N ALA A 669 -20.05 14.69 -16.14
CA ALA A 669 -19.04 13.69 -15.76
C ALA A 669 -17.93 13.63 -16.78
N LEU A 670 -16.80 13.09 -16.39
CA LEU A 670 -15.68 13.03 -17.29
C LEU A 670 -16.00 12.25 -18.57
N LYS A 671 -15.47 12.71 -19.69
CA LYS A 671 -15.74 12.13 -21.01
C LYS A 671 -14.36 11.89 -21.70
N PRO A 672 -13.69 10.80 -21.31
CA PRO A 672 -12.38 10.50 -21.85
C PRO A 672 -12.45 10.32 -23.35
N SER A 673 -11.48 10.87 -24.07
CA SER A 673 -11.41 10.80 -25.52
C SER A 673 -9.96 10.85 -25.91
N THR A 674 -9.67 10.55 -27.17
CA THR A 674 -8.30 10.33 -27.59
C THR A 674 -8.11 10.85 -28.99
N VAL A 675 -7.17 11.75 -29.20
CA VAL A 675 -6.94 12.26 -30.54
C VAL A 675 -6.34 11.16 -31.43
N LYS A 676 -6.92 10.94 -32.60
CA LYS A 676 -6.43 9.92 -33.52
C LYS A 676 -5.10 10.35 -34.11
N SER A 677 -4.24 9.39 -34.46
CA SER A 677 -2.88 9.73 -34.84
C SER A 677 -2.84 10.41 -36.19
N TYR A 678 -1.78 11.15 -36.46
CA TYR A 678 -1.68 11.95 -37.66
C TYR A 678 -0.24 12.41 -37.93
N SER A 679 -0.07 13.14 -39.03
CA SER A 679 1.26 13.50 -39.49
C SER A 679 1.26 14.86 -40.18
N THR A 680 2.40 15.54 -40.16
CA THR A 680 2.59 16.76 -40.92
C THR A 680 3.96 16.72 -41.58
N ALA A 681 4.14 17.51 -42.63
CA ALA A 681 5.41 17.57 -43.35
C ALA A 681 5.74 18.98 -43.78
N GLY A 682 7.01 19.22 -44.14
CA GLY A 682 7.40 20.51 -44.74
C GLY A 682 8.58 20.39 -45.69
N ILE A 683 8.67 21.32 -46.66
CA ILE A 683 9.86 21.44 -47.50
C ILE A 683 10.41 22.86 -47.52
N ASN A 684 11.70 22.95 -47.83
CA ASN A 684 12.37 24.22 -48.10
C ASN A 684 13.09 24.06 -49.39
N VAL A 685 13.26 25.16 -50.10
CA VAL A 685 14.39 25.27 -51.00
C VAL A 685 15.21 26.45 -50.48
N GLY A 686 16.52 26.24 -50.34
CA GLY A 686 17.37 27.17 -49.61
C GLY A 686 18.49 27.61 -50.48
N TYR A 687 18.33 28.79 -51.08
CA TYR A 687 19.34 29.35 -51.98
C TYR A 687 20.23 30.40 -51.32
N LYS A 688 21.52 30.15 -51.38
CA LYS A 688 22.49 31.16 -50.99
C LYS A 688 22.83 32.02 -52.20
N PHE A 689 22.12 33.15 -52.36
CA PHE A 689 22.40 34.06 -53.49
C PHE A 689 23.84 34.59 -53.50
N SER A 690 24.53 34.51 -52.36
CA SER A 690 25.86 35.10 -52.24
C SER A 690 26.55 34.70 -50.93
N ASP A 691 27.82 35.08 -50.79
CA ASP A 691 28.54 34.86 -49.55
C ASP A 691 27.85 35.65 -48.44
N GLN A 692 27.40 36.85 -48.79
CA GLN A 692 26.76 37.78 -47.86
C GLN A 692 25.29 37.47 -47.66
N ILE A 693 24.61 37.09 -48.74
CA ILE A 693 23.16 36.95 -48.71
C ILE A 693 22.67 35.52 -48.83
N SER A 694 21.90 35.10 -47.82
CA SER A 694 21.21 33.83 -47.83
C SER A 694 19.74 34.11 -47.96
N THR A 695 18.98 33.05 -48.23
CA THR A 695 17.53 33.12 -48.26
C THR A 695 17.00 31.70 -48.29
N ARG A 696 15.78 31.53 -47.80
CA ARG A 696 15.16 30.22 -47.66
C ARG A 696 13.66 30.36 -47.75
N VAL A 697 13.06 29.72 -48.74
CA VAL A 697 11.61 29.74 -48.89
C VAL A 697 11.09 28.32 -48.70
N GLY A 698 9.94 28.20 -48.06
CA GLY A 698 9.38 26.89 -47.78
C GLY A 698 7.91 26.91 -47.37
N VAL A 699 7.36 25.73 -47.17
CA VAL A 699 5.99 25.60 -46.69
C VAL A 699 5.94 24.53 -45.59
N SER A 700 5.02 24.70 -44.64
CA SER A 700 4.89 23.84 -43.47
C SER A 700 3.44 23.36 -43.31
N ASN A 701 3.28 22.10 -42.90
CA ASN A 701 2.03 21.36 -42.97
C ASN A 701 1.57 21.30 -44.43
N LEU A 702 2.50 20.86 -45.26
CA LEU A 702 2.29 20.68 -46.70
C LEU A 702 0.96 20.04 -47.06
N PHE A 703 0.46 19.10 -46.25
CA PHE A 703 -0.83 18.43 -46.55
C PHE A 703 -2.07 19.15 -45.92
N ASP A 704 -1.89 20.37 -45.41
CA ASP A 704 -2.94 21.07 -44.62
C ASP A 704 -3.68 20.21 -43.58
N LYS A 705 -2.93 19.37 -42.83
CA LYS A 705 -3.50 18.62 -41.71
C LYS A 705 -3.74 19.66 -40.62
N GLN A 706 -4.98 20.10 -40.49
CA GLN A 706 -5.29 21.17 -39.56
C GLN A 706 -6.31 20.77 -38.52
N ILE A 707 -5.90 20.78 -37.26
CA ILE A 707 -6.83 20.47 -36.19
C ILE A 707 -7.20 21.73 -35.38
N LEU A 708 -8.49 21.87 -35.10
CA LEU A 708 -9.03 22.97 -34.30
C LEU A 708 -9.31 22.55 -32.86
N ARG A 709 -9.14 23.50 -31.94
CA ARG A 709 -9.24 23.19 -30.51
C ARG A 709 -10.70 23.09 -30.09
N ASP A 710 -11.02 21.96 -29.48
CA ASP A 710 -12.38 21.61 -29.12
C ASP A 710 -12.54 21.89 -27.65
N SER A 711 -13.43 22.83 -27.31
CA SER A 711 -13.79 23.07 -25.93
C SER A 711 -14.59 21.92 -25.33
N ASN A 712 -15.37 21.23 -26.16
CA ASN A 712 -16.14 20.07 -25.66
C ASN A 712 -15.37 18.74 -25.55
N SER A 713 -14.04 18.79 -25.55
CA SER A 713 -13.25 17.57 -25.42
C SER A 713 -12.14 17.81 -24.42
N ILE A 714 -11.57 16.73 -23.90
CA ILE A 714 -10.39 16.87 -23.02
C ILE A 714 -9.17 16.18 -23.64
N SER A 715 -9.32 15.77 -24.91
CA SER A 715 -8.18 15.34 -25.71
C SER A 715 -7.83 16.34 -26.80
N GLN A 716 -8.77 16.69 -27.65
CA GLN A 716 -8.51 17.72 -28.66
C GLN A 716 -8.35 19.14 -28.04
N THR A 717 -7.20 19.40 -27.47
CA THR A 717 -7.02 20.56 -26.60
C THR A 717 -6.25 21.75 -27.22
N TYR A 718 -5.79 21.62 -28.47
CA TYR A 718 -4.85 22.60 -29.02
C TYR A 718 -5.09 22.81 -30.49
N ASN A 719 -4.55 23.89 -31.01
CA ASN A 719 -4.63 24.14 -32.44
C ASN A 719 -3.40 23.61 -33.16
N GLU A 720 -3.60 22.75 -34.14
CA GLU A 720 -2.52 22.36 -35.01
C GLU A 720 -2.65 23.24 -36.23
N PRO A 721 -1.68 24.15 -36.43
CA PRO A 721 -1.91 25.13 -37.49
C PRO A 721 -1.89 24.49 -38.85
N GLY A 722 -2.72 25.00 -39.73
CA GLY A 722 -2.78 24.52 -41.08
C GLY A 722 -1.59 24.88 -41.93
N ARG A 723 -1.78 24.85 -43.25
CA ARG A 723 -0.70 25.08 -44.20
C ARG A 723 -0.24 26.55 -44.14
N ALA A 724 1.07 26.74 -44.15
CA ALA A 724 1.66 28.08 -44.04
C ALA A 724 2.91 28.17 -44.90
N TYR A 725 2.98 29.23 -45.69
CA TYR A 725 4.15 29.50 -46.50
C TYR A 725 5.00 30.51 -45.77
N TYR A 726 6.29 30.20 -45.65
CA TYR A 726 7.19 31.03 -44.90
C TYR A 726 8.49 31.27 -45.68
N ALA A 727 9.24 32.30 -45.29
CA ALA A 727 10.53 32.65 -45.93
C ALA A 727 11.41 33.49 -45.01
N SER A 728 12.72 33.30 -45.11
CA SER A 728 13.67 34.01 -44.26
C SER A 728 14.93 34.35 -45.04
N LEU A 729 15.37 35.61 -44.96
CA LEU A 729 16.60 36.02 -45.62
C LEU A 729 17.57 36.70 -44.64
N LYS A 730 18.85 36.40 -44.82
CA LYS A 730 19.88 36.71 -43.85
C LYS A 730 21.05 37.39 -44.53
N TYR A 731 21.32 38.63 -44.11
CA TYR A 731 22.55 39.33 -44.47
C TYR A 731 23.63 38.90 -43.51
N SER A 732 24.85 38.84 -44.02
CA SER A 732 25.96 38.46 -43.20
C SER A 732 27.19 39.27 -43.63
N PHE A 733 27.58 40.20 -42.76
CA PHE A 733 28.65 41.12 -43.07
C PHE A 733 29.68 41.05 -41.94
N ILE B 27 -4.89 -60.37 18.29
CA ILE B 27 -5.62 -59.12 17.93
C ILE B 27 -4.67 -58.10 17.26
N PHE B 28 -5.22 -57.24 16.42
CA PHE B 28 -4.44 -56.41 15.51
C PHE B 28 -4.40 -54.94 15.94
N VAL B 29 -3.46 -54.19 15.37
CA VAL B 29 -3.31 -52.78 15.73
C VAL B 29 -3.29 -51.89 14.48
N THR B 30 -4.29 -51.02 14.37
CA THR B 30 -4.43 -50.17 13.19
C THR B 30 -3.39 -49.04 13.18
N ALA B 31 -3.27 -48.37 12.04
CA ALA B 31 -2.43 -47.16 11.97
C ALA B 31 -2.88 -46.12 12.99
N GLU B 32 -4.18 -45.87 13.06
CA GLU B 32 -4.66 -44.84 13.98
C GLU B 32 -4.19 -45.15 15.40
N GLU B 33 -4.42 -46.40 15.84
CA GLU B 33 -4.02 -46.79 17.18
C GLU B 33 -2.50 -46.68 17.40
N GLN B 34 -1.71 -46.98 16.37
CA GLN B 34 -0.27 -46.95 16.49
C GLN B 34 0.23 -45.55 16.76
N VAL B 35 -0.15 -44.58 15.92
CA VAL B 35 0.33 -43.21 16.06
C VAL B 35 -0.13 -42.57 17.36
N LYS B 36 -0.96 -43.24 18.16
CA LYS B 36 -1.25 -42.78 19.51
C LYS B 36 -0.15 -43.21 20.44
N GLN B 37 0.83 -43.90 19.91
CA GLN B 37 2.05 -44.20 20.65
C GLN B 37 3.13 -43.17 20.34
N SER B 38 2.81 -42.19 19.51
CA SER B 38 3.80 -41.17 19.12
C SER B 38 4.24 -40.32 20.31
N LEU B 39 5.37 -39.64 20.15
CA LEU B 39 5.87 -38.82 21.24
C LEU B 39 4.97 -37.62 21.51
N GLY B 40 4.44 -37.04 20.44
CA GLY B 40 3.56 -35.90 20.55
C GLY B 40 2.14 -36.29 20.88
N VAL B 41 2.00 -37.35 21.69
CA VAL B 41 0.67 -37.77 22.14
C VAL B 41 0.64 -37.95 23.66
N SER B 42 -0.43 -37.48 24.28
CA SER B 42 -0.63 -37.73 25.68
C SER B 42 -2.08 -38.00 25.94
N VAL B 43 -2.35 -38.63 27.08
CA VAL B 43 -3.66 -39.14 27.38
C VAL B 43 -4.03 -38.85 28.82
N ILE B 44 -5.10 -38.08 29.01
CA ILE B 44 -5.61 -37.79 30.33
C ILE B 44 -6.78 -38.70 30.67
N THR B 45 -6.81 -39.16 31.92
CA THR B 45 -7.86 -40.05 32.38
C THR B 45 -8.87 -39.36 33.30
N LYS B 46 -9.98 -40.04 33.56
CA LYS B 46 -11.04 -39.58 34.49
C LYS B 46 -10.43 -39.41 35.88
N GLU B 47 -9.51 -40.31 36.21
CA GLU B 47 -8.74 -40.26 37.46
C GLU B 47 -7.97 -38.93 37.63
N ASP B 48 -7.20 -38.54 36.62
CA ASP B 48 -6.46 -37.27 36.67
C ASP B 48 -7.47 -36.15 36.91
N LEU B 49 -8.49 -36.09 36.08
CA LEU B 49 -9.50 -35.05 36.19
C LEU B 49 -10.12 -34.91 37.57
N GLU B 50 -10.26 -36.03 38.28
CA GLU B 50 -10.88 -35.99 39.59
C GLU B 50 -9.89 -35.37 40.60
N LYS B 51 -8.61 -35.61 40.40
CA LYS B 51 -7.60 -35.18 41.36
C LYS B 51 -7.29 -33.71 41.28
N LEU B 52 -7.67 -33.10 40.16
CA LEU B 52 -7.36 -31.71 39.93
C LEU B 52 -8.50 -31.04 39.20
N PRO B 53 -9.63 -30.91 39.91
CA PRO B 53 -10.90 -30.39 39.38
C PRO B 53 -10.75 -29.20 38.45
N VAL B 54 -11.52 -29.20 37.38
CA VAL B 54 -11.60 -28.05 36.48
C VAL B 54 -12.73 -27.11 36.96
N ARG B 55 -12.63 -25.84 36.62
CA ARG B 55 -13.63 -24.86 37.03
C ARG B 55 -14.84 -24.99 36.09
N ASN B 56 -14.53 -25.04 34.80
CA ASN B 56 -15.56 -25.20 33.79
C ASN B 56 -15.01 -25.81 32.50
N ASP B 57 -14.18 -25.04 31.81
CA ASP B 57 -13.59 -25.44 30.56
C ASP B 57 -12.36 -26.33 30.83
N ILE B 58 -12.35 -27.51 30.22
CA ILE B 58 -11.26 -28.45 30.39
C ILE B 58 -9.88 -27.95 29.92
N SER B 59 -9.85 -26.91 29.08
CA SER B 59 -8.58 -26.34 28.60
C SER B 59 -7.68 -25.99 29.77
N ASP B 60 -8.27 -25.80 30.95
CA ASP B 60 -7.51 -25.54 32.15
C ASP B 60 -6.77 -26.75 32.65
N TYR B 61 -7.17 -27.92 32.22
CA TYR B 61 -6.35 -29.10 32.45
C TYR B 61 -5.55 -29.50 31.20
N VAL B 62 -6.13 -29.34 30.03
CA VAL B 62 -5.48 -29.74 28.81
C VAL B 62 -4.24 -28.91 28.58
N ARG B 63 -4.22 -27.71 29.16
CA ARG B 63 -3.10 -26.78 28.94
C ARG B 63 -1.80 -27.26 29.59
N ARG B 64 -1.92 -28.15 30.56
CA ARG B 64 -0.79 -28.70 31.28
C ARG B 64 0.04 -29.80 30.57
N MET B 65 -0.37 -30.22 29.38
CA MET B 65 0.41 -31.20 28.62
C MET B 65 1.61 -30.55 27.90
N PRO B 66 2.61 -31.35 27.55
CA PRO B 66 3.67 -30.84 26.70
C PRO B 66 3.18 -30.19 25.41
N GLY B 67 3.89 -29.16 24.95
CA GLY B 67 3.58 -28.50 23.69
C GLY B 67 2.19 -27.89 23.58
N VAL B 68 1.55 -27.64 24.73
CA VAL B 68 0.21 -27.03 24.76
C VAL B 68 0.22 -25.72 25.54
N ASN B 69 -0.51 -24.75 25.02
CA ASN B 69 -0.67 -23.47 25.68
C ASN B 69 -2.13 -23.07 25.83
N LEU B 70 -2.35 -22.00 26.58
CA LEU B 70 -3.66 -21.36 26.62
C LEU B 70 -3.47 -19.91 26.19
N THR B 71 -3.93 -19.57 24.98
CA THR B 71 -3.75 -18.23 24.43
C THR B 71 -4.92 -17.76 23.56
N GLY B 72 -4.90 -16.46 23.28
CA GLY B 72 -5.96 -15.81 22.55
C GLY B 72 -6.02 -16.27 21.10
N ASN B 73 -7.07 -15.88 20.42
CA ASN B 73 -7.28 -16.34 19.07
C ASN B 73 -6.28 -15.76 18.09
N SER B 74 -5.70 -14.61 18.41
CA SER B 74 -4.62 -14.12 17.55
C SER B 74 -3.57 -13.32 18.31
N ALA B 75 -2.34 -13.29 17.79
CA ALA B 75 -1.23 -12.70 18.51
C ALA B 75 -1.32 -11.16 18.62
N THR B 76 -2.44 -10.57 18.21
CA THR B 76 -2.60 -9.12 18.34
C THR B 76 -2.97 -8.75 19.79
N GLY B 77 -3.38 -9.73 20.58
CA GLY B 77 -3.85 -9.44 21.94
C GLY B 77 -5.31 -8.99 22.11
N GLN B 78 -6.02 -8.65 21.03
CA GLN B 78 -7.42 -8.21 21.14
C GLN B 78 -8.34 -9.35 21.56
N ARG B 79 -9.24 -9.06 22.50
CA ARG B 79 -10.07 -10.10 23.06
C ARG B 79 -9.22 -11.16 23.70
N GLY B 80 -8.20 -10.72 24.42
CA GLY B 80 -7.20 -11.55 25.06
C GLY B 80 -7.62 -12.44 26.21
N ASN B 81 -8.75 -12.16 26.85
CA ASN B 81 -9.27 -13.05 27.90
C ASN B 81 -10.12 -14.15 27.30
N ASN B 82 -10.12 -14.25 25.98
CA ASN B 82 -10.84 -15.33 25.29
C ASN B 82 -9.90 -16.49 24.94
N ARG B 83 -9.13 -16.93 25.93
CA ARG B 83 -8.04 -17.84 25.63
C ARG B 83 -8.54 -19.27 25.49
N GLN B 84 -7.93 -20.01 24.56
CA GLN B 84 -8.37 -21.39 24.28
C GLN B 84 -7.15 -22.23 23.91
N ILE B 85 -7.35 -23.52 23.71
CA ILE B 85 -6.26 -24.49 23.65
C ILE B 85 -5.39 -24.28 22.44
N ASP B 86 -4.11 -24.03 22.69
CA ASP B 86 -3.12 -23.85 21.63
C ASP B 86 -2.09 -24.98 21.67
N ILE B 87 -1.69 -25.50 20.52
CA ILE B 87 -0.75 -26.62 20.48
C ILE B 87 0.52 -26.23 19.71
N ARG B 88 1.64 -26.25 20.40
CA ARG B 88 2.92 -25.91 19.80
C ARG B 88 3.02 -24.54 19.15
N GLY B 89 2.24 -23.61 19.69
CA GLY B 89 2.30 -22.21 19.27
C GLY B 89 1.80 -21.95 17.86
N MET B 90 0.83 -22.75 17.41
CA MET B 90 0.35 -22.62 16.05
C MET B 90 -0.98 -21.89 15.98
N GLY B 91 -1.55 -21.59 17.14
CA GLY B 91 -2.81 -20.89 17.20
C GLY B 91 -3.95 -21.87 17.42
N PRO B 92 -5.00 -21.40 18.11
CA PRO B 92 -6.15 -22.24 18.34
C PRO B 92 -7.02 -22.55 17.11
N GLU B 93 -6.94 -21.75 16.04
CA GLU B 93 -7.71 -22.07 14.84
C GLU B 93 -7.15 -23.37 14.30
N ASN B 94 -5.95 -23.73 14.75
CA ASN B 94 -5.34 -24.96 14.31
C ASN B 94 -5.46 -26.12 15.33
N THR B 95 -6.31 -25.96 16.35
CA THR B 95 -6.60 -27.05 17.26
C THR B 95 -8.02 -27.59 17.02
N LEU B 96 -8.09 -28.73 16.35
CA LEU B 96 -9.31 -29.50 16.10
C LEU B 96 -9.79 -30.30 17.32
N ILE B 97 -10.89 -29.86 17.92
CA ILE B 97 -11.52 -30.56 19.03
C ILE B 97 -12.46 -31.59 18.45
N LEU B 98 -12.43 -32.81 19.00
CA LEU B 98 -13.34 -33.88 18.60
C LEU B 98 -14.05 -34.37 19.83
N VAL B 99 -15.24 -34.96 19.65
CA VAL B 99 -15.89 -35.73 20.70
C VAL B 99 -16.16 -37.15 20.24
N ASP B 100 -15.69 -38.13 21.00
CA ASP B 100 -15.65 -39.51 20.58
C ASP B 100 -15.34 -39.62 19.11
N GLY B 101 -14.31 -38.92 18.66
CA GLY B 101 -13.89 -39.01 17.25
C GLY B 101 -14.58 -38.09 16.26
N LYS B 102 -15.66 -37.42 16.69
CA LYS B 102 -16.49 -36.56 15.85
C LYS B 102 -16.22 -35.06 16.05
N PRO B 103 -15.91 -34.32 14.95
CA PRO B 103 -15.53 -32.89 15.02
C PRO B 103 -16.56 -31.91 15.54
N ILE B 104 -16.10 -31.00 16.39
CA ILE B 104 -16.89 -29.82 16.72
C ILE B 104 -16.36 -28.60 15.96
N ASN B 105 -17.22 -27.71 15.49
CA ASN B 105 -16.76 -26.58 14.72
C ASN B 105 -17.65 -25.34 14.97
N SER B 106 -18.24 -25.26 16.15
CA SER B 106 -19.27 -24.26 16.39
C SER B 106 -18.71 -22.86 16.27
N ARG B 107 -17.42 -22.70 16.51
CA ARG B 107 -16.89 -21.35 16.54
C ARG B 107 -16.84 -20.74 15.16
N ASN B 108 -16.80 -21.56 14.11
CA ASN B 108 -16.90 -20.99 12.76
C ASN B 108 -18.14 -20.11 12.59
N SER B 109 -19.14 -20.29 13.45
CA SER B 109 -20.31 -19.40 13.56
C SER B 109 -19.97 -17.94 13.75
N VAL B 110 -18.88 -17.68 14.46
CA VAL B 110 -18.52 -16.35 14.93
C VAL B 110 -17.66 -15.61 13.88
N ARG B 111 -17.95 -14.33 13.70
CA ARG B 111 -17.28 -13.55 12.68
C ARG B 111 -15.79 -13.60 12.90
N TYR B 112 -15.04 -13.93 11.86
CA TYR B 112 -13.57 -13.97 11.92
C TYR B 112 -13.07 -12.66 11.31
N GLY B 113 -12.30 -11.90 12.09
CA GLY B 113 -11.98 -10.52 11.76
C GLY B 113 -10.67 -10.25 11.06
N TRP B 114 -10.48 -8.98 10.70
CA TRP B 114 -9.44 -8.58 9.78
C TRP B 114 -8.07 -9.19 10.18
N LYS B 115 -7.79 -9.23 11.48
CA LYS B 115 -6.50 -9.70 12.01
C LYS B 115 -6.56 -11.07 12.71
N GLY B 116 -7.54 -11.88 12.37
CA GLY B 116 -7.63 -13.24 12.92
C GLY B 116 -8.30 -13.37 14.29
N GLU B 117 -8.91 -12.31 14.77
CA GLU B 117 -9.63 -12.36 16.03
C GLU B 117 -11.05 -12.87 15.83
N ARG B 118 -11.56 -13.58 16.84
CA ARG B 118 -12.98 -13.98 16.92
C ARG B 118 -13.44 -13.77 18.35
N ASP B 119 -14.62 -13.17 18.55
CA ASP B 119 -15.18 -13.04 19.90
C ASP B 119 -15.86 -14.35 20.34
N THR B 120 -15.05 -15.41 20.43
CA THR B 120 -15.49 -16.69 20.88
C THR B 120 -14.66 -17.10 22.06
N ARG B 121 -15.18 -18.06 22.79
CA ARG B 121 -14.48 -18.78 23.82
C ARG B 121 -14.01 -20.11 23.27
N GLY B 122 -14.44 -20.45 22.07
CA GLY B 122 -14.07 -21.73 21.47
C GLY B 122 -14.89 -22.90 21.94
N ASP B 123 -14.38 -24.10 21.63
CA ASP B 123 -15.18 -25.32 21.60
C ASP B 123 -14.67 -26.43 22.54
N SER B 124 -13.78 -26.05 23.44
CA SER B 124 -13.38 -26.97 24.48
C SER B 124 -14.27 -26.90 25.73
N ASN B 125 -15.48 -26.37 25.59
CA ASN B 125 -16.35 -26.17 26.75
C ASN B 125 -17.69 -26.80 26.50
N TRP B 126 -17.79 -27.66 25.49
CA TRP B 126 -19.07 -28.27 25.15
C TRP B 126 -19.38 -29.54 25.96
N VAL B 127 -18.37 -30.20 26.48
CA VAL B 127 -18.60 -31.38 27.27
C VAL B 127 -18.19 -31.09 28.70
N PRO B 128 -19.14 -31.23 29.61
CA PRO B 128 -18.84 -30.99 31.01
C PRO B 128 -17.72 -31.91 31.47
N ALA B 129 -16.82 -31.36 32.27
CA ALA B 129 -15.73 -32.16 32.88
C ALA B 129 -16.20 -33.53 33.43
N GLU B 130 -17.28 -33.52 34.22
CA GLU B 130 -17.70 -34.71 34.94
C GLU B 130 -18.27 -35.79 34.03
N ALA B 131 -18.46 -35.46 32.77
CA ALA B 131 -18.98 -36.41 31.82
C ALA B 131 -17.87 -37.02 30.97
N ILE B 132 -16.63 -36.68 31.27
CA ILE B 132 -15.51 -37.17 30.47
C ILE B 132 -14.85 -38.43 31.02
N GLU B 133 -14.74 -39.42 30.14
CA GLU B 133 -14.01 -40.65 30.42
C GLU B 133 -12.49 -40.50 30.22
N SER B 134 -12.10 -39.93 29.08
CA SER B 134 -10.67 -39.82 28.69
C SER B 134 -10.48 -38.63 27.71
N ILE B 135 -9.28 -38.06 27.69
CA ILE B 135 -8.97 -37.01 26.71
C ILE B 135 -7.68 -37.32 25.99
N GLU B 136 -7.72 -37.34 24.66
CA GLU B 136 -6.51 -37.69 23.89
C GLU B 136 -5.94 -36.44 23.23
N VAL B 137 -4.71 -36.08 23.55
CA VAL B 137 -4.09 -34.89 22.92
C VAL B 137 -3.01 -35.34 21.96
N LEU B 138 -3.22 -35.08 20.69
CA LEU B 138 -2.29 -35.47 19.63
C LEU B 138 -1.66 -34.21 19.11
N ARG B 139 -0.33 -34.16 19.16
CA ARG B 139 0.39 -32.99 18.69
C ARG B 139 1.23 -33.35 17.46
N GLY B 140 1.33 -32.41 16.53
CA GLY B 140 2.22 -32.57 15.39
C GLY B 140 1.84 -33.67 14.44
N PRO B 141 2.83 -34.45 13.99
CA PRO B 141 2.64 -35.40 12.88
C PRO B 141 1.52 -36.42 13.10
N ALA B 142 1.33 -36.87 14.33
CA ALA B 142 0.27 -37.84 14.61
C ALA B 142 -1.14 -37.29 14.40
N ALA B 143 -1.30 -35.98 14.32
CA ALA B 143 -2.63 -35.45 14.20
C ALA B 143 -3.04 -35.14 12.76
N ALA B 144 -2.09 -35.15 11.83
CA ALA B 144 -2.40 -34.75 10.43
C ALA B 144 -3.39 -35.69 9.74
N ARG B 145 -3.46 -36.93 10.22
CA ARG B 145 -4.43 -37.94 9.82
C ARG B 145 -5.87 -37.45 9.72
N TYR B 146 -6.26 -36.63 10.69
CA TYR B 146 -7.66 -36.22 10.84
C TYR B 146 -8.04 -35.02 9.94
N GLY B 147 -7.17 -34.63 9.00
CA GLY B 147 -7.52 -33.70 7.94
C GLY B 147 -7.73 -32.24 8.33
N SER B 148 -8.71 -31.58 7.71
CA SER B 148 -8.80 -30.14 7.83
C SER B 148 -8.79 -29.64 9.26
N GLY B 149 -7.79 -28.80 9.56
CA GLY B 149 -7.75 -28.05 10.83
C GLY B 149 -6.86 -28.65 11.90
N ALA B 150 -6.11 -29.68 11.54
CA ALA B 150 -5.29 -30.44 12.49
C ALA B 150 -3.77 -30.14 12.41
N ALA B 151 -3.40 -29.03 11.79
CA ALA B 151 -2.00 -28.65 11.66
C ALA B 151 -1.39 -28.25 13.02
N GLY B 152 -2.25 -27.93 13.99
CA GLY B 152 -1.79 -27.64 15.34
C GLY B 152 -1.83 -28.94 16.07
N GLY B 153 -3.00 -29.56 16.06
CA GLY B 153 -3.18 -30.86 16.68
C GLY B 153 -4.63 -31.15 16.94
N VAL B 154 -4.89 -32.24 17.66
CA VAL B 154 -6.25 -32.75 17.91
C VAL B 154 -6.44 -33.02 19.39
N VAL B 155 -7.58 -32.57 19.89
CA VAL B 155 -7.96 -32.85 21.26
C VAL B 155 -9.19 -33.68 21.12
N ASN B 156 -9.10 -34.95 21.52
CA ASN B 156 -10.26 -35.84 21.42
C ASN B 156 -10.90 -36.12 22.77
N ILE B 157 -12.03 -35.51 23.03
CA ILE B 157 -12.71 -35.66 24.28
C ILE B 157 -13.54 -36.92 24.16
N ILE B 158 -13.32 -37.89 25.06
CA ILE B 158 -14.01 -39.16 25.04
C ILE B 158 -14.99 -39.25 26.21
N THR B 159 -16.28 -39.39 25.90
CA THR B 159 -17.32 -39.32 26.88
C THR B 159 -17.57 -40.67 27.47
N LYS B 160 -18.10 -40.69 28.69
CA LYS B 160 -18.38 -41.91 29.40
C LYS B 160 -19.25 -42.88 28.58
N LYS B 161 -19.13 -44.17 28.92
CA LYS B 161 -19.62 -45.27 28.10
C LYS B 161 -20.91 -45.82 28.65
N VAL B 162 -21.65 -46.51 27.77
CA VAL B 162 -22.79 -47.33 28.19
C VAL B 162 -22.29 -48.42 29.13
N THR B 163 -23.16 -48.96 29.97
CA THR B 163 -22.77 -49.96 30.96
C THR B 163 -23.86 -51.01 31.13
N ASN B 164 -23.45 -52.27 31.22
CA ASN B 164 -24.41 -53.38 31.31
C ASN B 164 -25.04 -53.55 32.68
N GLU B 165 -24.65 -52.69 33.61
CA GLU B 165 -25.36 -52.56 34.88
C GLU B 165 -25.45 -51.08 35.15
N THR B 166 -26.46 -50.66 35.90
CA THR B 166 -26.70 -49.23 36.05
C THR B 166 -25.70 -48.60 37.04
N HIS B 167 -24.76 -47.81 36.50
CA HIS B 167 -23.77 -47.08 37.33
C HIS B 167 -24.11 -45.64 37.23
N GLY B 168 -23.99 -44.92 38.34
CA GLY B 168 -24.51 -43.57 38.41
C GLY B 168 -23.49 -42.60 38.95
N SER B 169 -23.69 -41.33 38.67
CA SER B 169 -22.87 -40.30 39.28
C SER B 169 -23.71 -39.04 39.48
N VAL B 170 -23.54 -38.40 40.63
CA VAL B 170 -23.88 -36.97 40.73
C VAL B 170 -22.67 -36.21 41.30
N GLU B 171 -22.38 -35.03 40.76
CA GLU B 171 -21.17 -34.31 41.15
C GLU B 171 -21.44 -32.82 41.28
N PHE B 172 -20.84 -32.19 42.28
CA PHE B 172 -21.00 -30.74 42.48
C PHE B 172 -19.61 -30.16 42.47
N TYR B 173 -19.54 -28.85 42.22
CA TYR B 173 -18.26 -28.14 42.30
C TYR B 173 -18.50 -26.67 42.52
N THR B 174 -17.62 -26.05 43.27
CA THR B 174 -17.69 -24.62 43.45
C THR B 174 -16.27 -24.07 43.60
N SER B 175 -16.05 -22.88 43.07
CA SER B 175 -14.77 -22.20 43.23
C SER B 175 -15.06 -20.83 43.79
N GLN B 176 -14.20 -20.38 44.71
CA GLN B 176 -14.46 -19.19 45.49
C GLN B 176 -13.24 -18.28 45.62
N PRO B 177 -13.07 -17.34 44.67
CA PRO B 177 -11.91 -16.46 44.65
C PRO B 177 -11.87 -15.52 45.84
N GLU B 178 -10.68 -15.35 46.43
CA GLU B 178 -10.45 -14.38 47.52
C GLU B 178 -10.86 -13.00 47.10
N ASP B 179 -10.39 -12.60 45.93
CA ASP B 179 -10.67 -11.29 45.41
C ASP B 179 -12.15 -11.20 45.03
N SER B 180 -12.79 -10.18 45.59
CA SER B 180 -14.20 -9.91 45.39
C SER B 180 -14.55 -9.71 43.93
N LYS B 181 -13.60 -9.19 43.15
CA LYS B 181 -13.84 -8.78 41.75
C LYS B 181 -13.67 -9.92 40.75
N GLU B 182 -13.16 -11.05 41.20
CA GLU B 182 -13.11 -12.22 40.33
C GLU B 182 -14.38 -13.09 40.53
N GLY B 183 -14.89 -13.69 39.45
CA GLY B 183 -16.16 -14.46 39.51
C GLY B 183 -16.05 -15.84 40.14
N SER B 184 -16.96 -16.18 41.05
CA SER B 184 -17.02 -17.54 41.58
C SER B 184 -17.77 -18.38 40.56
N SER B 185 -17.73 -19.70 40.73
CA SER B 185 -18.25 -20.62 39.71
C SER B 185 -18.92 -21.79 40.39
N ASN B 186 -19.94 -22.34 39.72
CA ASN B 186 -20.73 -23.43 40.30
C ASN B 186 -21.30 -24.43 39.30
N ARG B 187 -21.08 -25.72 39.58
CA ARG B 187 -21.53 -26.80 38.74
C ARG B 187 -22.34 -27.82 39.50
N VAL B 188 -23.21 -28.49 38.76
CA VAL B 188 -23.86 -29.71 39.21
C VAL B 188 -24.15 -30.48 37.94
N GLY B 189 -24.12 -31.80 38.00
CA GLY B 189 -24.24 -32.63 36.82
C GLY B 189 -24.33 -34.09 37.18
N PHE B 190 -24.84 -34.89 36.25
CA PHE B 190 -25.06 -36.30 36.54
C PHE B 190 -24.68 -37.12 35.32
N ASN B 191 -24.45 -38.39 35.56
CA ASN B 191 -24.20 -39.31 34.49
C ASN B 191 -24.81 -40.62 34.92
N VAL B 192 -25.61 -41.23 34.06
CA VAL B 192 -26.18 -42.53 34.35
C VAL B 192 -26.18 -43.43 33.14
N SER B 193 -25.90 -44.70 33.37
CA SER B 193 -25.73 -45.72 32.34
C SER B 193 -26.35 -47.02 32.84
N GLY B 194 -26.90 -47.80 31.92
CA GLY B 194 -27.46 -49.09 32.30
C GLY B 194 -27.97 -49.90 31.12
N PRO B 195 -28.51 -51.10 31.40
CA PRO B 195 -29.11 -51.83 30.33
C PRO B 195 -30.54 -51.40 30.26
N LEU B 196 -31.07 -51.38 29.04
CA LEU B 196 -32.51 -51.44 28.81
C LEU B 196 -32.83 -52.92 28.55
N ILE B 197 -32.00 -53.54 27.74
CA ILE B 197 -32.01 -54.98 27.59
C ILE B 197 -30.60 -55.51 27.78
N LYS B 198 -30.43 -56.34 28.79
CA LYS B 198 -29.09 -56.76 29.16
C LYS B 198 -28.41 -57.33 27.93
N ASP B 199 -27.20 -56.82 27.66
CA ASP B 199 -26.29 -57.38 26.66
C ASP B 199 -26.68 -57.14 25.21
N VAL B 200 -27.75 -56.37 24.94
CA VAL B 200 -28.07 -56.06 23.56
C VAL B 200 -28.47 -54.63 23.39
N LEU B 201 -29.05 -54.01 24.41
CA LEU B 201 -29.35 -52.57 24.34
C LEU B 201 -29.10 -51.88 25.68
N SER B 202 -28.26 -50.85 25.65
CA SER B 202 -27.85 -50.13 26.85
C SER B 202 -27.77 -48.64 26.52
N TYR B 203 -27.79 -47.79 27.55
CA TYR B 203 -27.81 -46.34 27.34
C TYR B 203 -26.80 -45.64 28.23
N ARG B 204 -26.41 -44.43 27.81
CA ARG B 204 -25.68 -43.48 28.67
C ARG B 204 -26.30 -42.11 28.50
N LEU B 205 -26.54 -41.45 29.62
CA LEU B 205 -27.15 -40.16 29.62
C LEU B 205 -26.42 -39.29 30.64
N TYR B 206 -26.01 -38.11 30.22
CA TYR B 206 -25.36 -37.19 31.17
C TYR B 206 -25.92 -35.80 31.01
N GLY B 207 -25.87 -35.03 32.08
CA GLY B 207 -26.47 -33.69 32.11
C GLY B 207 -25.64 -32.77 32.97
N ASN B 208 -25.66 -31.48 32.67
CA ASN B 208 -24.83 -30.50 33.36
C ASN B 208 -25.39 -29.08 33.31
N TYR B 209 -25.39 -28.42 34.46
CA TYR B 209 -25.66 -27.01 34.53
C TYR B 209 -24.47 -26.27 35.20
N ASN B 210 -23.69 -25.54 34.40
CA ASN B 210 -22.59 -24.77 34.93
C ASN B 210 -22.82 -23.28 34.82
N LYS B 211 -22.38 -22.54 35.85
CA LYS B 211 -22.51 -21.08 35.89
C LYS B 211 -21.26 -20.48 36.52
N THR B 212 -20.41 -19.87 35.70
CA THR B 212 -19.26 -19.20 36.23
C THR B 212 -19.53 -17.73 36.09
N GLU B 213 -19.52 -17.01 37.21
CA GLU B 213 -19.93 -15.61 37.23
C GLU B 213 -18.88 -14.81 36.51
N ALA B 214 -19.22 -13.64 36.00
CA ALA B 214 -18.24 -12.85 35.27
C ALA B 214 -17.28 -12.19 36.25
N ASP B 215 -16.15 -11.72 35.73
CA ASP B 215 -15.29 -10.81 36.46
C ASP B 215 -15.93 -9.44 36.38
N ASP B 216 -15.73 -8.64 37.42
CA ASP B 216 -16.31 -7.32 37.45
C ASP B 216 -15.87 -6.48 36.27
N VAL B 217 -16.60 -5.41 36.06
CA VAL B 217 -16.26 -4.52 34.99
C VAL B 217 -14.94 -3.86 35.31
N ASP B 218 -14.76 -3.51 36.58
CA ASP B 218 -13.67 -2.62 36.98
C ASP B 218 -12.45 -3.37 37.56
N ILE B 219 -12.39 -4.68 37.38
CA ILE B 219 -11.33 -5.48 37.94
C ILE B 219 -9.93 -4.98 37.52
N ASN B 220 -9.80 -4.53 36.27
CA ASN B 220 -8.49 -4.18 35.71
C ASN B 220 -8.14 -2.73 35.85
N LYS B 221 -8.93 -1.98 36.61
CA LYS B 221 -8.81 -0.52 36.64
C LYS B 221 -7.56 -0.05 37.41
N SER B 222 -7.17 -0.79 38.44
CA SER B 222 -6.11 -0.35 39.34
C SER B 222 -4.75 -0.23 38.66
N ILE B 223 -4.66 -0.48 37.36
CA ILE B 223 -3.43 -0.22 36.62
C ILE B 223 -3.70 0.61 35.35
N GLY B 224 -4.75 1.42 35.39
CA GLY B 224 -5.06 2.34 34.27
C GLY B 224 -5.64 1.65 33.04
N SER B 225 -6.22 0.48 33.23
CA SER B 225 -6.63 -0.34 32.10
C SER B 225 -8.15 -0.40 31.95
N THR B 226 -8.57 -0.31 30.70
CA THR B 226 -9.97 -0.31 30.37
C THR B 226 -10.41 -1.65 29.82
N ALA B 227 -9.51 -2.62 29.76
CA ALA B 227 -9.85 -3.96 29.26
C ALA B 227 -10.68 -4.71 30.25
N ALA B 228 -11.62 -5.48 29.71
CA ALA B 228 -12.52 -6.26 30.53
C ALA B 228 -11.83 -7.50 31.06
N GLY B 229 -12.34 -8.00 32.18
CA GLY B 229 -11.91 -9.26 32.74
C GLY B 229 -12.56 -10.41 31.99
N ARG B 230 -12.62 -11.57 32.63
CA ARG B 230 -13.15 -12.76 31.98
C ARG B 230 -14.66 -12.65 31.96
N GLU B 231 -15.28 -13.01 30.83
CA GLU B 231 -16.74 -13.02 30.75
C GLU B 231 -17.22 -14.31 31.34
N GLY B 232 -18.37 -14.25 31.99
CA GLY B 232 -18.98 -15.44 32.62
C GLY B 232 -19.70 -16.30 31.61
N VAL B 233 -20.15 -17.47 32.04
CA VAL B 233 -20.90 -18.40 31.19
C VAL B 233 -21.89 -19.27 31.98
N LYS B 234 -23.15 -19.25 31.55
CA LYS B 234 -24.12 -20.28 31.90
C LYS B 234 -24.09 -21.34 30.82
N ASN B 235 -23.66 -22.56 31.17
CA ASN B 235 -23.76 -23.72 30.29
C ASN B 235 -25.00 -24.57 30.61
N LYS B 236 -25.66 -25.11 29.59
CA LYS B 236 -26.70 -26.14 29.79
C LYS B 236 -26.44 -27.23 28.78
N ASP B 237 -26.19 -28.43 29.26
CA ASP B 237 -25.73 -29.51 28.40
C ASP B 237 -26.50 -30.76 28.73
N ILE B 238 -26.97 -31.44 27.70
CA ILE B 238 -27.65 -32.71 27.91
C ILE B 238 -27.21 -33.61 26.79
N SER B 239 -27.00 -34.88 27.06
CA SER B 239 -26.55 -35.77 26.01
C SER B 239 -26.89 -37.22 26.26
N GLY B 240 -27.45 -37.86 25.24
CA GLY B 240 -27.87 -39.24 25.32
C GLY B 240 -27.14 -40.15 24.35
N ARG B 241 -26.90 -41.39 24.78
CA ARG B 241 -26.41 -42.45 23.91
C ARG B 241 -27.24 -43.72 24.00
N LEU B 242 -27.53 -44.34 22.86
CA LEU B 242 -28.09 -45.69 22.85
C LEU B 242 -27.12 -46.59 22.13
N ALA B 243 -26.86 -47.74 22.73
CA ALA B 243 -25.95 -48.71 22.16
C ALA B 243 -26.71 -49.98 21.92
N TRP B 244 -26.64 -50.49 20.69
CA TRP B 244 -27.41 -51.64 20.27
C TRP B 244 -26.50 -52.69 19.64
N GLN B 245 -26.55 -53.92 20.17
CA GLN B 245 -25.85 -55.04 19.59
C GLN B 245 -26.82 -55.81 18.68
N ALA B 246 -26.79 -55.50 17.38
CA ALA B 246 -27.82 -56.00 16.47
C ALA B 246 -27.56 -57.45 16.02
N THR B 247 -26.28 -57.82 16.03
CA THR B 247 -25.81 -59.14 15.63
C THR B 247 -24.57 -59.44 16.43
N ASP B 248 -24.13 -60.69 16.39
CA ASP B 248 -22.85 -61.05 16.99
C ASP B 248 -21.68 -60.24 16.44
N GLN B 249 -21.85 -59.65 15.26
CA GLN B 249 -20.78 -58.87 14.61
C GLN B 249 -21.16 -57.43 14.21
N GLN B 250 -22.33 -56.95 14.63
CA GLN B 250 -22.80 -55.60 14.23
C GLN B 250 -23.32 -54.77 15.40
N THR B 251 -22.85 -53.54 15.49
CA THR B 251 -23.21 -52.67 16.58
C THR B 251 -23.70 -51.32 16.01
N VAL B 252 -24.69 -50.73 16.67
CA VAL B 252 -25.20 -49.43 16.24
C VAL B 252 -25.26 -48.46 17.40
N LEU B 253 -24.65 -47.28 17.23
CA LEU B 253 -24.64 -46.23 18.24
C LEU B 253 -25.40 -45.00 17.82
N LEU B 254 -26.17 -44.48 18.76
CA LEU B 254 -26.90 -43.26 18.53
C LEU B 254 -26.47 -42.24 19.56
N ASP B 255 -26.01 -41.08 19.09
CA ASP B 255 -25.66 -39.99 19.98
C ASP B 255 -26.49 -38.78 19.65
N ILE B 256 -27.28 -38.35 20.62
CA ILE B 256 -28.07 -37.15 20.48
C ILE B 256 -27.70 -36.27 21.62
N SER B 257 -27.34 -35.03 21.34
CA SER B 257 -27.02 -34.10 22.42
C SER B 257 -27.42 -32.70 22.04
N SER B 258 -27.80 -31.90 23.04
CA SER B 258 -28.00 -30.46 22.83
C SER B 258 -27.36 -29.61 23.94
N SER B 259 -26.73 -28.50 23.54
CA SER B 259 -26.10 -27.59 24.50
C SER B 259 -26.43 -26.15 24.20
N LYS B 260 -26.46 -25.36 25.26
CA LYS B 260 -26.68 -23.91 25.18
C LYS B 260 -25.69 -23.19 26.10
N GLN B 261 -25.01 -22.19 25.57
CA GLN B 261 -24.05 -21.38 26.32
C GLN B 261 -24.43 -19.93 26.25
N GLY B 262 -24.80 -19.35 27.38
CA GLY B 262 -25.24 -17.97 27.42
C GLY B 262 -24.22 -17.24 28.26
N ASN B 263 -23.67 -16.15 27.75
CA ASN B 263 -22.59 -15.50 28.44
C ASN B 263 -23.12 -14.57 29.50
N ILE B 264 -22.20 -14.04 30.33
CA ILE B 264 -22.49 -12.97 31.30
C ILE B 264 -21.49 -11.85 31.04
N TYR B 265 -21.99 -10.73 30.48
CA TYR B 265 -21.13 -9.73 29.86
C TYR B 265 -20.33 -9.00 30.91
N SER B 266 -19.02 -8.94 30.66
CA SER B 266 -18.05 -8.38 31.60
C SER B 266 -17.53 -7.04 31.12
N GLY B 267 -17.94 -6.64 29.93
CA GLY B 267 -17.53 -5.35 29.36
C GLY B 267 -16.56 -5.43 28.19
N ASP B 268 -16.26 -6.63 27.72
CA ASP B 268 -15.24 -6.76 26.65
C ASP B 268 -15.60 -6.07 25.36
N SER B 269 -14.59 -5.61 24.65
CA SER B 269 -14.72 -4.98 23.36
C SER B 269 -13.35 -4.96 22.68
N GLN B 270 -13.33 -5.11 21.36
CA GLN B 270 -12.08 -5.37 20.63
C GLN B 270 -11.06 -4.27 20.91
N LEU B 271 -11.50 -3.03 21.04
CA LEU B 271 -10.57 -1.94 21.31
C LEU B 271 -10.55 -1.52 22.77
N ASN B 272 -11.15 -2.31 23.64
CA ASN B 272 -11.06 -2.06 25.10
C ASN B 272 -11.60 -0.71 25.56
N ALA B 273 -12.73 -0.28 24.99
CA ALA B 273 -13.36 0.99 25.40
C ALA B 273 -13.65 0.94 26.89
N ASN B 274 -13.89 2.11 27.47
CA ASN B 274 -14.19 2.15 28.88
C ASN B 274 -15.65 1.80 29.08
N ALA B 275 -15.88 0.54 29.41
CA ALA B 275 -17.23 0.03 29.48
C ALA B 275 -18.10 0.91 30.34
N GLU B 276 -17.68 1.16 31.57
CA GLU B 276 -18.51 1.91 32.55
C GLU B 276 -18.97 3.29 32.05
N ALA B 277 -18.13 3.94 31.24
CA ALA B 277 -18.44 5.26 30.73
C ALA B 277 -18.83 5.23 29.25
N ASP B 278 -19.34 4.09 28.80
CA ASP B 278 -19.93 4.03 27.46
C ASP B 278 -21.45 3.94 27.54
N ALA B 279 -22.11 4.92 26.92
CA ALA B 279 -23.57 4.99 26.88
C ALA B 279 -24.28 3.64 26.87
N ILE B 280 -23.85 2.73 26.00
CA ILE B 280 -24.53 1.44 25.83
C ILE B 280 -23.97 0.33 26.71
N LEU B 281 -22.75 -0.10 26.43
CA LEU B 281 -22.12 -1.20 27.18
C LEU B 281 -22.46 -1.18 28.66
N SER B 282 -22.44 0.01 29.27
CA SER B 282 -22.63 0.16 30.72
C SER B 282 -23.94 -0.47 31.19
N GLN B 283 -24.90 -0.57 30.28
CA GLN B 283 -26.18 -1.18 30.61
C GLN B 283 -26.14 -2.68 30.44
N LEU B 284 -25.30 -3.18 29.54
CA LEU B 284 -25.26 -4.63 29.27
C LEU B 284 -24.45 -5.47 30.26
N ILE B 285 -23.87 -4.84 31.28
CA ILE B 285 -23.01 -5.59 32.19
C ILE B 285 -23.83 -6.64 32.88
N GLY B 286 -23.22 -7.75 33.22
CA GLY B 286 -23.92 -8.81 33.95
C GLY B 286 -25.08 -9.41 33.18
N LYS B 287 -25.19 -9.07 31.89
CA LYS B 287 -26.25 -9.55 31.03
C LYS B 287 -25.80 -10.57 29.95
N GLU B 288 -26.75 -11.25 29.32
CA GLU B 288 -26.44 -12.21 28.25
C GLU B 288 -26.46 -11.50 26.87
N THR B 289 -25.27 -11.17 26.35
CA THR B 289 -25.17 -10.45 25.07
C THR B 289 -24.84 -11.35 23.89
N ASN B 290 -24.35 -12.53 24.19
CA ASN B 290 -24.17 -13.56 23.18
C ASN B 290 -24.58 -14.92 23.73
N THR B 291 -25.04 -15.77 22.82
CA THR B 291 -25.65 -17.04 23.17
C THR B 291 -25.33 -18.02 22.08
N MET B 292 -24.86 -19.19 22.48
CA MET B 292 -24.31 -20.14 21.54
C MET B 292 -25.14 -21.39 21.69
N TYR B 293 -25.80 -21.87 20.63
CA TYR B 293 -26.61 -23.13 20.69
C TYR B 293 -25.93 -24.21 19.86
N ARG B 294 -25.91 -25.42 20.36
CA ARG B 294 -25.36 -26.50 19.57
C ARG B 294 -26.15 -27.77 19.72
N ASP B 295 -26.65 -28.28 18.58
CA ASP B 295 -27.34 -29.57 18.53
C ASP B 295 -26.60 -30.53 17.63
N SER B 296 -26.60 -31.80 17.98
CA SER B 296 -25.72 -32.77 17.30
C SER B 296 -26.35 -34.13 17.33
N TYR B 297 -26.30 -34.79 16.19
CA TYR B 297 -26.76 -36.16 16.09
C TYR B 297 -25.73 -36.99 15.35
N ALA B 298 -25.45 -38.19 15.83
CA ALA B 298 -24.59 -39.06 15.08
C ALA B 298 -25.10 -40.45 15.16
N LEU B 299 -24.86 -41.18 14.09
CA LEU B 299 -25.24 -42.57 14.01
C LEU B 299 -24.03 -43.31 13.53
N THR B 300 -23.73 -44.44 14.16
CA THR B 300 -22.56 -45.20 13.79
C THR B 300 -22.84 -46.69 13.67
N HIS B 301 -22.27 -47.33 12.65
CA HIS B 301 -22.32 -48.78 12.51
C HIS B 301 -20.89 -49.37 12.44
N GLU B 302 -20.65 -50.39 13.27
CA GLU B 302 -19.35 -51.00 13.35
C GLU B 302 -19.41 -52.50 13.19
N GLY B 303 -18.84 -52.97 12.09
CA GLY B 303 -18.81 -54.40 11.80
C GLY B 303 -17.55 -55.10 12.31
N ASP B 304 -17.73 -56.31 12.84
CA ASP B 304 -16.65 -57.13 13.33
C ASP B 304 -16.60 -58.44 12.53
N TRP B 305 -15.96 -58.37 11.36
CA TRP B 305 -16.00 -59.45 10.38
C TRP B 305 -14.74 -60.31 10.44
N SER B 306 -14.83 -61.51 9.86
CA SER B 306 -13.72 -62.45 9.84
C SER B 306 -12.48 -61.84 9.16
N TRP B 307 -12.65 -61.08 8.09
CA TRP B 307 -11.53 -60.39 7.43
C TRP B 307 -11.05 -59.13 8.16
N GLY B 308 -11.76 -58.70 9.20
CA GLY B 308 -11.37 -57.47 9.90
C GLY B 308 -12.52 -56.58 10.34
N LYS B 309 -12.35 -55.27 10.23
CA LYS B 309 -13.32 -54.32 10.79
C LYS B 309 -13.73 -53.18 9.87
N SER B 310 -14.91 -52.64 10.13
CA SER B 310 -15.48 -51.56 9.32
C SER B 310 -16.20 -50.62 10.24
N LYS B 311 -16.30 -49.36 9.81
CA LYS B 311 -17.01 -48.35 10.56
C LYS B 311 -17.63 -47.32 9.59
N LEU B 312 -18.97 -47.18 9.63
CA LEU B 312 -19.65 -46.07 8.95
C LEU B 312 -20.23 -45.06 9.96
N VAL B 313 -20.15 -43.78 9.64
CA VAL B 313 -20.67 -42.74 10.54
C VAL B 313 -21.44 -41.70 9.76
N ALA B 314 -22.63 -41.38 10.24
CA ALA B 314 -23.31 -40.14 9.82
C ALA B 314 -23.43 -39.19 11.01
N GLN B 315 -23.06 -37.92 10.80
CA GLN B 315 -23.30 -36.88 11.82
C GLN B 315 -23.77 -35.54 11.24
N TYR B 316 -24.68 -34.92 11.99
CA TYR B 316 -25.34 -33.67 11.61
C TYR B 316 -25.27 -32.71 12.78
N ASP B 317 -24.69 -31.55 12.54
CA ASP B 317 -24.51 -30.56 13.59
C ASP B 317 -25.22 -29.26 13.22
N LYS B 318 -25.94 -28.70 14.18
CA LYS B 318 -26.65 -27.45 14.00
C LYS B 318 -26.23 -26.43 15.07
N THR B 319 -25.67 -25.31 14.65
CA THR B 319 -25.17 -24.37 15.59
C THR B 319 -25.79 -23.04 15.29
N HIS B 320 -26.33 -22.41 16.33
CA HIS B 320 -26.76 -21.02 16.25
C HIS B 320 -25.89 -20.11 17.11
N ASN B 321 -25.62 -18.93 16.58
CA ASN B 321 -24.84 -17.90 17.24
C ASN B 321 -25.74 -16.69 17.35
N LYS B 322 -26.31 -16.44 18.53
CA LYS B 322 -27.19 -15.30 18.71
C LYS B 322 -26.57 -14.27 19.64
N ARG B 323 -26.36 -13.06 19.13
CA ARG B 323 -25.73 -12.00 19.92
C ARG B 323 -26.07 -10.60 19.39
N LEU B 324 -25.79 -9.57 20.20
CA LEU B 324 -26.05 -8.18 19.82
C LEU B 324 -25.13 -7.70 18.68
N PRO B 325 -25.61 -6.74 17.84
CA PRO B 325 -24.80 -6.29 16.71
C PRO B 325 -23.67 -5.37 17.15
N GLU B 326 -22.75 -5.05 16.24
CA GLU B 326 -21.53 -4.33 16.56
C GLU B 326 -20.98 -3.38 15.47
N GLY B 327 -20.12 -2.48 15.92
CA GLY B 327 -19.29 -1.78 14.99
C GLY B 327 -18.52 -2.82 14.20
N LEU B 328 -18.29 -2.53 12.92
CA LEU B 328 -17.52 -3.40 12.07
C LEU B 328 -16.38 -2.65 11.42
N ALA B 329 -16.11 -1.41 11.88
CA ALA B 329 -14.94 -0.63 11.41
C ALA B 329 -14.65 0.57 12.28
N GLY B 330 -13.43 1.11 12.20
CA GLY B 330 -13.08 2.36 12.90
C GLY B 330 -12.99 2.21 14.40
N SER B 331 -13.19 3.30 15.13
CA SER B 331 -13.04 3.29 16.60
C SER B 331 -14.17 2.53 17.30
N VAL B 332 -15.25 2.28 16.57
CA VAL B 332 -16.36 1.52 17.13
C VAL B 332 -16.22 0.04 16.76
N GLU B 333 -15.17 -0.30 16.00
CA GLU B 333 -14.99 -1.70 15.59
C GLU B 333 -15.01 -2.62 16.78
N GLY B 334 -15.83 -3.66 16.72
CA GLY B 334 -15.75 -4.74 17.70
C GLY B 334 -16.48 -4.39 18.98
N LYS B 335 -17.38 -3.42 18.92
CA LYS B 335 -18.07 -2.90 20.10
C LYS B 335 -19.59 -2.96 19.83
N ILE B 336 -20.37 -3.12 20.89
CA ILE B 336 -21.80 -3.34 20.72
C ILE B 336 -22.55 -2.03 20.43
N ASN B 337 -23.30 -2.01 19.33
CA ASN B 337 -24.04 -0.84 18.83
C ASN B 337 -25.33 -0.62 19.56
N ASN B 338 -25.89 -1.66 20.16
CA ASN B 338 -27.31 -1.68 20.43
C ASN B 338 -27.72 -2.60 21.56
N LEU B 339 -28.70 -2.17 22.35
CA LEU B 339 -29.17 -2.97 23.47
C LEU B 339 -30.04 -4.14 23.06
N ASP B 340 -30.58 -4.14 21.83
CA ASP B 340 -31.73 -5.02 21.54
C ASP B 340 -31.66 -5.98 20.34
N ASP B 341 -31.35 -5.47 19.15
CA ASP B 341 -31.66 -6.21 17.90
C ASP B 341 -30.72 -7.36 17.63
N LYS B 342 -30.79 -8.37 18.49
CA LYS B 342 -29.98 -9.57 18.32
C LYS B 342 -30.16 -10.18 16.95
N ALA B 343 -29.05 -10.51 16.30
CA ALA B 343 -29.14 -11.30 15.07
C ALA B 343 -28.63 -12.69 15.36
N THR B 344 -29.05 -13.65 14.56
CA THR B 344 -28.61 -15.03 14.71
C THR B 344 -27.84 -15.50 13.50
N SER B 345 -26.80 -16.31 13.69
CA SER B 345 -26.15 -16.97 12.56
C SER B 345 -26.38 -18.44 12.67
N ARG B 346 -26.43 -19.11 11.53
CA ARG B 346 -26.85 -20.50 11.51
C ARG B 346 -25.85 -21.34 10.74
N LEU B 347 -25.27 -22.33 11.39
CA LEU B 347 -24.31 -23.21 10.71
C LEU B 347 -24.78 -24.64 10.79
N GLU B 348 -24.89 -25.28 9.65
CA GLU B 348 -25.22 -26.67 9.63
C GLU B 348 -24.06 -27.40 9.00
N THR B 349 -23.69 -28.51 9.62
CA THR B 349 -22.66 -29.36 9.08
C THR B 349 -23.22 -30.78 8.96
N LEU B 350 -23.09 -31.36 7.79
CA LEU B 350 -23.44 -32.75 7.63
C LEU B 350 -22.14 -33.44 7.29
N ARG B 351 -21.90 -34.59 7.92
CA ARG B 351 -20.66 -35.30 7.66
C ARG B 351 -20.82 -36.81 7.63
N PHE B 352 -20.19 -37.43 6.64
CA PHE B 352 -20.23 -38.89 6.53
C PHE B 352 -18.81 -39.47 6.55
N ASN B 353 -18.65 -40.62 7.17
CA ASN B 353 -17.34 -41.27 7.19
C ASN B 353 -17.42 -42.79 7.10
N GLY B 354 -16.76 -43.37 6.11
CA GLY B 354 -16.73 -44.83 5.98
C GLY B 354 -15.30 -45.30 6.13
N GLU B 355 -15.09 -46.48 6.70
CA GLU B 355 -13.72 -46.89 6.98
C GLU B 355 -13.58 -48.37 7.27
N ALA B 356 -12.53 -49.00 6.71
CA ALA B 356 -12.23 -50.40 7.00
C ALA B 356 -10.78 -50.67 7.40
N ASN B 357 -10.60 -51.62 8.33
CA ASN B 357 -9.28 -52.12 8.81
C ASN B 357 -9.07 -53.60 8.49
N ILE B 358 -8.09 -53.93 7.64
CA ILE B 358 -7.82 -55.35 7.29
C ILE B 358 -6.42 -55.82 7.68
N PRO B 359 -6.32 -56.78 8.63
CA PRO B 359 -5.02 -57.45 8.92
C PRO B 359 -4.64 -58.43 7.83
N PHE B 360 -3.44 -58.32 7.27
CA PHE B 360 -2.95 -59.30 6.29
C PHE B 360 -1.42 -59.31 6.28
N GLU B 361 -0.85 -60.30 5.60
CA GLU B 361 0.59 -60.55 5.63
C GLU B 361 1.10 -60.84 4.22
N TYR B 362 1.99 -60.01 3.71
CA TYR B 362 2.51 -60.20 2.35
C TYR B 362 4.00 -60.57 2.42
N TYR B 363 4.82 -59.63 2.89
CA TYR B 363 6.21 -59.90 3.25
C TYR B 363 6.34 -59.74 4.76
N LEU B 364 5.66 -58.70 5.28
CA LEU B 364 5.62 -58.38 6.71
C LEU B 364 4.19 -58.41 7.21
N PRO B 365 4.01 -58.49 8.54
CA PRO B 365 2.67 -58.31 9.12
C PRO B 365 2.13 -56.88 8.92
N GLN B 366 0.88 -56.75 8.51
CA GLN B 366 0.33 -55.41 8.21
C GLN B 366 -1.12 -55.24 8.64
N VAL B 367 -1.54 -53.99 8.76
CA VAL B 367 -2.95 -53.66 9.00
C VAL B 367 -3.30 -52.46 8.08
N LEU B 368 -3.96 -52.76 6.97
CA LEU B 368 -4.34 -51.75 6.02
C LEU B 368 -5.65 -51.09 6.42
N THR B 369 -5.59 -49.79 6.70
CA THR B 369 -6.78 -48.96 6.85
C THR B 369 -7.11 -48.24 5.54
N VAL B 370 -8.37 -48.26 5.14
CA VAL B 370 -8.78 -47.51 3.95
C VAL B 370 -10.11 -46.82 4.23
N GLY B 371 -10.22 -45.55 3.86
CA GLY B 371 -11.34 -44.71 4.34
C GLY B 371 -11.85 -43.64 3.38
N THR B 372 -13.12 -43.27 3.58
CA THR B 372 -13.77 -42.17 2.86
C THR B 372 -14.39 -41.20 3.84
N GLU B 373 -14.39 -39.92 3.47
CA GLU B 373 -15.01 -38.88 4.28
C GLU B 373 -15.70 -37.88 3.37
N TRP B 374 -16.90 -37.47 3.75
CA TRP B 374 -17.62 -36.40 3.06
C TRP B 374 -18.11 -35.43 4.10
N VAL B 375 -17.85 -34.13 3.91
CA VAL B 375 -18.41 -33.09 4.79
C VAL B 375 -18.92 -31.85 4.03
N GLU B 376 -20.16 -31.47 4.33
CA GLU B 376 -20.73 -30.26 3.75
C GLU B 376 -21.19 -29.33 4.85
N ASP B 377 -20.88 -28.05 4.66
CA ASP B 377 -21.30 -27.02 5.58
C ASP B 377 -22.27 -26.07 4.87
N ARG B 378 -23.39 -25.72 5.52
CA ARG B 378 -24.18 -24.56 5.09
C ARG B 378 -24.23 -23.48 6.17
N PHE B 379 -24.05 -22.22 5.77
CA PHE B 379 -23.92 -21.15 6.74
C PHE B 379 -24.78 -20.00 6.29
N LYS B 380 -25.61 -19.50 7.19
CA LYS B 380 -26.36 -18.24 7.02
C LYS B 380 -25.88 -17.15 8.01
N ASP B 381 -25.36 -16.04 7.47
CA ASP B 381 -24.89 -14.88 8.28
C ASP B 381 -25.26 -13.62 7.53
N ASN B 382 -26.28 -12.94 8.03
CA ASN B 382 -26.74 -11.74 7.37
C ASN B 382 -26.29 -10.41 8.00
N VAL B 383 -25.59 -10.47 9.12
CA VAL B 383 -25.13 -9.26 9.78
C VAL B 383 -23.64 -8.90 9.43
N SER B 384 -22.79 -9.90 9.20
CA SER B 384 -21.39 -9.65 8.82
C SER B 384 -21.19 -9.37 7.34
N THR B 385 -22.21 -9.74 6.56
CA THR B 385 -22.09 -9.80 5.10
C THR B 385 -22.79 -8.63 4.42
N THR B 386 -23.03 -7.60 5.22
CA THR B 386 -23.56 -6.30 4.77
C THR B 386 -22.49 -5.32 5.04
N GLN B 387 -22.05 -4.59 4.02
CA GLN B 387 -20.99 -3.58 4.17
C GLN B 387 -20.85 -2.99 2.81
N GLY B 388 -20.73 -1.67 2.76
CA GLY B 388 -20.57 -0.97 1.51
C GLY B 388 -21.82 -1.08 0.65
N LYS B 389 -22.96 -1.32 1.30
CA LYS B 389 -24.26 -1.21 0.62
C LYS B 389 -24.76 0.21 0.80
N ASP B 390 -25.14 0.83 -0.30
CA ASP B 390 -25.60 2.18 -0.27
C ASP B 390 -26.91 2.29 -1.08
N SER B 391 -27.78 3.24 -0.71
CA SER B 391 -29.09 3.38 -1.37
C SER B 391 -29.00 3.83 -2.84
N SER B 392 -27.84 4.30 -3.26
CA SER B 392 -27.60 4.61 -4.67
C SER B 392 -27.45 3.35 -5.53
N GLY B 393 -27.26 2.21 -4.86
CA GLY B 393 -26.97 0.97 -5.56
C GLY B 393 -25.54 0.91 -6.04
N SER B 394 -24.71 1.85 -5.57
CA SER B 394 -23.31 1.98 -6.00
C SER B 394 -22.29 2.07 -4.84
N GLY B 395 -22.62 1.44 -3.71
CA GLY B 395 -21.66 1.32 -2.61
C GLY B 395 -20.56 0.39 -3.04
N TYR B 396 -19.47 0.32 -2.27
CA TYR B 396 -18.35 -0.50 -2.69
C TYR B 396 -18.73 -1.97 -2.77
N GLY B 397 -19.65 -2.38 -1.90
CA GLY B 397 -20.15 -3.76 -1.88
C GLY B 397 -21.23 -4.06 -2.90
N ASP B 398 -21.93 -3.04 -3.34
CA ASP B 398 -22.88 -3.24 -4.40
C ASP B 398 -22.13 -3.62 -5.68
N GLN B 399 -20.87 -3.20 -5.79
CA GLN B 399 -20.12 -3.46 -7.03
C GLN B 399 -19.29 -4.71 -6.94
N LEU B 400 -18.63 -4.87 -5.81
CA LEU B 400 -17.78 -6.01 -5.60
C LEU B 400 -18.55 -7.32 -5.28
N ALA B 401 -19.67 -7.21 -4.58
CA ALA B 401 -20.36 -8.42 -4.08
C ALA B 401 -21.79 -8.44 -4.51
N LYS B 402 -22.11 -9.27 -5.50
CA LYS B 402 -23.48 -9.32 -6.02
C LYS B 402 -24.13 -10.67 -5.79
N GLY B 403 -25.45 -10.68 -5.73
CA GLY B 403 -26.16 -11.88 -5.36
C GLY B 403 -26.20 -12.04 -3.84
N ASP B 404 -26.74 -13.16 -3.38
CA ASP B 404 -27.03 -13.35 -1.98
C ASP B 404 -25.71 -13.49 -1.27
N ARG B 405 -25.33 -12.49 -0.50
CA ARG B 405 -24.08 -12.55 0.27
C ARG B 405 -24.24 -13.23 1.62
N SER B 406 -25.41 -13.78 1.91
CA SER B 406 -25.70 -14.17 3.28
C SER B 406 -25.53 -15.67 3.48
N LYS B 407 -25.28 -16.39 2.40
CA LYS B 407 -25.27 -17.86 2.45
C LYS B 407 -23.97 -18.39 1.86
N MET B 408 -23.30 -19.23 2.63
CA MET B 408 -22.03 -19.79 2.22
C MET B 408 -22.06 -21.34 2.29
N GLU B 409 -21.49 -22.00 1.25
CA GLU B 409 -21.42 -23.47 1.13
C GLU B 409 -19.97 -23.90 1.12
N SER B 410 -19.70 -25.04 1.73
CA SER B 410 -18.36 -25.66 1.69
C SER B 410 -18.50 -27.17 1.61
N ARG B 411 -17.71 -27.80 0.74
CA ARG B 411 -17.76 -29.25 0.62
C ARG B 411 -16.33 -29.78 0.55
N ILE B 412 -16.05 -30.81 1.36
CA ILE B 412 -14.80 -31.51 1.30
C ILE B 412 -15.10 -32.99 1.09
N ALA B 413 -14.53 -33.56 0.05
CA ALA B 413 -14.56 -34.99 -0.15
C ALA B 413 -13.15 -35.51 0.03
N SER B 414 -13.01 -36.60 0.78
CA SER B 414 -11.70 -37.11 1.17
C SER B 414 -11.63 -38.62 1.08
N ALA B 415 -10.45 -39.13 0.74
CA ALA B 415 -10.18 -40.56 0.87
C ALA B 415 -8.74 -40.73 1.34
N TYR B 416 -8.48 -41.85 2.03
CA TYR B 416 -7.15 -42.12 2.58
C TYR B 416 -6.83 -43.60 2.66
N ILE B 417 -5.54 -43.88 2.68
CA ILE B 417 -5.05 -45.26 2.86
C ILE B 417 -3.91 -45.24 3.85
N GLU B 418 -3.83 -46.29 4.64
CA GLU B 418 -2.92 -46.33 5.77
C GLU B 418 -2.45 -47.76 6.06
N ASP B 419 -1.16 -47.93 6.29
CA ASP B 419 -0.58 -49.24 6.59
C ASP B 419 0.23 -49.20 7.90
N ASN B 420 -0.03 -50.14 8.79
CA ASN B 420 0.83 -50.32 9.93
C ASN B 420 1.62 -51.61 9.78
N LEU B 421 2.92 -51.45 9.56
CA LEU B 421 3.80 -52.56 9.27
C LEU B 421 4.63 -52.91 10.50
N LYS B 422 4.82 -54.19 10.78
CA LYS B 422 5.92 -54.60 11.65
C LYS B 422 7.10 -54.95 10.75
N VAL B 423 8.00 -53.99 10.60
CA VAL B 423 9.12 -54.15 9.69
C VAL B 423 10.13 -55.13 10.26
N THR B 424 10.27 -55.13 11.58
CA THR B 424 11.04 -56.16 12.30
C THR B 424 10.28 -56.38 13.61
N ASP B 425 10.72 -57.33 14.44
CA ASP B 425 10.04 -57.54 15.74
C ASP B 425 10.29 -56.31 16.63
N SER B 426 11.17 -55.44 16.13
CA SER B 426 11.60 -54.25 16.85
C SER B 426 11.10 -52.94 16.21
N THR B 427 10.65 -53.02 14.97
CA THR B 427 10.35 -51.82 14.19
C THR B 427 8.86 -51.72 13.75
N ASP B 428 8.14 -50.74 14.28
CA ASP B 428 6.75 -50.46 13.89
C ASP B 428 6.71 -49.20 13.06
N VAL B 429 6.28 -49.30 11.80
CA VAL B 429 6.25 -48.17 10.85
C VAL B 429 4.86 -47.94 10.21
N VAL B 430 4.38 -46.68 10.21
CA VAL B 430 3.09 -46.31 9.62
C VAL B 430 3.25 -45.46 8.38
N LEU B 431 2.62 -45.87 7.30
CA LEU B 431 2.63 -45.15 6.03
C LEU B 431 1.22 -44.79 5.66
N GLY B 432 0.92 -43.49 5.63
CA GLY B 432 -0.41 -43.01 5.27
C GLY B 432 -0.41 -41.96 4.17
N LEU B 433 -1.51 -41.91 3.42
CA LEU B 433 -1.71 -40.88 2.41
C LEU B 433 -3.14 -40.43 2.46
N ARG B 434 -3.35 -39.12 2.44
CA ARG B 434 -4.70 -38.57 2.51
C ARG B 434 -4.91 -37.61 1.35
N PHE B 435 -6.00 -37.84 0.63
CA PHE B 435 -6.44 -36.97 -0.46
C PHE B 435 -7.62 -36.17 0.03
N ASP B 436 -7.58 -34.87 -0.22
CA ASP B 436 -8.67 -33.99 0.15
C ASP B 436 -9.04 -33.11 -1.03
N ASP B 437 -10.33 -32.94 -1.27
CA ASP B 437 -10.81 -32.08 -2.36
C ASP B 437 -11.90 -31.16 -1.83
N HIS B 438 -11.58 -29.87 -1.80
CA HIS B 438 -12.47 -28.86 -1.26
C HIS B 438 -13.13 -28.06 -2.40
N SER B 439 -14.41 -27.71 -2.23
CA SER B 439 -15.16 -27.09 -3.29
C SER B 439 -14.55 -25.77 -3.75
N LYS B 440 -13.97 -24.99 -2.85
CA LYS B 440 -13.34 -23.73 -3.27
C LYS B 440 -11.84 -23.88 -3.54
N SER B 441 -11.11 -24.61 -2.69
CA SER B 441 -9.64 -24.50 -2.69
C SER B 441 -8.94 -25.50 -3.64
N GLY B 442 -9.63 -26.56 -4.05
CA GLY B 442 -9.01 -27.57 -4.90
C GLY B 442 -8.66 -28.84 -4.13
N SER B 443 -7.91 -29.73 -4.77
CA SER B 443 -7.51 -30.95 -4.12
C SER B 443 -6.12 -30.84 -3.54
N ASN B 444 -5.79 -31.72 -2.59
CA ASN B 444 -4.52 -31.68 -1.88
C ASN B 444 -4.10 -33.02 -1.25
N TRP B 445 -2.83 -33.38 -1.46
CA TRP B 445 -2.28 -34.62 -0.91
C TRP B 445 -1.54 -34.42 0.41
N SER B 446 -1.72 -35.36 1.34
CA SER B 446 -1.08 -35.34 2.65
C SER B 446 -0.39 -36.68 2.97
N PRO B 447 0.91 -36.82 2.59
CA PRO B 447 1.73 -37.96 2.98
C PRO B 447 2.05 -37.94 4.47
N SER B 448 2.32 -39.10 5.05
CA SER B 448 2.39 -39.26 6.51
C SER B 448 3.23 -40.47 6.96
N LEU B 449 4.47 -40.23 7.41
CA LEU B 449 5.34 -41.29 7.95
C LEU B 449 5.35 -41.30 9.49
N ASN B 450 5.53 -42.48 10.08
CA ASN B 450 5.62 -42.56 11.53
C ASN B 450 6.31 -43.83 12.01
N ILE B 451 7.40 -43.64 12.74
CA ILE B 451 8.34 -44.72 13.07
C ILE B 451 8.46 -44.92 14.58
N THR B 452 8.43 -46.18 15.00
CA THR B 452 8.80 -46.52 16.37
C THR B 452 9.86 -47.63 16.27
N GLN B 453 10.97 -47.48 17.01
CA GLN B 453 12.13 -48.36 16.85
C GLN B 453 12.73 -48.70 18.20
N LYS B 454 12.39 -49.85 18.74
CA LYS B 454 12.97 -50.25 20.01
C LYS B 454 14.51 -50.36 19.94
N LEU B 455 15.19 -49.85 20.97
CA LEU B 455 16.66 -49.92 21.03
C LEU B 455 17.07 -51.02 21.97
N ASN B 456 16.37 -51.09 23.10
CA ASN B 456 16.49 -52.21 24.03
C ASN B 456 15.37 -52.17 25.06
N ASP B 457 15.39 -53.13 25.97
CA ASP B 457 14.31 -53.28 26.93
C ASP B 457 13.92 -51.95 27.63
N TYR B 458 14.77 -50.93 27.56
CA TYR B 458 14.54 -49.69 28.30
C TYR B 458 14.33 -48.45 27.44
N PHE B 459 15.01 -48.37 26.31
CA PHE B 459 14.89 -47.19 25.46
C PHE B 459 14.12 -47.55 24.23
N THR B 460 13.73 -46.53 23.51
CA THR B 460 13.10 -46.70 22.21
C THR B 460 13.05 -45.33 21.53
N LEU B 461 13.14 -45.34 20.21
CA LEU B 461 13.33 -44.15 19.41
C LEU B 461 12.06 -43.94 18.65
N LYS B 462 11.68 -42.70 18.42
CA LYS B 462 10.37 -42.43 17.83
C LYS B 462 10.38 -41.17 17.00
N GLY B 463 9.63 -41.17 15.92
CA GLY B 463 9.53 -39.99 15.09
C GLY B 463 8.37 -40.07 14.15
N GLY B 464 7.99 -38.91 13.60
CA GLY B 464 7.06 -38.84 12.47
C GLY B 464 7.23 -37.61 11.58
N VAL B 465 6.89 -37.75 10.30
CA VAL B 465 6.79 -36.62 9.39
C VAL B 465 5.45 -36.63 8.68
N ALA B 466 4.71 -35.53 8.78
CA ALA B 466 3.35 -35.51 8.21
C ALA B 466 2.99 -34.16 7.68
N LYS B 467 2.21 -34.15 6.61
CA LYS B 467 1.80 -32.90 5.99
C LYS B 467 0.35 -32.66 6.31
N ALA B 468 0.08 -31.67 7.14
CA ALA B 468 -1.24 -31.33 7.56
C ALA B 468 -2.00 -30.44 6.55
N TYR B 469 -3.32 -30.42 6.68
CA TYR B 469 -4.22 -29.68 5.82
C TYR B 469 -5.06 -28.67 6.63
N LYS B 470 -5.44 -27.55 5.99
CA LYS B 470 -6.60 -26.77 6.43
C LYS B 470 -7.22 -26.00 5.27
N ALA B 471 -8.50 -26.24 5.01
CA ALA B 471 -9.25 -25.45 4.07
C ALA B 471 -9.55 -24.02 4.60
N PRO B 472 -9.73 -23.06 3.68
CA PRO B 472 -9.99 -21.72 4.15
C PRO B 472 -11.22 -21.76 5.01
N ASN B 473 -11.31 -20.84 5.96
CA ASN B 473 -12.50 -20.75 6.76
C ASN B 473 -13.51 -19.93 5.96
N MET B 474 -14.79 -20.07 6.28
CA MET B 474 -15.82 -19.56 5.39
C MET B 474 -15.74 -18.05 5.12
N TYR B 475 -15.36 -17.28 6.11
CA TYR B 475 -15.22 -15.84 5.91
C TYR B 475 -14.03 -15.51 5.00
N GLN B 476 -12.93 -16.27 5.15
CA GLN B 476 -11.77 -16.11 4.31
C GLN B 476 -12.05 -16.43 2.85
N ASN B 477 -12.92 -17.41 2.60
CA ASN B 477 -13.27 -17.78 1.21
C ASN B 477 -14.29 -16.82 0.56
N ALA B 478 -15.15 -16.21 1.39
CA ALA B 478 -16.42 -15.67 0.90
C ALA B 478 -16.32 -14.30 0.25
N GLU B 479 -16.64 -14.21 -1.03
CA GLU B 479 -16.63 -12.93 -1.74
C GLU B 479 -17.61 -11.90 -1.16
N GLY B 480 -18.58 -12.37 -0.40
CA GLY B 480 -19.63 -11.52 0.11
C GLY B 480 -19.28 -10.93 1.45
N TYR B 481 -18.08 -11.27 1.94
CA TYR B 481 -17.55 -10.69 3.20
C TYR B 481 -16.57 -9.55 2.90
N LEU B 482 -16.99 -8.32 3.20
CA LEU B 482 -16.14 -7.14 3.02
C LEU B 482 -15.99 -6.38 4.31
N LEU B 483 -14.79 -5.92 4.59
CA LEU B 483 -14.49 -5.05 5.75
C LEU B 483 -13.75 -3.84 5.25
N SER B 484 -13.61 -2.81 6.08
CA SER B 484 -12.94 -1.58 5.68
C SER B 484 -12.12 -0.93 6.81
N THR B 485 -11.09 -0.18 6.43
CA THR B 485 -10.54 0.82 7.31
C THR B 485 -10.46 2.13 6.58
N ASN B 486 -10.54 3.21 7.33
CA ASN B 486 -10.32 4.52 6.73
C ASN B 486 -8.83 4.72 6.35
N GLY B 487 -7.94 4.21 7.18
CA GLY B 487 -6.51 4.38 6.91
C GLY B 487 -5.59 3.55 7.79
N ASN B 488 -5.92 3.46 9.08
CA ASN B 488 -5.07 2.84 10.05
C ASN B 488 -4.79 1.37 9.74
N GLY B 489 -5.83 0.63 9.40
CA GLY B 489 -5.71 -0.77 9.03
C GLY B 489 -4.87 -1.02 7.82
N CYS B 490 -4.73 0.00 6.97
CA CYS B 490 -4.00 -0.18 5.71
C CYS B 490 -2.57 -0.58 5.93
N PRO B 491 -2.03 -1.40 5.03
CA PRO B 491 -0.58 -1.67 5.11
C PRO B 491 0.17 -0.37 5.04
N ALA B 492 1.31 -0.29 5.71
CA ALA B 492 2.00 0.98 5.88
C ALA B 492 2.33 1.69 4.57
N ASN B 493 2.34 0.96 3.46
CA ASN B 493 2.81 1.51 2.19
C ASN B 493 1.69 2.05 1.33
N ILE B 494 0.46 1.77 1.75
CA ILE B 494 -0.71 2.30 1.10
C ILE B 494 -1.06 3.56 1.87
N GLU B 495 -1.76 4.46 1.23
CA GLU B 495 -1.97 5.79 1.75
C GLU B 495 -3.24 5.99 2.58
N SER B 496 -4.41 5.82 1.97
CA SER B 496 -5.66 6.15 2.65
C SER B 496 -6.48 4.89 2.93
N ARG B 497 -7.51 4.63 2.15
CA ARG B 497 -8.63 3.75 2.57
C ARG B 497 -8.61 2.37 1.95
N CYS B 498 -8.69 1.32 2.76
CA CYS B 498 -8.52 -0.04 2.23
C CYS B 498 -9.70 -0.90 2.53
N LEU B 499 -10.01 -1.80 1.61
CA LEU B 499 -11.05 -2.80 1.81
C LEU B 499 -10.40 -4.17 1.83
N LEU B 500 -11.03 -5.09 2.54
CA LEU B 500 -10.58 -6.46 2.57
C LEU B 500 -11.77 -7.36 2.22
N GLN B 501 -11.63 -8.09 1.13
CA GLN B 501 -12.69 -8.99 0.64
C GLN B 501 -12.26 -10.44 0.78
N GLY B 502 -13.22 -11.34 0.94
CA GLY B 502 -12.94 -12.75 0.90
C GLY B 502 -12.46 -13.19 -0.47
N ASN B 503 -11.86 -14.38 -0.52
CA ASN B 503 -11.23 -14.88 -1.74
C ASN B 503 -11.59 -16.34 -2.01
N GLY B 504 -12.30 -16.60 -3.11
CA GLY B 504 -12.68 -17.98 -3.48
C GLY B 504 -11.59 -18.78 -4.19
N ASP B 505 -10.46 -18.10 -4.46
CA ASP B 505 -9.34 -18.70 -5.20
C ASP B 505 -8.15 -18.99 -4.30
N LEU B 506 -8.30 -18.79 -2.99
CA LEU B 506 -7.29 -19.21 -2.01
C LEU B 506 -6.91 -20.69 -2.12
N LYS B 507 -5.62 -20.98 -1.98
CA LYS B 507 -5.10 -22.32 -1.73
C LYS B 507 -5.29 -22.71 -0.26
N PRO B 508 -5.27 -24.01 0.05
CA PRO B 508 -5.45 -24.38 1.44
C PRO B 508 -4.17 -24.22 2.22
N GLU B 509 -4.28 -24.15 3.55
CA GLU B 509 -3.12 -24.14 4.48
C GLU B 509 -2.50 -25.53 4.52
N THR B 510 -1.20 -25.58 4.50
CA THR B 510 -0.46 -26.84 4.46
C THR B 510 0.64 -26.65 5.47
N SER B 511 1.06 -27.71 6.15
CA SER B 511 2.21 -27.60 7.08
C SER B 511 2.94 -28.92 7.23
N VAL B 512 4.23 -28.94 6.95
CA VAL B 512 5.02 -30.14 7.17
C VAL B 512 5.45 -30.22 8.62
N ASN B 513 4.91 -31.18 9.36
CA ASN B 513 5.11 -31.26 10.80
C ASN B 513 5.99 -32.47 11.16
N LYS B 514 7.14 -32.19 11.76
CA LYS B 514 8.13 -33.20 12.10
C LYS B 514 8.29 -33.27 13.61
N GLU B 515 8.53 -34.46 14.12
CA GLU B 515 8.97 -34.61 15.51
C GLU B 515 9.86 -35.86 15.62
N LEU B 516 10.76 -35.86 16.60
CA LEU B 516 11.76 -36.93 16.74
C LEU B 516 12.32 -36.93 18.17
N GLY B 517 12.48 -38.11 18.75
CA GLY B 517 12.78 -38.17 20.15
C GLY B 517 12.98 -39.55 20.72
N ILE B 518 13.38 -39.56 21.99
CA ILE B 518 13.78 -40.72 22.69
C ILE B 518 12.83 -40.88 23.86
N GLN B 519 12.49 -42.13 24.12
CA GLN B 519 11.56 -42.53 25.18
C GLN B 519 12.32 -43.51 26.07
N PHE B 520 12.34 -43.23 27.37
CA PHE B 520 13.02 -44.09 28.33
C PHE B 520 12.04 -44.64 29.37
N GLN B 521 12.24 -45.90 29.73
CA GLN B 521 11.33 -46.58 30.64
C GLN B 521 12.01 -47.76 31.33
N LYS B 522 12.43 -47.51 32.56
CA LYS B 522 12.78 -48.52 33.55
C LYS B 522 11.45 -48.64 34.29
N ASP B 523 11.31 -49.54 35.26
CA ASP B 523 10.16 -49.43 36.14
C ASP B 523 10.44 -48.28 37.09
N ILE B 524 9.38 -47.70 37.62
CA ILE B 524 9.49 -46.53 38.48
C ILE B 524 9.93 -45.25 37.73
N VAL B 525 10.65 -45.38 36.63
CA VAL B 525 11.02 -44.18 35.90
C VAL B 525 10.67 -44.25 34.43
N ASN B 526 10.20 -43.13 33.89
CA ASN B 526 10.04 -42.99 32.47
C ASN B 526 10.34 -41.57 32.08
N ALA B 527 10.81 -41.38 30.87
CA ALA B 527 11.10 -40.03 30.43
C ALA B 527 11.12 -39.94 28.92
N SER B 528 10.97 -38.72 28.43
CA SER B 528 11.00 -38.47 27.02
C SER B 528 11.67 -37.17 26.78
N LEU B 529 12.32 -37.08 25.63
CA LEU B 529 12.66 -35.78 25.06
C LEU B 529 12.39 -35.86 23.57
N THR B 530 11.82 -34.80 23.02
CA THR B 530 11.51 -34.82 21.62
C THR B 530 11.75 -33.42 21.06
N TRP B 531 12.38 -33.38 19.90
CA TRP B 531 12.48 -32.14 19.13
C TRP B 531 11.27 -32.08 18.24
N PHE B 532 10.64 -30.91 18.11
CA PHE B 532 9.51 -30.70 17.13
C PHE B 532 9.71 -29.50 16.27
N ARG B 533 9.22 -29.58 15.04
CA ARG B 533 9.47 -28.55 14.04
C ARG B 533 8.45 -28.57 12.91
N ASN B 534 7.66 -27.51 12.83
CA ASN B 534 6.62 -27.36 11.81
C ASN B 534 6.98 -26.25 10.83
N ASP B 535 6.91 -26.57 9.55
CA ASP B 535 7.05 -25.60 8.49
C ASP B 535 5.72 -25.34 7.89
N TYR B 536 5.12 -24.25 8.36
CA TYR B 536 3.71 -23.96 8.16
C TYR B 536 3.62 -23.06 6.97
N LYS B 537 2.89 -23.53 5.96
CA LYS B 537 2.92 -22.96 4.61
C LYS B 537 1.57 -22.35 4.18
N ASP B 538 1.61 -21.29 3.40
CA ASP B 538 0.38 -20.71 2.85
C ASP B 538 -0.72 -20.43 3.89
N LYS B 539 -0.36 -19.97 5.06
CA LYS B 539 -1.35 -19.61 6.06
C LYS B 539 -2.15 -18.49 5.52
N ILE B 540 -3.45 -18.51 5.79
CA ILE B 540 -4.36 -17.51 5.23
C ILE B 540 -4.46 -16.30 6.15
N VAL B 541 -4.12 -15.13 5.63
CA VAL B 541 -4.19 -13.88 6.41
C VAL B 541 -4.52 -12.66 5.55
N ALA B 542 -4.90 -11.58 6.22
CA ALA B 542 -5.18 -10.31 5.55
C ALA B 542 -4.07 -9.90 4.63
N GLY B 543 -4.40 -9.76 3.35
CA GLY B 543 -3.43 -9.47 2.31
C GLY B 543 -2.82 -8.10 2.36
N THR B 544 -1.74 -7.93 1.60
CA THR B 544 -0.99 -6.66 1.56
C THR B 544 -0.74 -6.14 0.14
N HIS B 545 -1.31 -6.82 -0.87
CA HIS B 545 -1.22 -6.33 -2.23
C HIS B 545 -2.59 -5.86 -2.68
N VAL B 546 -2.60 -4.70 -3.34
CA VAL B 546 -3.83 -4.13 -3.90
C VAL B 546 -4.12 -4.77 -5.25
N VAL B 547 -5.16 -5.62 -5.25
CA VAL B 547 -5.58 -6.32 -6.47
C VAL B 547 -6.30 -5.39 -7.47
N GLY B 548 -6.74 -4.23 -7.01
CA GLY B 548 -7.41 -3.26 -7.87
C GLY B 548 -8.12 -2.20 -7.05
N THR B 549 -8.92 -1.38 -7.69
CA THR B 549 -9.58 -0.31 -6.98
C THR B 549 -11.07 -0.20 -7.38
N VAL B 550 -11.89 0.42 -6.51
CA VAL B 550 -13.32 0.62 -6.78
C VAL B 550 -13.85 1.92 -6.19
N ASP B 551 -14.78 2.54 -6.89
CA ASP B 551 -15.37 3.82 -6.46
C ASP B 551 -16.73 3.62 -5.81
N GLY B 552 -16.84 4.00 -4.54
CA GLY B 552 -18.02 3.68 -3.75
C GLY B 552 -18.80 4.91 -3.34
N SER B 553 -20.08 4.93 -3.68
CA SER B 553 -20.89 6.07 -3.34
C SER B 553 -21.43 5.87 -1.95
N SER B 554 -21.46 6.96 -1.20
CA SER B 554 -22.02 7.01 0.13
C SER B 554 -22.99 8.20 0.26
N THR B 555 -24.29 7.90 0.14
CA THR B 555 -25.32 8.93 0.22
C THR B 555 -25.62 9.31 1.67
N ASN B 556 -25.72 10.62 1.89
CA ASN B 556 -26.05 11.17 3.19
C ASN B 556 -27.49 10.79 3.51
N ALA B 557 -27.69 10.18 4.69
CA ALA B 557 -29.00 9.69 5.09
C ALA B 557 -30.09 10.79 5.06
N ASN B 558 -29.75 11.98 5.53
CA ASN B 558 -30.74 13.04 5.73
C ASN B 558 -30.77 14.06 4.58
N THR B 559 -29.68 14.11 3.82
CA THR B 559 -29.54 15.10 2.76
C THR B 559 -29.62 14.52 1.36
N GLY B 560 -29.30 13.24 1.21
CA GLY B 560 -29.22 12.64 -0.12
C GLY B 560 -27.95 13.02 -0.85
N ALA B 561 -27.13 13.84 -0.21
CA ALA B 561 -25.83 14.22 -0.75
C ALA B 561 -24.98 12.99 -0.98
N VAL B 562 -24.45 12.82 -2.19
CA VAL B 562 -23.54 11.69 -2.53
C VAL B 562 -22.04 11.97 -2.34
N THR B 563 -21.25 10.95 -2.01
CA THR B 563 -19.81 11.11 -2.03
C THR B 563 -19.15 9.83 -2.48
N ASN B 564 -18.24 9.94 -3.44
CA ASN B 564 -17.54 8.77 -3.94
C ASN B 564 -16.15 8.69 -3.35
N THR B 565 -15.70 7.48 -3.08
CA THR B 565 -14.43 7.26 -2.43
C THR B 565 -13.68 6.20 -3.18
N LYS B 566 -12.45 6.47 -3.57
CA LYS B 566 -11.62 5.48 -4.24
C LYS B 566 -11.03 4.53 -3.19
N TRP B 567 -11.43 3.26 -3.24
CA TRP B 567 -11.01 2.27 -2.24
C TRP B 567 -9.93 1.36 -2.83
N ASN B 568 -8.94 1.05 -2.02
CA ASN B 568 -7.92 0.08 -2.39
C ASN B 568 -8.49 -1.25 -1.99
N ILE B 569 -8.39 -2.22 -2.90
CA ILE B 569 -8.96 -3.52 -2.65
C ILE B 569 -7.87 -4.54 -2.30
N LEU B 570 -7.88 -4.97 -1.05
CA LEU B 570 -7.07 -6.09 -0.59
C LEU B 570 -7.95 -7.31 -0.50
N ARG B 571 -7.37 -8.49 -0.57
CA ARG B 571 -8.14 -9.69 -0.31
C ARG B 571 -7.36 -10.70 0.58
N TRP B 572 -8.08 -11.52 1.35
CA TRP B 572 -7.43 -12.58 2.10
C TRP B 572 -6.49 -13.34 1.13
N GLU B 573 -5.34 -13.77 1.65
CA GLU B 573 -4.30 -14.33 0.81
C GLU B 573 -3.43 -15.28 1.61
N ASN B 574 -2.98 -16.38 1.00
CA ASN B 574 -2.09 -17.25 1.69
C ASN B 574 -0.71 -16.64 1.58
N THR B 575 0.00 -16.55 2.72
CA THR B 575 1.38 -16.03 2.80
C THR B 575 2.38 -17.20 2.96
N PRO B 576 3.56 -17.09 2.34
CA PRO B 576 4.40 -18.28 2.05
C PRO B 576 4.81 -19.17 3.22
N LYS B 577 5.46 -18.64 4.26
CA LYS B 577 5.97 -19.50 5.34
C LYS B 577 6.03 -18.93 6.76
N ALA B 578 5.71 -19.79 7.73
CA ALA B 578 5.99 -19.53 9.15
C ALA B 578 6.82 -20.71 9.62
N LEU B 579 7.63 -20.48 10.65
CA LEU B 579 8.46 -21.53 11.24
C LEU B 579 8.17 -21.72 12.73
N ILE B 580 7.83 -22.95 13.08
CA ILE B 580 7.71 -23.32 14.48
C ILE B 580 8.72 -24.42 14.81
N GLN B 581 9.32 -24.32 16.00
CA GLN B 581 10.32 -25.29 16.43
C GLN B 581 10.53 -25.24 17.94
N GLY B 582 10.86 -26.39 18.52
CA GLY B 582 11.00 -26.47 19.97
C GLY B 582 11.21 -27.88 20.50
N PHE B 583 11.22 -28.00 21.83
CA PHE B 583 11.48 -29.26 22.51
C PHE B 583 10.39 -29.54 23.53
N GLU B 584 10.01 -30.79 23.61
CA GLU B 584 9.08 -31.24 24.63
C GLU B 584 9.86 -32.31 25.39
N GLY B 585 9.76 -32.29 26.71
CA GLY B 585 10.25 -33.38 27.49
C GLY B 585 9.30 -33.65 28.62
N SER B 586 9.35 -34.88 29.10
CA SER B 586 8.42 -35.29 30.12
C SER B 586 9.13 -36.25 31.04
N LEU B 587 8.70 -36.28 32.30
CA LEU B 587 9.34 -37.11 33.28
C LEU B 587 8.35 -37.68 34.25
N GLY B 588 8.39 -39.00 34.42
CA GLY B 588 7.48 -39.69 35.32
C GLY B 588 8.18 -40.56 36.35
N LEU B 589 7.82 -40.35 37.60
CA LEU B 589 8.42 -41.07 38.72
C LEU B 589 7.35 -41.71 39.58
N ASP B 590 7.23 -43.03 39.48
CA ASP B 590 6.13 -43.76 40.12
C ASP B 590 6.70 -44.58 41.27
N PHE B 591 6.38 -44.20 42.50
CA PHE B 591 6.79 -44.99 43.66
C PHE B 591 5.56 -45.66 44.32
N GLY B 592 4.64 -46.18 43.51
CA GLY B 592 3.36 -46.72 44.04
C GLY B 592 2.48 -45.64 44.60
N ASP B 593 2.50 -45.45 45.93
CA ASP B 593 1.65 -44.48 46.62
C ASP B 593 2.04 -43.05 46.31
N ILE B 594 3.33 -42.81 46.17
CA ILE B 594 3.86 -41.47 45.85
C ILE B 594 4.23 -41.42 44.37
N ARG B 595 3.78 -40.38 43.68
CA ARG B 595 3.98 -40.28 42.23
C ARG B 595 4.16 -38.85 41.79
N TRP B 596 4.93 -38.70 40.71
CA TRP B 596 5.28 -37.37 40.18
C TRP B 596 5.24 -37.33 38.67
N THR B 597 4.46 -36.41 38.14
CA THR B 597 4.39 -36.26 36.69
C THR B 597 4.79 -34.83 36.33
N ASN B 598 5.90 -34.71 35.60
CA ASN B 598 6.42 -33.41 35.15
C ASN B 598 6.69 -33.32 33.65
N ASN B 599 6.54 -32.14 33.09
CA ASN B 599 6.98 -31.86 31.73
C ASN B 599 7.50 -30.44 31.60
N PHE B 600 8.19 -30.24 30.48
CA PHE B 600 8.67 -28.93 30.13
C PHE B 600 8.55 -28.88 28.63
N THR B 601 8.54 -27.66 28.11
CA THR B 601 8.35 -27.41 26.70
C THR B 601 9.15 -26.15 26.47
N TYR B 602 10.02 -26.17 25.47
CA TYR B 602 10.83 -24.99 25.17
C TYR B 602 10.60 -24.64 23.72
N MET B 603 10.43 -23.35 23.48
CA MET B 603 9.96 -22.85 22.19
C MET B 603 11.11 -22.04 21.58
N MET B 604 11.75 -22.65 20.59
CA MET B 604 12.91 -22.05 19.94
C MET B 604 12.49 -21.07 18.86
N ASP B 605 11.36 -21.31 18.20
CA ASP B 605 10.98 -20.48 17.05
C ASP B 605 9.49 -20.41 16.88
N SER B 606 9.00 -19.19 16.74
CA SER B 606 7.65 -18.90 16.31
C SER B 606 7.71 -17.62 15.50
N LYS B 607 7.80 -17.73 14.19
CA LYS B 607 7.94 -16.53 13.42
C LYS B 607 7.48 -16.73 12.01
N ASP B 608 6.71 -15.77 11.51
CA ASP B 608 6.38 -15.72 10.09
C ASP B 608 7.59 -15.18 9.35
N LYS B 609 7.94 -15.81 8.23
CA LYS B 609 9.16 -15.46 7.54
C LYS B 609 9.02 -14.20 6.72
N GLN B 610 7.89 -13.52 6.87
CA GLN B 610 7.64 -12.31 6.12
C GLN B 610 7.51 -11.08 7.02
N THR B 611 6.70 -11.17 8.07
CA THR B 611 6.53 -10.09 9.02
C THR B 611 7.57 -10.08 10.11
N GLY B 612 8.05 -11.28 10.45
CA GLY B 612 8.95 -11.52 11.62
C GLY B 612 8.21 -11.76 12.93
N ASN B 613 6.86 -11.79 12.90
CA ASN B 613 6.05 -11.88 14.12
C ASN B 613 5.74 -13.30 14.52
N PRO B 614 5.46 -13.53 15.82
CA PRO B 614 5.08 -14.86 16.23
C PRO B 614 3.65 -15.15 15.82
N LEU B 615 3.35 -16.44 15.66
CA LEU B 615 2.01 -16.85 15.25
C LEU B 615 1.01 -16.65 16.38
N SER B 616 1.46 -16.78 17.60
CA SER B 616 0.58 -16.93 18.73
C SER B 616 1.33 -16.67 20.04
N LEU B 617 0.79 -15.82 20.90
CA LEU B 617 1.49 -15.39 22.11
C LEU B 617 1.53 -16.53 23.13
N VAL B 618 2.72 -17.09 23.34
CA VAL B 618 2.91 -18.21 24.25
C VAL B 618 4.28 -18.11 24.90
N PRO B 619 4.38 -18.58 26.15
CA PRO B 619 5.62 -18.44 26.84
C PRO B 619 6.74 -19.13 26.09
N ILE B 620 7.97 -18.61 26.20
CA ILE B 620 9.11 -19.21 25.52
C ILE B 620 9.41 -20.58 26.12
N TYR B 621 9.18 -20.72 27.43
CA TYR B 621 9.22 -22.02 28.07
C TYR B 621 8.06 -22.20 29.06
N THR B 622 7.73 -23.45 29.34
CA THR B 622 6.69 -23.76 30.29
C THR B 622 7.00 -25.07 30.95
N ILE B 623 7.08 -25.07 32.28
CA ILE B 623 7.34 -26.27 33.04
C ILE B 623 6.15 -26.65 33.89
N ASN B 624 5.80 -27.93 33.94
CA ASN B 624 4.68 -28.39 34.76
C ASN B 624 5.09 -29.52 35.69
N SER B 625 4.52 -29.53 36.89
CA SER B 625 4.68 -30.64 37.83
C SER B 625 3.36 -30.98 38.46
N ILE B 626 2.99 -32.25 38.40
CA ILE B 626 1.91 -32.76 39.25
C ILE B 626 2.44 -33.82 40.26
N PHE B 627 1.95 -33.74 41.50
CA PHE B 627 2.39 -34.64 42.60
C PHE B 627 1.18 -35.29 43.25
N ASP B 628 1.26 -36.60 43.40
CA ASP B 628 0.21 -37.34 44.05
C ASP B 628 0.72 -38.20 45.15
N TYR B 629 0.02 -38.18 46.28
CA TYR B 629 0.42 -38.97 47.45
C TYR B 629 -0.84 -39.52 48.10
N ASP B 630 -1.01 -40.83 48.02
CA ASP B 630 -2.10 -41.52 48.73
C ASP B 630 -1.67 -41.87 50.15
N ILE B 631 -2.16 -41.09 51.11
CA ILE B 631 -1.74 -41.23 52.50
C ILE B 631 -2.38 -42.45 53.16
N THR B 632 -3.68 -42.66 52.92
CA THR B 632 -4.40 -43.86 53.33
C THR B 632 -5.23 -44.30 52.13
N ASP B 633 -6.04 -45.33 52.28
CA ASP B 633 -6.92 -45.76 51.19
C ASP B 633 -7.98 -44.70 50.89
N GLN B 634 -8.37 -43.96 51.92
CA GLN B 634 -9.36 -42.88 51.78
C GLN B 634 -8.71 -41.55 51.46
N LEU B 635 -7.70 -41.21 52.26
CA LEU B 635 -7.08 -39.90 52.24
C LEU B 635 -6.03 -39.75 51.15
N ASP B 636 -6.01 -38.58 50.53
CA ASP B 636 -5.19 -38.33 49.37
C ASP B 636 -4.76 -36.84 49.43
N VAL B 637 -3.56 -36.53 48.96
CA VAL B 637 -3.13 -35.14 48.83
C VAL B 637 -2.52 -34.96 47.46
N ASN B 638 -2.72 -33.80 46.85
CA ASN B 638 -2.29 -33.59 45.49
C ASN B 638 -1.75 -32.17 45.29
N PHE B 639 -0.63 -32.06 44.57
CA PHE B 639 0.08 -30.78 44.41
C PHE B 639 0.38 -30.54 42.95
N VAL B 640 0.23 -29.28 42.51
CA VAL B 640 0.42 -28.89 41.11
C VAL B 640 1.21 -27.59 41.06
N PHE B 641 2.12 -27.49 40.11
CA PHE B 641 2.98 -26.31 40.00
C PHE B 641 3.30 -26.10 38.55
N THR B 642 3.24 -24.85 38.14
CA THR B 642 3.45 -24.52 36.76
C THR B 642 4.29 -23.27 36.67
N GLN B 643 5.22 -23.27 35.72
CA GLN B 643 6.20 -22.18 35.63
C GLN B 643 6.26 -21.77 34.17
N TYR B 644 6.09 -20.45 33.97
CA TYR B 644 6.07 -19.86 32.64
C TYR B 644 7.29 -18.92 32.49
N GLY B 645 8.10 -19.16 31.46
CA GLY B 645 9.04 -18.13 30.99
C GLY B 645 8.32 -16.95 30.32
N ARG B 646 9.07 -16.14 29.59
CA ARG B 646 8.61 -14.82 29.15
C ARG B 646 7.77 -14.84 27.87
N GLN B 647 6.61 -14.19 27.94
CA GLN B 647 5.69 -14.06 26.80
C GLN B 647 5.95 -12.73 26.11
N LYS B 648 6.61 -12.77 24.96
CA LYS B 648 6.81 -11.54 24.17
C LYS B 648 5.57 -11.24 23.30
N SER B 649 5.38 -9.95 23.05
CA SER B 649 4.32 -9.47 22.19
C SER B 649 4.75 -9.55 20.74
N ARG B 650 3.82 -9.35 19.81
CA ARG B 650 4.20 -9.12 18.41
C ARG B 650 5.31 -8.07 18.36
N GLN B 651 6.29 -8.25 17.48
CA GLN B 651 7.48 -7.38 17.46
C GLN B 651 7.51 -6.37 16.33
N PHE B 652 6.70 -6.56 15.27
CA PHE B 652 6.85 -5.77 14.05
C PHE B 652 5.51 -5.33 13.48
N ALA B 653 5.45 -4.05 13.11
CA ALA B 653 4.24 -3.42 12.64
C ALA B 653 3.84 -4.01 11.29
N GLU B 654 2.53 -4.19 11.10
CA GLU B 654 1.95 -4.57 9.81
C GLU B 654 0.82 -3.63 9.30
N ASN B 655 0.79 -2.40 9.76
CA ASN B 655 -0.10 -1.42 9.17
C ASN B 655 0.29 0.00 9.56
N ARG B 656 -0.50 0.96 9.11
CA ARG B 656 -0.15 2.37 9.32
C ARG B 656 -0.04 2.68 10.81
N LEU B 657 -1.06 2.27 11.57
CA LEU B 657 -1.15 2.65 12.97
C LEU B 657 0.06 2.14 13.70
N GLU B 658 0.41 0.90 13.43
CA GLU B 658 1.51 0.23 14.12
C GLU B 658 2.84 0.84 13.68
N SER B 659 2.94 1.22 12.40
CA SER B 659 4.15 1.85 11.86
C SER B 659 4.32 3.31 12.27
N GLY B 660 3.50 3.78 13.20
CA GLY B 660 3.57 5.17 13.63
C GLY B 660 3.11 6.24 12.64
N ILE B 661 2.23 5.90 11.69
CA ILE B 661 1.74 6.89 10.73
C ILE B 661 0.22 6.88 10.59
N GLY B 662 -0.47 6.28 11.56
CA GLY B 662 -1.91 6.31 11.58
C GLY B 662 -2.39 7.64 12.12
N SER B 663 -3.69 7.74 12.37
CA SER B 663 -4.25 8.98 12.94
C SER B 663 -3.71 9.37 14.31
N GLY B 664 -3.12 8.43 15.03
CA GLY B 664 -2.59 8.76 16.36
C GLY B 664 -1.12 9.13 16.31
N GLY B 665 -0.52 9.00 15.14
CA GLY B 665 0.89 9.33 14.96
C GLY B 665 1.82 8.33 15.62
N ALA B 666 2.97 8.83 16.07
CA ALA B 666 4.04 8.00 16.62
C ALA B 666 3.69 7.44 18.00
N ASN B 667 2.80 8.11 18.70
CA ASN B 667 2.33 7.63 19.99
C ASN B 667 1.56 6.33 19.87
N SER B 668 0.86 6.14 18.76
CA SER B 668 0.08 4.92 18.52
C SER B 668 0.90 3.85 17.83
N ALA B 669 2.20 4.09 17.69
CA ALA B 669 3.08 3.11 17.06
C ALA B 669 3.21 1.88 17.94
N LEU B 670 3.64 0.79 17.34
CA LEU B 670 3.75 -0.45 18.07
C LEU B 670 4.72 -0.28 19.26
N LYS B 671 4.34 -0.87 20.39
CA LYS B 671 5.10 -0.76 21.65
C LYS B 671 5.32 -2.20 22.18
N PRO B 672 6.28 -2.91 21.58
CA PRO B 672 6.59 -4.27 21.97
C PRO B 672 6.98 -4.35 23.44
N SER B 673 6.47 -5.38 24.13
CA SER B 673 6.72 -5.58 25.54
C SER B 673 6.63 -7.06 25.80
N THR B 674 7.08 -7.49 26.97
CA THR B 674 7.24 -8.89 27.26
C THR B 674 6.85 -9.16 28.69
N VAL B 675 5.90 -10.05 28.94
CA VAL B 675 5.55 -10.36 30.30
C VAL B 675 6.69 -11.11 30.99
N LYS B 676 7.10 -10.67 32.17
CA LYS B 676 8.17 -11.35 32.92
C LYS B 676 7.68 -12.69 33.44
N SER B 677 8.60 -13.64 33.58
CA SER B 677 8.22 -15.02 33.89
C SER B 677 7.70 -15.15 35.31
N TYR B 678 6.90 -16.18 35.55
CA TYR B 678 6.25 -16.35 36.84
C TYR B 678 5.71 -17.78 37.02
N SER B 679 5.12 -18.02 38.19
CA SER B 679 4.69 -19.35 38.56
C SER B 679 3.44 -19.31 39.43
N THR B 680 2.67 -20.41 39.40
CA THR B 680 1.53 -20.58 40.30
C THR B 680 1.52 -22.00 40.83
N ALA B 681 0.84 -22.22 41.94
CA ALA B 681 0.72 -23.56 42.51
C ALA B 681 -0.66 -23.81 43.10
N GLY B 682 -0.99 -25.09 43.33
CA GLY B 682 -2.19 -25.48 44.06
C GLY B 682 -2.02 -26.73 44.89
N ILE B 683 -2.83 -26.86 45.95
CA ILE B 683 -2.95 -28.13 46.68
C ILE B 683 -4.40 -28.59 46.80
N ASN B 684 -4.57 -29.90 47.01
CA ASN B 684 -5.83 -30.51 47.44
C ASN B 684 -5.58 -31.37 48.62
N VAL B 685 -6.60 -31.54 49.46
CA VAL B 685 -6.71 -32.76 50.23
C VAL B 685 -8.01 -33.45 49.77
N GLY B 686 -7.91 -34.75 49.50
CA GLY B 686 -8.96 -35.46 48.81
C GLY B 686 -9.40 -36.65 49.60
N TYR B 687 -10.49 -36.48 50.36
CA TYR B 687 -11.01 -37.55 51.20
C TYR B 687 -12.19 -38.29 50.59
N LYS B 688 -12.04 -39.60 50.47
CA LYS B 688 -13.16 -40.48 50.15
C LYS B 688 -13.91 -40.88 51.42
N PHE B 689 -14.91 -40.09 51.82
CA PHE B 689 -15.71 -40.41 53.02
C PHE B 689 -16.39 -41.80 52.97
N SER B 690 -16.49 -42.40 51.78
CA SER B 690 -17.19 -43.68 51.61
C SER B 690 -16.98 -44.26 50.20
N ASP B 691 -17.50 -45.47 49.98
CA ASP B 691 -17.47 -46.05 48.64
C ASP B 691 -18.35 -45.22 47.72
N GLN B 692 -19.47 -44.74 48.27
CA GLN B 692 -20.43 -43.92 47.51
C GLN B 692 -20.02 -42.46 47.43
N ILE B 693 -19.44 -41.94 48.50
CA ILE B 693 -19.20 -40.51 48.58
C ILE B 693 -17.72 -40.15 48.54
N SER B 694 -17.35 -39.31 47.58
CA SER B 694 -16.04 -38.69 47.48
C SER B 694 -16.18 -37.22 47.82
N THR B 695 -15.06 -36.55 48.03
CA THR B 695 -15.02 -35.11 48.20
C THR B 695 -13.58 -34.68 48.12
N ARG B 696 -13.37 -33.42 47.73
CA ARG B 696 -12.05 -32.86 47.51
C ARG B 696 -12.08 -31.36 47.76
N VAL B 697 -11.28 -30.91 48.73
CA VAL B 697 -11.15 -29.50 49.01
C VAL B 697 -9.72 -29.05 48.72
N GLY B 698 -9.56 -27.83 48.18
CA GLY B 698 -8.25 -27.34 47.80
C GLY B 698 -8.19 -25.86 47.53
N VAL B 699 -6.99 -25.36 47.22
CA VAL B 699 -6.80 -23.95 46.84
C VAL B 699 -5.86 -23.85 45.63
N SER B 700 -6.08 -22.82 44.82
CA SER B 700 -5.38 -22.63 43.55
C SER B 700 -4.80 -21.21 43.45
N ASN B 701 -3.60 -21.11 42.86
CA ASN B 701 -2.76 -19.91 42.93
C ASN B 701 -2.47 -19.61 44.40
N LEU B 702 -2.03 -20.65 45.08
CA LEU B 702 -1.71 -20.58 46.50
C LEU B 702 -0.99 -19.28 46.92
N PHE B 703 -0.10 -18.76 46.07
CA PHE B 703 0.71 -17.57 46.42
C PHE B 703 0.11 -16.25 45.89
N ASP B 704 -1.17 -16.29 45.51
CA ASP B 704 -1.88 -15.14 44.92
C ASP B 704 -1.10 -14.39 43.83
N LYS B 705 -0.42 -15.12 42.93
CA LYS B 705 0.25 -14.49 41.79
C LYS B 705 -0.85 -14.05 40.87
N GLN B 706 -1.20 -12.78 40.92
CA GLN B 706 -2.37 -12.30 40.19
C GLN B 706 -2.03 -11.20 39.18
N ILE B 707 -2.25 -11.49 37.90
CA ILE B 707 -1.97 -10.51 36.88
C ILE B 707 -3.27 -9.99 36.27
N LEU B 708 -3.33 -8.67 36.12
CA LEU B 708 -4.48 -7.99 35.54
C LEU B 708 -4.20 -7.64 34.09
N ARG B 709 -5.27 -7.62 33.29
CA ARG B 709 -5.11 -7.35 31.86
C ARG B 709 -4.93 -5.87 31.61
N ASP B 710 -3.86 -5.56 30.90
CA ASP B 710 -3.49 -4.19 30.62
C ASP B 710 -3.93 -3.89 29.21
N SER B 711 -4.83 -2.92 29.06
CA SER B 711 -5.20 -2.38 27.73
C SER B 711 -4.06 -1.57 27.09
N ASN B 712 -3.21 -0.95 27.88
CA ASN B 712 -2.05 -0.23 27.32
C ASN B 712 -0.82 -1.10 27.00
N SER B 713 -0.97 -2.41 26.91
CA SER B 713 0.14 -3.30 26.55
C SER B 713 -0.30 -4.26 25.48
N ILE B 714 0.64 -4.86 24.77
CA ILE B 714 0.31 -5.91 23.82
C ILE B 714 0.95 -7.24 24.23
N SER B 715 1.53 -7.27 25.43
CA SER B 715 2.00 -8.52 26.04
C SER B 715 1.14 -8.89 27.24
N GLN B 716 1.01 -8.01 28.22
CA GLN B 716 0.07 -8.30 29.30
C GLN B 716 -1.41 -8.28 28.81
N THR B 717 -1.83 -9.36 28.16
CA THR B 717 -3.12 -9.36 27.45
C THR B 717 -4.24 -10.09 28.14
N TYR B 718 -4.03 -10.69 29.31
CA TYR B 718 -5.05 -11.58 29.91
C TYR B 718 -5.08 -11.46 31.42
N ASN B 719 -6.13 -11.97 32.03
CA ASN B 719 -6.21 -12.03 33.47
C ASN B 719 -5.71 -13.38 33.98
N GLU B 720 -4.76 -13.33 34.89
CA GLU B 720 -4.37 -14.53 35.59
C GLU B 720 -5.08 -14.45 36.90
N PRO B 721 -6.03 -15.36 37.14
CA PRO B 721 -6.86 -15.17 38.32
C PRO B 721 -6.09 -15.39 39.58
N GLY B 722 -6.42 -14.60 40.60
CA GLY B 722 -5.78 -14.71 41.89
C GLY B 722 -6.14 -15.96 42.66
N ARG B 723 -5.91 -15.91 43.97
CA ARG B 723 -6.09 -17.09 44.83
C ARG B 723 -7.58 -17.44 44.87
N ALA B 724 -7.87 -18.74 44.85
CA ALA B 724 -9.24 -19.23 44.89
C ALA B 724 -9.33 -20.54 45.66
N TYR B 725 -10.31 -20.62 46.56
CA TYR B 725 -10.57 -21.86 47.28
C TYR B 725 -11.75 -22.57 46.63
N TYR B 726 -11.57 -23.84 46.33
CA TYR B 726 -12.55 -24.62 45.61
C TYR B 726 -12.80 -25.97 46.29
N ALA B 727 -13.92 -26.61 45.96
CA ALA B 727 -14.29 -27.92 46.50
C ALA B 727 -15.30 -28.66 45.60
N SER B 728 -15.20 -29.98 45.55
CA SER B 728 -16.08 -30.79 44.72
C SER B 728 -16.40 -32.09 45.41
N LEU B 729 -17.68 -32.46 45.43
CA LEU B 729 -18.11 -33.73 46.03
C LEU B 729 -18.95 -34.55 45.08
N LYS B 730 -18.74 -35.86 45.11
CA LYS B 730 -19.27 -36.76 44.10
C LYS B 730 -19.94 -37.95 44.76
N TYR B 731 -21.24 -38.09 44.49
CA TYR B 731 -21.98 -39.30 44.81
C TYR B 731 -21.74 -40.31 43.69
N SER B 732 -21.66 -41.59 44.04
CA SER B 732 -21.39 -42.61 43.06
C SER B 732 -22.10 -43.93 43.39
N PHE B 733 -22.95 -44.39 42.47
CA PHE B 733 -23.86 -45.49 42.75
C PHE B 733 -23.82 -46.52 41.64
C1 C8E C . 16.27 3.46 -34.90
C2 C8E C . 15.17 4.52 -34.81
C3 C8E C . 15.00 5.42 -36.06
C4 C8E C . 13.54 5.79 -36.39
C5 C8E C . 13.33 6.16 -37.87
C6 C8E C . 13.41 4.95 -38.82
C7 C8E C . 12.89 5.23 -40.23
C8 C8E C . 13.90 4.92 -41.36
O9 C8E C . 13.66 5.82 -42.47
C10 C8E C . 14.86 6.14 -43.21
C11 C8E C . 14.56 7.03 -44.43
O12 C8E C . 13.71 8.14 -44.10
C13 C8E C . 13.04 8.71 -45.27
C14 C8E C . 12.42 10.08 -44.93
O15 C8E C . 11.49 10.55 -45.92
C16 C8E C . 10.11 10.17 -45.71
C17 C8E C . 9.42 9.56 -46.97
O18 C8E C . 7.99 9.44 -46.75
C19 C8E C . 7.31 10.73 -46.78
C20 C8E C . 5.89 10.74 -46.17
O21 C8E C . 4.99 11.75 -46.74
C1 C8E D . 12.91 -34.64 31.32
C2 C8E D . 12.19 -33.28 31.55
C3 C8E D . 11.56 -33.13 32.94
C4 C8E D . 10.96 -31.74 33.19
C5 C8E D . 10.58 -31.51 34.67
C6 C8E D . 11.76 -31.66 35.64
C7 C8E D . 11.49 -31.31 37.12
C8 C8E D . 12.05 -32.37 38.14
O9 C8E D . 11.46 -32.22 39.47
C10 C8E D . 11.08 -33.49 40.05
C11 C8E D . 10.43 -33.27 41.41
O12 C8E D . 9.26 -32.42 41.36
C13 C8E D . 8.81 -31.94 42.65
C14 C8E D . 7.80 -30.80 42.53
O15 C8E D . 7.86 -29.89 43.65
C16 C8E D . 8.14 -28.50 43.32
C17 C8E D . 8.44 -27.64 44.54
O18 C8E D . 8.20 -26.24 44.25
C19 C8E D . 6.88 -25.71 44.59
C20 C8E D . 6.88 -24.21 44.88
O21 C8E D . 6.26 -23.84 46.17
#